data_1ZLM
# 
_entry.id   1ZLM 
# 
_audit_conform.dict_name       mmcif_pdbx.dic 
_audit_conform.dict_version    5.376 
_audit_conform.dict_location   http://mmcif.pdb.org/dictionaries/ascii/mmcif_pdbx.dic 
# 
loop_
_database_2.database_id 
_database_2.database_code 
_database_2.pdbx_database_accession 
_database_2.pdbx_DOI 
PDB   1ZLM         pdb_00001zlm 10.2210/pdb1zlm/pdb 
RCSB  RCSB032862   ?            ?                   
WWPDB D_1000032862 ?            ?                   
# 
_pdbx_database_status.status_code                     REL 
_pdbx_database_status.entry_id                        1ZLM 
_pdbx_database_status.recvd_initial_deposition_date   2005-05-06 
_pdbx_database_status.deposit_site                    RCSB 
_pdbx_database_status.process_site                    RCSB 
_pdbx_database_status.status_code_sf                  REL 
_pdbx_database_status.status_code_mr                  ? 
_pdbx_database_status.SG_entry                        ? 
_pdbx_database_status.pdb_format_compatible           Y 
_pdbx_database_status.status_code_cs                  ? 
_pdbx_database_status.status_code_nmr_data            ? 
_pdbx_database_status.methods_development_category    ? 
# 
loop_
_audit_author.name 
_audit_author.pdbx_ordinal 
'Chen, L.'         1 
'Wang, Y.'         2 
'Wells, D.'        3 
'Toh, D.'          4 
'Harold, H.'       5 
'Zhou, J.'         6 
'DiGiammarino, E.' 7 
'Meehan, E.J.'     8 
# 
_citation.id                        primary 
_citation.title                     'Structure of the SH3 domain of human osteoclast-stimulating factor at atomic resolution.' 
_citation.journal_abbrev            'Acta Crystallogr.,Sect.F' 
_citation.journal_volume            62 
_citation.page_first                844 
_citation.page_last                 848 
_citation.year                      2006 
_citation.journal_id_ASTM           ? 
_citation.country                   DK 
_citation.journal_id_ISSN           1744-3091 
_citation.journal_id_CSD            ? 
_citation.book_publisher            ? 
_citation.pdbx_database_id_PubMed   16946461 
_citation.pdbx_database_id_DOI      10.1107/S1744309106030004 
# 
loop_
_citation_author.citation_id 
_citation_author.name 
_citation_author.ordinal 
_citation_author.identifier_ORCID 
primary 'Chen, L.'         1 ? 
primary 'Wang, Y.'         2 ? 
primary 'Wells, D.'        3 ? 
primary 'Toh, D.'          4 ? 
primary 'Harold, H.'       5 ? 
primary 'Zhou, J.'         6 ? 
primary 'DiGiammarino, E.' 7 ? 
primary 'Meehan, E.J.'     8 ? 
# 
_cell.entry_id           1ZLM 
_cell.length_a           36.810 
_cell.length_b           80.480 
_cell.length_c           49.160 
_cell.angle_alpha        90.00 
_cell.angle_beta         90.00 
_cell.angle_gamma        90.00 
_cell.Z_PDB              8 
_cell.pdbx_unique_axis   ? 
_cell.length_a_esd       ? 
_cell.length_b_esd       ? 
_cell.length_c_esd       ? 
_cell.angle_alpha_esd    ? 
_cell.angle_beta_esd     ? 
_cell.angle_gamma_esd    ? 
# 
_symmetry.entry_id                         1ZLM 
_symmetry.space_group_name_H-M             'C 2 2 21' 
_symmetry.pdbx_full_space_group_name_H-M   ? 
_symmetry.cell_setting                     ? 
_symmetry.Int_Tables_number                20 
_symmetry.space_group_name_Hall            ? 
# 
loop_
_entity.id 
_entity.type 
_entity.src_method 
_entity.pdbx_description 
_entity.formula_weight 
_entity.pdbx_number_of_molecules 
_entity.pdbx_ec 
_entity.pdbx_mutation 
_entity.pdbx_fragment 
_entity.details 
1 polymer man 'Osteoclast stimulating factor 1' 6741.462 1   ? ? 'SH3 domain' ? 
2 water   nat water                             18.015   130 ? ? ?            ? 
# 
_entity_poly.entity_id                      1 
_entity_poly.type                           'polypeptide(L)' 
_entity_poly.nstd_linkage                   no 
_entity_poly.nstd_monomer                   no 
_entity_poly.pdbx_seq_one_letter_code       GQVKVFRALYTFEPRTPDELYFEEGDIIYITDMSDTNWWKGTSKGRTGLIPSNYVAEQ 
_entity_poly.pdbx_seq_one_letter_code_can   GQVKVFRALYTFEPRTPDELYFEEGDIIYITDMSDTNWWKGTSKGRTGLIPSNYVAEQ 
_entity_poly.pdbx_strand_id                 A 
_entity_poly.pdbx_target_identifier         ? 
# 
loop_
_entity_poly_seq.entity_id 
_entity_poly_seq.num 
_entity_poly_seq.mon_id 
_entity_poly_seq.hetero 
1 1  GLY n 
1 2  GLN n 
1 3  VAL n 
1 4  LYS n 
1 5  VAL n 
1 6  PHE n 
1 7  ARG n 
1 8  ALA n 
1 9  LEU n 
1 10 TYR n 
1 11 THR n 
1 12 PHE n 
1 13 GLU n 
1 14 PRO n 
1 15 ARG n 
1 16 THR n 
1 17 PRO n 
1 18 ASP n 
1 19 GLU n 
1 20 LEU n 
1 21 TYR n 
1 22 PHE n 
1 23 GLU n 
1 24 GLU n 
1 25 GLY n 
1 26 ASP n 
1 27 ILE n 
1 28 ILE n 
1 29 TYR n 
1 30 ILE n 
1 31 THR n 
1 32 ASP n 
1 33 MET n 
1 34 SER n 
1 35 ASP n 
1 36 THR n 
1 37 ASN n 
1 38 TRP n 
1 39 TRP n 
1 40 LYS n 
1 41 GLY n 
1 42 THR n 
1 43 SER n 
1 44 LYS n 
1 45 GLY n 
1 46 ARG n 
1 47 THR n 
1 48 GLY n 
1 49 LEU n 
1 50 ILE n 
1 51 PRO n 
1 52 SER n 
1 53 ASN n 
1 54 TYR n 
1 55 VAL n 
1 56 ALA n 
1 57 GLU n 
1 58 GLN n 
# 
_entity_src_gen.entity_id                          1 
_entity_src_gen.pdbx_src_id                        1 
_entity_src_gen.pdbx_alt_source_flag               sample 
_entity_src_gen.pdbx_seq_type                      ? 
_entity_src_gen.pdbx_beg_seq_num                   ? 
_entity_src_gen.pdbx_end_seq_num                   ? 
_entity_src_gen.gene_src_common_name               human 
_entity_src_gen.gene_src_genus                     Homo 
_entity_src_gen.pdbx_gene_src_gene                 OSTF1 
_entity_src_gen.gene_src_species                   ? 
_entity_src_gen.gene_src_strain                    ? 
_entity_src_gen.gene_src_tissue                    ? 
_entity_src_gen.gene_src_tissue_fraction           ? 
_entity_src_gen.gene_src_details                   ? 
_entity_src_gen.pdbx_gene_src_fragment             ? 
_entity_src_gen.pdbx_gene_src_scientific_name      'Homo sapiens' 
_entity_src_gen.pdbx_gene_src_ncbi_taxonomy_id     9606 
_entity_src_gen.pdbx_gene_src_variant              ? 
_entity_src_gen.pdbx_gene_src_cell_line            ? 
_entity_src_gen.pdbx_gene_src_atcc                 ? 
_entity_src_gen.pdbx_gene_src_organ                ? 
_entity_src_gen.pdbx_gene_src_organelle            ? 
_entity_src_gen.pdbx_gene_src_cell                 ? 
_entity_src_gen.pdbx_gene_src_cellular_location    ? 
_entity_src_gen.host_org_common_name               ? 
_entity_src_gen.pdbx_host_org_scientific_name      'Escherichia coli BL21(DE3)' 
_entity_src_gen.pdbx_host_org_ncbi_taxonomy_id     469008 
_entity_src_gen.host_org_genus                     Escherichia 
_entity_src_gen.pdbx_host_org_gene                 ? 
_entity_src_gen.pdbx_host_org_organ                ? 
_entity_src_gen.host_org_species                   'Escherichia coli' 
_entity_src_gen.pdbx_host_org_tissue               ? 
_entity_src_gen.pdbx_host_org_tissue_fraction      ? 
_entity_src_gen.pdbx_host_org_strain               'BL21(DE3)' 
_entity_src_gen.pdbx_host_org_variant              ? 
_entity_src_gen.pdbx_host_org_cell_line            ? 
_entity_src_gen.pdbx_host_org_atcc                 ? 
_entity_src_gen.pdbx_host_org_culture_collection   ? 
_entity_src_gen.pdbx_host_org_cell                 ? 
_entity_src_gen.pdbx_host_org_organelle            ? 
_entity_src_gen.pdbx_host_org_cellular_location    ? 
_entity_src_gen.pdbx_host_org_vector_type          Plasmid 
_entity_src_gen.pdbx_host_org_vector               ? 
_entity_src_gen.host_org_details                   ? 
_entity_src_gen.expression_system_id               ? 
_entity_src_gen.plasmid_name                       pET28-OSF-SH3 
_entity_src_gen.plasmid_details                    ? 
_entity_src_gen.pdbx_description                   ? 
# 
_struct_ref.id                         1 
_struct_ref.db_name                    UNP 
_struct_ref.db_code                    OSTF1_HUMAN 
_struct_ref.pdbx_db_accession          Q92882 
_struct_ref.entity_id                  1 
_struct_ref.pdbx_seq_one_letter_code   GQVKVFRALYTFEPRTPDELYFEEGDIIYITDMSDTNWWKGTSKGRTGLIPSNYVAEQ 
_struct_ref.pdbx_align_begin           12 
_struct_ref.pdbx_db_isoform            ? 
# 
_struct_ref_seq.align_id                      1 
_struct_ref_seq.ref_id                        1 
_struct_ref_seq.pdbx_PDB_id_code              1ZLM 
_struct_ref_seq.pdbx_strand_id                A 
_struct_ref_seq.seq_align_beg                 1 
_struct_ref_seq.pdbx_seq_align_beg_ins_code   ? 
_struct_ref_seq.seq_align_end                 58 
_struct_ref_seq.pdbx_seq_align_end_ins_code   ? 
_struct_ref_seq.pdbx_db_accession             Q92882 
_struct_ref_seq.db_align_beg                  12 
_struct_ref_seq.pdbx_db_align_beg_ins_code    ? 
_struct_ref_seq.db_align_end                  69 
_struct_ref_seq.pdbx_db_align_end_ins_code    ? 
_struct_ref_seq.pdbx_auth_seq_align_beg       12 
_struct_ref_seq.pdbx_auth_seq_align_end       69 
# 
loop_
_chem_comp.id 
_chem_comp.type 
_chem_comp.mon_nstd_flag 
_chem_comp.name 
_chem_comp.pdbx_synonyms 
_chem_comp.formula 
_chem_comp.formula_weight 
ALA 'L-peptide linking' y ALANINE         ? 'C3 H7 N O2'     89.093  
ARG 'L-peptide linking' y ARGININE        ? 'C6 H15 N4 O2 1' 175.209 
ASN 'L-peptide linking' y ASPARAGINE      ? 'C4 H8 N2 O3'    132.118 
ASP 'L-peptide linking' y 'ASPARTIC ACID' ? 'C4 H7 N O4'     133.103 
GLN 'L-peptide linking' y GLUTAMINE       ? 'C5 H10 N2 O3'   146.144 
GLU 'L-peptide linking' y 'GLUTAMIC ACID' ? 'C5 H9 N O4'     147.129 
GLY 'peptide linking'   y GLYCINE         ? 'C2 H5 N O2'     75.067  
HOH non-polymer         . WATER           ? 'H2 O'           18.015  
ILE 'L-peptide linking' y ISOLEUCINE      ? 'C6 H13 N O2'    131.173 
LEU 'L-peptide linking' y LEUCINE         ? 'C6 H13 N O2'    131.173 
LYS 'L-peptide linking' y LYSINE          ? 'C6 H15 N2 O2 1' 147.195 
MET 'L-peptide linking' y METHIONINE      ? 'C5 H11 N O2 S'  149.211 
PHE 'L-peptide linking' y PHENYLALANINE   ? 'C9 H11 N O2'    165.189 
PRO 'L-peptide linking' y PROLINE         ? 'C5 H9 N O2'     115.130 
SER 'L-peptide linking' y SERINE          ? 'C3 H7 N O3'     105.093 
THR 'L-peptide linking' y THREONINE       ? 'C4 H9 N O3'     119.119 
TRP 'L-peptide linking' y TRYPTOPHAN      ? 'C11 H12 N2 O2'  204.225 
TYR 'L-peptide linking' y TYROSINE        ? 'C9 H11 N O3'    181.189 
VAL 'L-peptide linking' y VALINE          ? 'C5 H11 N O2'    117.146 
# 
_exptl.entry_id          1ZLM 
_exptl.method            'X-RAY DIFFRACTION' 
_exptl.crystals_number   1 
# 
_exptl_crystal.id                    1 
_exptl_crystal.density_meas          ? 
_exptl_crystal.density_Matthews      2.35 
_exptl_crystal.density_percent_sol   47.6 
_exptl_crystal.description           ? 
_exptl_crystal.F_000                 ? 
_exptl_crystal.preparation           ? 
# 
_exptl_crystal_grow.crystal_id      1 
_exptl_crystal_grow.method          'VAPOR DIFFUSION, SITTING DROP' 
_exptl_crystal_grow.temp            277 
_exptl_crystal_grow.temp_details    ? 
_exptl_crystal_grow.pH              7.5 
_exptl_crystal_grow.pdbx_details    
'Sodium Hepes, PEG400, ammonium sulfate, pH 7.5, temperature 277K, VAPOR DIFFUSION, SITTING DROP' 
_exptl_crystal_grow.pdbx_pH_range   . 
# 
_diffrn.id                     1 
_diffrn.ambient_temp           100 
_diffrn.ambient_temp_details   ? 
_diffrn.crystal_id             1 
# 
_diffrn_detector.diffrn_id              1 
_diffrn_detector.detector               CCD 
_diffrn_detector.type                   MARRESEARCH 
_diffrn_detector.pdbx_collection_date   2004-10-16 
_diffrn_detector.details                ? 
# 
_diffrn_radiation.diffrn_id                        1 
_diffrn_radiation.wavelength_id                    1 
_diffrn_radiation.pdbx_monochromatic_or_laue_m_l   M 
_diffrn_radiation.monochromator                    Mirror 
_diffrn_radiation.pdbx_diffrn_protocol             'SINGLE WAVELENGTH' 
_diffrn_radiation.pdbx_scattering_type             x-ray 
# 
_diffrn_radiation_wavelength.id           1 
_diffrn_radiation_wavelength.wavelength   1.0000 
_diffrn_radiation_wavelength.wt           1.0 
# 
_diffrn_source.diffrn_id                   1 
_diffrn_source.source                      SYNCHROTRON 
_diffrn_source.type                        'APS BEAMLINE 22-ID' 
_diffrn_source.pdbx_synchrotron_site       APS 
_diffrn_source.pdbx_synchrotron_beamline   22-ID 
_diffrn_source.pdbx_wavelength             ? 
_diffrn_source.pdbx_wavelength_list        1.0000 
# 
_reflns.entry_id                     1ZLM 
_reflns.observed_criterion_sigma_F   0 
_reflns.observed_criterion_sigma_I   0 
_reflns.d_resolution_high            1.07 
_reflns.d_resolution_low             31.1 
_reflns.number_all                   28252 
_reflns.number_obs                   27403 
_reflns.percent_possible_obs         86.3 
_reflns.pdbx_Rmerge_I_obs            0.098 
_reflns.pdbx_Rsym_value              0.098 
_reflns.pdbx_netI_over_sigmaI        17.4 
_reflns.B_iso_Wilson_estimate        ? 
_reflns.pdbx_redundancy              5.1 
_reflns.R_free_details               ? 
_reflns.limit_h_max                  ? 
_reflns.limit_h_min                  ? 
_reflns.limit_k_max                  ? 
_reflns.limit_k_min                  ? 
_reflns.limit_l_max                  ? 
_reflns.limit_l_min                  ? 
_reflns.observed_criterion_F_max     ? 
_reflns.observed_criterion_F_min     ? 
_reflns.pdbx_chi_squared             ? 
_reflns.pdbx_scaling_rejects         ? 
_reflns.pdbx_diffrn_id               1 
_reflns.pdbx_ordinal                 1 
# 
_reflns_shell.d_res_high             1.07 
_reflns_shell.d_res_low              1.11 
_reflns_shell.percent_possible_all   49.9 
_reflns_shell.Rmerge_I_obs           0.241 
_reflns_shell.pdbx_Rsym_value        0.241 
_reflns_shell.meanI_over_sigI_obs    2.5 
_reflns_shell.pdbx_redundancy        2.0 
_reflns_shell.percent_possible_obs   ? 
_reflns_shell.number_unique_all      1612 
_reflns_shell.number_measured_all    ? 
_reflns_shell.number_measured_obs    ? 
_reflns_shell.number_unique_obs      ? 
_reflns_shell.pdbx_chi_squared       ? 
_reflns_shell.pdbx_diffrn_id         ? 
_reflns_shell.pdbx_ordinal           1 
# 
_refine.entry_id                                 1ZLM 
_refine.ls_number_reflns_obs                     27365 
_refine.ls_number_reflns_all                     27365 
_refine.pdbx_ls_sigma_I                          0 
_refine.pdbx_ls_sigma_F                          0.0 
_refine.pdbx_data_cutoff_high_absF               ? 
_refine.pdbx_data_cutoff_low_absF                ? 
_refine.pdbx_data_cutoff_high_rms_absF           ? 
_refine.ls_d_res_low                             10 
_refine.ls_d_res_high                            1.07 
_refine.ls_percent_reflns_obs                    82.7 
_refine.ls_R_factor_obs                          0.158 
_refine.ls_R_factor_all                          0.1599 
_refine.ls_R_factor_R_work                       0.1582 
_refine.ls_R_factor_R_free                       0.2116 
_refine.ls_R_factor_R_free_error                 ? 
_refine.ls_R_factor_R_free_error_details         ? 
_refine.ls_percent_reflns_R_free                 0.0 
_refine.ls_number_reflns_R_free                  1333 
_refine.ls_number_parameters                     5467 
_refine.ls_number_restraints                     6382 
_refine.occupancy_min                            ? 
_refine.occupancy_max                            ? 
_refine.correlation_coeff_Fo_to_Fc               ? 
_refine.correlation_coeff_Fo_to_Fc_free          ? 
_refine.B_iso_mean                               ? 
_refine.aniso_B[1][1]                            ? 
_refine.aniso_B[2][2]                            ? 
_refine.aniso_B[3][3]                            ? 
_refine.aniso_B[1][2]                            ? 
_refine.aniso_B[1][3]                            ? 
_refine.aniso_B[2][3]                            ? 
_refine.solvent_model_details                    ? 
_refine.solvent_model_param_ksol                 ? 
_refine.solvent_model_param_bsol                 ? 
_refine.pdbx_solvent_vdw_probe_radii             ? 
_refine.pdbx_solvent_ion_probe_radii             ? 
_refine.pdbx_solvent_shrinkage_radii             ? 
_refine.pdbx_ls_cross_valid_method               'FREE R' 
_refine.details                                  'ANISOTROPIC REFINEMENT REDUCED FREE R (NO CUTOFF) BY 5%' 
_refine.pdbx_starting_model                      1GRI 
_refine.pdbx_method_to_determine_struct          'MOLECULAR REPLACEMENT' 
_refine.pdbx_isotropic_thermal_model             ? 
_refine.pdbx_stereochemistry_target_values       'ENGH AND HUBER' 
_refine.pdbx_stereochem_target_val_spec_case     ? 
_refine.pdbx_R_Free_selection_details            RANDOM 
_refine.pdbx_overall_ESU_R                       ? 
_refine.pdbx_overall_ESU_R_Free                  ? 
_refine.overall_SU_ML                            ? 
_refine.overall_SU_B                             ? 
_refine.ls_redundancy_reflns_obs                 ? 
_refine.B_iso_min                                ? 
_refine.B_iso_max                                ? 
_refine.overall_SU_R_Cruickshank_DPI             ? 
_refine.overall_SU_R_free                        ? 
_refine.ls_wR_factor_R_free                      ? 
_refine.ls_wR_factor_R_work                      ? 
_refine.overall_FOM_free_R_set                   ? 
_refine.overall_FOM_work_R_set                   ? 
_refine.pdbx_refine_id                           'X-RAY DIFFRACTION' 
_refine.pdbx_diffrn_id                           1 
_refine.pdbx_TLS_residual_ADP_flag               ? 
_refine.pdbx_overall_phase_error                 ? 
_refine.pdbx_overall_SU_R_free_Cruickshank_DPI   ? 
_refine.pdbx_overall_SU_R_Blow_DPI               ? 
_refine.pdbx_overall_SU_R_free_Blow_DPI          ? 
# 
_refine_analyze.entry_id                        1ZLM 
_refine_analyze.Luzzati_coordinate_error_obs    ? 
_refine_analyze.Luzzati_sigma_a_obs             ? 
_refine_analyze.Luzzati_d_res_low_obs           ? 
_refine_analyze.Luzzati_coordinate_error_free   ? 
_refine_analyze.Luzzati_sigma_a_free            ? 
_refine_analyze.Luzzati_d_res_low_free          ? 
_refine_analyze.number_disordered_residues      0 
_refine_analyze.occupancy_sum_hydrogen          0.00 
_refine_analyze.occupancy_sum_non_hydrogen      607.00 
_refine_analyze.pdbx_Luzzati_d_res_high_obs     ? 
_refine_analyze.pdbx_refine_id                  'X-RAY DIFFRACTION' 
# 
_refine_hist.pdbx_refine_id                   'X-RAY DIFFRACTION' 
_refine_hist.cycle_id                         LAST 
_refine_hist.pdbx_number_atoms_protein        477 
_refine_hist.pdbx_number_atoms_nucleic_acid   0 
_refine_hist.pdbx_number_atoms_ligand         0 
_refine_hist.number_atoms_solvent             130 
_refine_hist.number_atoms_total               607 
_refine_hist.d_res_high                       1.07 
_refine_hist.d_res_low                        10 
# 
loop_
_refine_ls_restr.type 
_refine_ls_restr.dev_ideal 
_refine_ls_restr.dev_ideal_target 
_refine_ls_restr.weight 
_refine_ls_restr.number 
_refine_ls_restr.pdbx_refine_id 
_refine_ls_restr.pdbx_restraint_function 
s_bond_d               0.014  ? ? ? 'X-RAY DIFFRACTION' ? 
s_angle_d              0.030  ? ? ? 'X-RAY DIFFRACTION' ? 
s_similar_dist         0.000  ? ? ? 'X-RAY DIFFRACTION' ? 
s_from_restr_planes    0.0274 ? ? ? 'X-RAY DIFFRACTION' ? 
s_zero_chiral_vol      0.090  ? ? ? 'X-RAY DIFFRACTION' ? 
s_non_zero_chiral_vol  0.082  ? ? ? 'X-RAY DIFFRACTION' ? 
s_anti_bump_dis_restr  0.015  ? ? ? 'X-RAY DIFFRACTION' ? 
s_rigid_bond_adp_cmpnt 0.006  ? ? ? 'X-RAY DIFFRACTION' ? 
s_similar_adp_cmpnt    0.045  ? ? ? 'X-RAY DIFFRACTION' ? 
s_approx_iso_adps      0.082  ? ? ? 'X-RAY DIFFRACTION' ? 
# 
_pdbx_refine.entry_id                                    1ZLM 
_pdbx_refine.R_factor_all_no_cutoff                      0.1603 
_pdbx_refine.R_factor_obs_no_cutoff                      ? 
_pdbx_refine.free_R_factor_no_cutoff                     ? 
_pdbx_refine.free_R_val_test_set_size_perc_no_cutoff     0.0 
_pdbx_refine.free_R_val_test_set_ct_no_cutoff            ? 
_pdbx_refine.R_factor_all_4sig_cutoff                    0.1531 
_pdbx_refine.R_factor_obs_4sig_cutoff                    ? 
_pdbx_refine.free_R_factor_4sig_cutoff                   ? 
_pdbx_refine.free_R_val_test_set_size_perc_4sig_cutoff   0.0 
_pdbx_refine.free_R_val_test_set_ct_4sig_cutoff          ? 
_pdbx_refine.number_reflns_obs_4sig_cutoff               23025 
_pdbx_refine.pdbx_refine_id                              'X-RAY DIFFRACTION' 
_pdbx_refine.free_R_error_no_cutoff                      ? 
# 
_struct.entry_id                  1ZLM 
_struct.title                     'Crystal structure of the SH3 domain of human osteoclast stimulating factor' 
_struct.pdbx_model_details        ? 
_struct.pdbx_CASP_flag            ? 
_struct.pdbx_model_type_details   ? 
# 
_struct_keywords.entry_id        1ZLM 
_struct_keywords.pdbx_keywords   'SIGNALING PROTEIN' 
_struct_keywords.text            'Beta barrel, SIGNALING PROTEIN' 
# 
loop_
_struct_asym.id 
_struct_asym.pdbx_blank_PDB_chainid_flag 
_struct_asym.pdbx_modified 
_struct_asym.entity_id 
_struct_asym.details 
A N N 1 ? 
B N N 2 ? 
# 
_struct_biol.id                    1 
_struct_biol.details               'The asymmetric unit contains one monomer which is the biological unit.' 
_struct_biol.pdbx_parent_biol_id   ? 
# 
_struct_sheet.id               A 
_struct_sheet.type             ? 
_struct_sheet.number_strands   5 
_struct_sheet.details          ? 
# 
loop_
_struct_sheet_order.sheet_id 
_struct_sheet_order.range_id_1 
_struct_sheet_order.range_id_2 
_struct_sheet_order.offset 
_struct_sheet_order.sense 
A 1 2 ? anti-parallel 
A 2 3 ? anti-parallel 
A 3 4 ? anti-parallel 
A 4 5 ? anti-parallel 
# 
loop_
_struct_sheet_range.sheet_id 
_struct_sheet_range.id 
_struct_sheet_range.beg_label_comp_id 
_struct_sheet_range.beg_label_asym_id 
_struct_sheet_range.beg_label_seq_id 
_struct_sheet_range.pdbx_beg_PDB_ins_code 
_struct_sheet_range.end_label_comp_id 
_struct_sheet_range.end_label_asym_id 
_struct_sheet_range.end_label_seq_id 
_struct_sheet_range.pdbx_end_PDB_ins_code 
_struct_sheet_range.beg_auth_comp_id 
_struct_sheet_range.beg_auth_asym_id 
_struct_sheet_range.beg_auth_seq_id 
_struct_sheet_range.end_auth_comp_id 
_struct_sheet_range.end_auth_asym_id 
_struct_sheet_range.end_auth_seq_id 
A 1 ARG A 46 ? PRO A 51 ? ARG A 57 PRO A 62 
A 2 TRP A 38 ? SER A 43 ? TRP A 49 SER A 54 
A 3 ILE A 27 ? ASP A 32 ? ILE A 38 ASP A 43 
A 4 LYS A 4  ? ALA A 8  ? LYS A 15 ALA A 19 
A 5 VAL A 55 ? GLU A 57 ? VAL A 66 GLU A 68 
# 
loop_
_pdbx_struct_sheet_hbond.sheet_id 
_pdbx_struct_sheet_hbond.range_id_1 
_pdbx_struct_sheet_hbond.range_id_2 
_pdbx_struct_sheet_hbond.range_1_label_atom_id 
_pdbx_struct_sheet_hbond.range_1_label_comp_id 
_pdbx_struct_sheet_hbond.range_1_label_asym_id 
_pdbx_struct_sheet_hbond.range_1_label_seq_id 
_pdbx_struct_sheet_hbond.range_1_PDB_ins_code 
_pdbx_struct_sheet_hbond.range_1_auth_atom_id 
_pdbx_struct_sheet_hbond.range_1_auth_comp_id 
_pdbx_struct_sheet_hbond.range_1_auth_asym_id 
_pdbx_struct_sheet_hbond.range_1_auth_seq_id 
_pdbx_struct_sheet_hbond.range_2_label_atom_id 
_pdbx_struct_sheet_hbond.range_2_label_comp_id 
_pdbx_struct_sheet_hbond.range_2_label_asym_id 
_pdbx_struct_sheet_hbond.range_2_label_seq_id 
_pdbx_struct_sheet_hbond.range_2_PDB_ins_code 
_pdbx_struct_sheet_hbond.range_2_auth_atom_id 
_pdbx_struct_sheet_hbond.range_2_auth_comp_id 
_pdbx_struct_sheet_hbond.range_2_auth_asym_id 
_pdbx_struct_sheet_hbond.range_2_auth_seq_id 
A 1 2 O ILE A 50 ? O ILE A 61 N TRP A 39 ? N TRP A 50 
A 2 3 O THR A 42 ? O THR A 53 N TYR A 29 ? N TYR A 40 
A 3 4 O ILE A 30 ? O ILE A 41 N LYS A 4  ? N LYS A 15 
A 4 5 N ARG A 7  ? N ARG A 18 O ALA A 56 ? O ALA A 67 
# 
_atom_sites.entry_id                    1ZLM 
_atom_sites.fract_transf_matrix[1][1]   -0.01730389 
_atom_sites.fract_transf_matrix[1][2]   -0.01103657 
_atom_sites.fract_transf_matrix[1][3]   -0.01779931 
_atom_sites.fract_transf_matrix[2][1]   0.00909266 
_atom_sites.fract_transf_matrix[2][2]   -0.00063841 
_atom_sites.fract_transf_matrix[2][3]   -0.00844373 
_atom_sites.fract_transf_matrix[3][1]   0.00493117 
_atom_sites.fract_transf_matrix[3][2]   -0.01855834 
_atom_sites.fract_transf_matrix[3][3]   0.00671330 
_atom_sites.fract_transf_vector[1]      0.561481 
_atom_sites.fract_transf_vector[2]      -1.138916 
_atom_sites.fract_transf_vector[3]      2.019475 
# 
loop_
_atom_type.symbol 
C 
N 
O 
S 
# 
loop_
_atom_site.group_PDB 
_atom_site.id 
_atom_site.type_symbol 
_atom_site.label_atom_id 
_atom_site.label_alt_id 
_atom_site.label_comp_id 
_atom_site.label_asym_id 
_atom_site.label_entity_id 
_atom_site.label_seq_id 
_atom_site.pdbx_PDB_ins_code 
_atom_site.Cartn_x 
_atom_site.Cartn_y 
_atom_site.Cartn_z 
_atom_site.occupancy 
_atom_site.B_iso_or_equiv 
_atom_site.pdbx_formal_charge 
_atom_site.auth_seq_id 
_atom_site.auth_comp_id 
_atom_site.auth_asym_id 
_atom_site.auth_atom_id 
_atom_site.pdbx_PDB_model_num 
ATOM   1   N N   . GLY A 1 1  ? 3.069   0.511   -16.158 1.00 36.49 ? 12  GLY A N   1 
ATOM   2   C CA  . GLY A 1 1  ? 4.513   0.604   -15.870 1.00 30.74 ? 12  GLY A CA  1 
ATOM   3   C C   . GLY A 1 1  ? 4.829   1.677   -14.860 1.00 24.68 ? 12  GLY A C   1 
ATOM   4   O O   . GLY A 1 1  ? 5.932   1.664   -14.281 1.00 26.66 ? 12  GLY A O   1 
ATOM   5   N N   . GLN A 1 2  ? 3.952   2.667   -14.619 1.00 22.02 ? 13  GLN A N   1 
ATOM   6   C CA  . GLN A 1 2  ? 4.345   3.643   -13.610 1.00 22.62 ? 13  GLN A CA  1 
ATOM   7   C C   . GLN A 1 2  ? 4.312   3.127   -12.175 1.00 21.37 ? 13  GLN A C   1 
ATOM   8   O O   . GLN A 1 2  ? 3.498   2.250   -11.825 1.00 25.23 ? 13  GLN A O   1 
ATOM   9   C CB  . GLN A 1 2  ? 3.403   4.856   -13.744 1.00 27.02 ? 13  GLN A CB  1 
ATOM   10  C CG  . GLN A 1 2  ? 3.466   5.513   -15.119 1.00 33.75 ? 13  GLN A CG  1 
ATOM   11  C CD  . GLN A 1 2  ? 4.623   6.476   -15.186 1.00 39.26 ? 13  GLN A CD  1 
ATOM   12  O OE1 . GLN A 1 2  ? 4.973   7.083   -14.172 1.00 40.46 ? 13  GLN A OE1 1 
ATOM   13  N NE2 . GLN A 1 2  ? 5.267   6.681   -16.330 1.00 45.71 ? 13  GLN A NE2 1 
ATOM   14  N N   . VAL A 1 3  ? 5.184   3.653   -11.339 1.00 20.31 ? 14  VAL A N   1 
ATOM   15  C CA  . VAL A 1 3  ? 5.353   3.300   -9.920  1.00 18.59 ? 14  VAL A CA  1 
ATOM   16  C C   . VAL A 1 3  ? 5.486   4.575   -9.106  1.00 18.76 ? 14  VAL A C   1 
ATOM   17  O O   . VAL A 1 3  ? 6.229   5.470   -9.486  1.00 21.95 ? 14  VAL A O   1 
ATOM   18  C CB  . VAL A 1 3  ? 6.627   2.492   -9.654  1.00 19.83 ? 14  VAL A CB  1 
ATOM   19  C CG1 . VAL A 1 3  ? 6.810   2.199   -8.159  1.00 22.63 ? 14  VAL A CG1 1 
ATOM   20  C CG2 . VAL A 1 3  ? 6.571   1.163   -10.407 1.00 21.91 ? 14  VAL A CG2 1 
ATOM   21  N N   . LYS A 1 4  ? 4.738   4.711   -8.016  1.00 18.83 ? 15  LYS A N   1 
ATOM   22  C CA  . LYS A 1 4  ? 4.862   5.845   -7.108  1.00 18.33 ? 15  LYS A CA  1 
ATOM   23  C C   . LYS A 1 4  ? 5.267   5.296   -5.729  1.00 17.74 ? 15  LYS A C   1 
ATOM   24  O O   . LYS A 1 4  ? 4.856   4.200   -5.375  1.00 19.42 ? 15  LYS A O   1 
ATOM   25  C CB  . LYS A 1 4  ? 3.559   6.633   -6.977  1.00 20.15 ? 15  LYS A CB  1 
ATOM   26  C CG  . LYS A 1 4  ? 3.310   7.505   -8.207  1.00 26.17 ? 15  LYS A CG  1 
ATOM   27  C CD  . LYS A 1 4  ? 2.281   8.590   -7.941  1.00 36.95 ? 15  LYS A CD  1 
ATOM   28  C CE  . LYS A 1 4  ? 2.656   9.963   -8.455  1.00 40.48 ? 15  LYS A CE  1 
ATOM   29  N NZ  . LYS A 1 4  ? 4.114   10.121  -8.736  1.00 53.56 ? 15  LYS A NZ  1 
ATOM   30  N N   . VAL A 1 5  ? 6.018   6.038   -4.953  1.00 16.35 ? 16  VAL A N   1 
ATOM   31  C CA  . VAL A 1 5  ? 6.632   5.507   -3.757  1.00 16.62 ? 16  VAL A CA  1 
ATOM   32  C C   . VAL A 1 5  ? 6.061   6.180   -2.527  1.00 15.54 ? 16  VAL A C   1 
ATOM   33  O O   . VAL A 1 5  ? 6.053   7.409   -2.411  1.00 16.89 ? 16  VAL A O   1 
ATOM   34  C CB  . VAL A 1 5  ? 8.157   5.737   -3.763  1.00 19.52 ? 16  VAL A CB  1 
ATOM   35  C CG1 . VAL A 1 5  ? 8.790   5.044   -2.558  1.00 21.94 ? 16  VAL A CG1 1 
ATOM   36  C CG2 . VAL A 1 5  ? 8.711   5.237   -5.088  1.00 22.39 ? 16  VAL A CG2 1 
ATOM   37  N N   . PHE A 1 6  ? 5.576   5.355   -1.607  1.00 15.29 ? 17  PHE A N   1 
ATOM   38  C CA  . PHE A 1 6  ? 4.904   5.781   -0.387  1.00 14.60 ? 17  PHE A CA  1 
ATOM   39  C C   . PHE A 1 6  ? 5.535   5.142   0.837   1.00 13.26 ? 17  PHE A C   1 
ATOM   40  O O   . PHE A 1 6  ? 6.183   4.114   0.733   1.00 15.46 ? 17  PHE A O   1 
ATOM   41  C CB  . PHE A 1 6  ? 3.402   5.439   -0.449  1.00 15.33 ? 17  PHE A CB  1 
ATOM   42  C CG  . PHE A 1 6  ? 2.614   6.377   -1.370  1.00 15.64 ? 17  PHE A CG  1 
ATOM   43  C CD1 . PHE A 1 6  ? 1.838   7.375   -0.850  1.00 17.20 ? 17  PHE A CD1 1 
ATOM   44  C CD2 . PHE A 1 6  ? 2.637   6.199   -2.745  1.00 18.70 ? 17  PHE A CD2 1 
ATOM   45  C CE1 . PHE A 1 6  ? 1.098   8.273   -1.642  1.00 19.15 ? 17  PHE A CE1 1 
ATOM   46  C CE2 . PHE A 1 6  ? 1.917   7.076   -3.570  1.00 20.45 ? 17  PHE A CE2 1 
ATOM   47  C CZ  . PHE A 1 6  ? 1.169   8.092   -3.009  1.00 21.48 ? 17  PHE A CZ  1 
ATOM   48  N N   . ARG A 1 7  ? 5.282   5.719   2.004   1.00 13.96 ? 18  ARG A N   1 
ATOM   49  C CA  . ARG A 1 7  ? 5.712   5.139   3.253   1.00 13.42 ? 18  ARG A CA  1 
ATOM   50  C C   . ARG A 1 7  ? 4.475   4.939   4.145   1.00 11.00 ? 18  ARG A C   1 
ATOM   51  O O   . ARG A 1 7  ? 3.615   5.798   4.188   1.00 13.31 ? 18  ARG A O   1 
ATOM   52  C CB  . ARG A 1 7  ? 6.695   6.053   3.984   1.00 17.18 ? 18  ARG A CB  1 
ATOM   53  C CG  . ARG A 1 7  ? 7.368   5.493   5.176   1.00 23.86 ? 18  ARG A CG  1 
ATOM   54  C CD  . ARG A 1 7  ? 8.316   6.499   5.825   1.00 33.09 ? 18  ARG A CD  1 
ATOM   55  N NE  . ARG A 1 7  ? 9.519   6.662   5.035   1.00 44.19 ? 18  ARG A NE  1 
ATOM   56  C CZ  . ARG A 1 7  ? 10.477  5.750   4.885   1.00 46.83 ? 18  ARG A CZ  1 
ATOM   57  N NH1 . ARG A 1 7  ? 10.315  4.580   5.502   1.00 58.04 ? 18  ARG A NH1 1 
ATOM   58  N NH2 . ARG A 1 7  ? 11.548  6.030   4.138   1.00 43.32 ? 18  ARG A NH2 1 
ATOM   59  N N   . ALA A 1 8  ? 4.477   3.801   4.814   1.00 10.68 ? 19  ALA A N   1 
ATOM   60  C CA  . ALA A 1 8  ? 3.380   3.510   5.720   1.00 10.13 ? 19  ALA A CA  1 
ATOM   61  C C   . ALA A 1 8  ? 3.442   4.334   6.995   1.00 10.03 ? 19  ALA A C   1 
ATOM   62  O O   . ALA A 1 8  ? 4.425   4.347   7.744   1.00 10.96 ? 19  ALA A O   1 
ATOM   63  C CB  . ALA A 1 8  ? 3.430   2.037   6.120   1.00 10.79 ? 19  ALA A CB  1 
ATOM   64  N N   . LEU A 1 9  ? 2.340   5.011   7.318   1.00 10.51 ? 20  LEU A N   1 
ATOM   65  C CA  . LEU A 1 9  ? 2.156   5.760   8.561   1.00 11.00 ? 20  LEU A CA  1 
ATOM   66  C C   . LEU A 1 9  ? 1.848   4.861   9.753   1.00 10.21 ? 20  LEU A C   1 
ATOM   67  O O   . LEU A 1 9  ? 2.172   5.239   10.888  1.00 10.83 ? 20  LEU A O   1 
ATOM   68  C CB  . LEU A 1 9  ? 0.968   6.728   8.382   1.00 12.21 ? 20  LEU A CB  1 
ATOM   69  C CG  . LEU A 1 9  ? 1.179   7.889   7.436   1.00 13.91 ? 20  LEU A CG  1 
ATOM   70  C CD1 . LEU A 1 9  ? -0.184  8.563   7.142   1.00 16.03 ? 20  LEU A CD1 1 
ATOM   71  C CD2 . LEU A 1 9  ? 2.127   8.921   8.018   1.00 19.08 ? 20  LEU A CD2 1 
ATOM   72  N N   . TYR A 1 10 ? 1.239   3.713   9.498   1.00 9.87  ? 21  TYR A N   1 
ATOM   73  C CA  . TYR A 1 10 ? 0.783   2.773   10.515  1.00 10.32 ? 21  TYR A CA  1 
ATOM   74  C C   . TYR A 1 10 ? 0.934   1.360   9.985   1.00 9.28  ? 21  TYR A C   1 
ATOM   75  O O   . TYR A 1 10 ? 0.967   1.180   8.761   1.00 10.64 ? 21  TYR A O   1 
ATOM   76  C CB  . TYR A 1 10 ? -0.719  2.935   10.892  1.00 10.65 ? 21  TYR A CB  1 
ATOM   77  C CG  . TYR A 1 10 ? -1.190  4.358   11.043  1.00 10.25 ? 21  TYR A CG  1 
ATOM   78  C CD1 . TYR A 1 10 ? -1.892  5.008   10.019  1.00 10.86 ? 21  TYR A CD1 1 
ATOM   79  C CD2 . TYR A 1 10 ? -0.976  5.066   12.208  1.00 11.93 ? 21  TYR A CD2 1 
ATOM   80  C CE1 . TYR A 1 10 ? -2.343  6.323   10.117  1.00 10.98 ? 21  TYR A CE1 1 
ATOM   81  C CE2 . TYR A 1 10 ? -1.438  6.347   12.359  1.00 11.82 ? 21  TYR A CE2 1 
ATOM   82  C CZ  . TYR A 1 10 ? -2.125  6.963   11.332  1.00 12.31 ? 21  TYR A CZ  1 
ATOM   83  O OH  . TYR A 1 10 ? -2.582  8.273   11.485  1.00 14.07 ? 21  TYR A OH  1 
ATOM   84  N N   . THR A 1 11 ? 1.033   0.361   10.849  1.00 9.46  ? 22  THR A N   1 
ATOM   85  C CA  . THR A 1 11 ? 0.910   -1.024  10.423  1.00 9.55  ? 22  THR A CA  1 
ATOM   86  C C   . THR A 1 11 ? -0.505  -1.332  10.006  1.00 9.16  ? 22  THR A C   1 
ATOM   87  O O   . THR A 1 11 ? -1.476  -0.821  10.610  1.00 11.26 ? 22  THR A O   1 
ATOM   88  C CB  . THR A 1 11 ? 1.330   -1.952  11.605  1.00 9.77  ? 22  THR A CB  1 
ATOM   89  O OG1 . THR A 1 11 ? 2.732   -1.657  11.804  1.00 10.68 ? 22  THR A OG1 1 
ATOM   90  C CG2 . THR A 1 11 ? 1.084   -3.422  11.324  1.00 11.17 ? 22  THR A CG2 1 
ATOM   91  N N   . PHE A 1 12 ? -0.677  -2.164  9.005   1.00 9.14  ? 23  PHE A N   1 
ATOM   92  C CA  . PHE A 1 12 ? -1.986  -2.552  8.470   1.00 9.05  ? 23  PHE A CA  1 
ATOM   93  C C   . PHE A 1 12 ? -2.058  -4.084  8.369   1.00 8.83  ? 23  PHE A C   1 
ATOM   94  O O   . PHE A 1 12 ? -1.259  -4.705  7.646   1.00 9.19  ? 23  PHE A O   1 
ATOM   95  C CB  . PHE A 1 12 ? -2.214  -1.923  7.105   1.00 9.56  ? 23  PHE A CB  1 
ATOM   96  C CG  . PHE A 1 12 ? -3.476  -2.416  6.419   1.00 9.60  ? 23  PHE A CG  1 
ATOM   97  C CD1 . PHE A 1 12 ? -4.722  -2.108  6.939   1.00 10.63 ? 23  PHE A CD1 1 
ATOM   98  C CD2 . PHE A 1 12 ? -3.344  -3.174  5.296   1.00 10.46 ? 23  PHE A CD2 1 
ATOM   99  C CE1 . PHE A 1 12 ? -5.867  -2.629  6.282   1.00 12.27 ? 23  PHE A CE1 1 
ATOM   100 C CE2 . PHE A 1 12 ? -4.453  -3.669  4.657   1.00 12.45 ? 23  PHE A CE2 1 
ATOM   101 C CZ  . PHE A 1 12 ? -5.702  -3.389  5.117   1.00 11.97 ? 23  PHE A CZ  1 
ATOM   102 N N   . GLU A 1 13 ? -3.040  -4.631  9.063   1.00 8.91  ? 24  GLU A N   1 
ATOM   103 C CA  . GLU A 1 13 ? -3.381  -6.052  8.981   1.00 9.61  ? 24  GLU A CA  1 
ATOM   104 C C   . GLU A 1 13 ? -4.483  -6.254  7.963   1.00 9.81  ? 24  GLU A C   1 
ATOM   105 O O   . GLU A 1 13 ? -5.577  -5.720  8.138   1.00 11.13 ? 24  GLU A O   1 
ATOM   106 C CB  . GLU A 1 13 ? -3.794  -6.566  10.337  1.00 11.71 ? 24  GLU A CB  1 
ATOM   107 C CG  . GLU A 1 13 ? -2.697  -6.564  11.393  1.00 14.21 ? 24  GLU A CG  1 
ATOM   108 C CD  . GLU A 1 13 ? -3.168  -6.881  12.819  1.00 15.86 ? 24  GLU A CD  1 
ATOM   109 O OE1 . GLU A 1 13 ? -4.327  -6.614  13.197  1.00 19.38 ? 24  GLU A OE1 1 
ATOM   110 O OE2 . GLU A 1 13 ? -2.379  -7.410  13.621  1.00 20.37 ? 24  GLU A OE2 1 
ATOM   111 N N   . PRO A 1 14 ? -4.256  -7.013  6.905   1.00 9.26  ? 25  PRO A N   1 
ATOM   112 C CA  . PRO A 1 14 ? -5.297  -7.210  5.905   1.00 10.28 ? 25  PRO A CA  1 
ATOM   113 C C   . PRO A 1 14 ? -6.609  -7.707  6.492   1.00 10.12 ? 25  PRO A C   1 
ATOM   114 O O   . PRO A 1 14 ? -6.616  -8.543  7.402   1.00 11.90 ? 25  PRO A O   1 
ATOM   115 C CB  . PRO A 1 14 ? -4.717  -8.322  5.045   1.00 13.04 ? 25  PRO A CB  1 
ATOM   116 C CG  . PRO A 1 14 ? -3.259  -8.105  5.124   1.00 12.35 ? 25  PRO A CG  1 
ATOM   117 C CD  . PRO A 1 14 ? -2.986  -7.689  6.536   1.00 10.52 ? 25  PRO A CD  1 
ATOM   118 N N   . ARG A 1 15 ? -7.683  -7.212  5.889   1.00 11.16 ? 26  ARG A N   1 
ATOM   119 C CA  . ARG A 1 15 ? -9.034  -7.649  6.296   1.00 12.22 ? 26  ARG A CA  1 
ATOM   120 C C   . ARG A 1 15 ? -9.482  -8.839  5.474   1.00 12.66 ? 26  ARG A C   1 
ATOM   121 O O   . ARG A 1 15 ? -10.428 -9.547  5.866   1.00 16.18 ? 26  ARG A O   1 
ATOM   122 C CB  . ARG A 1 15 ? -10.031 -6.479  6.107   1.00 12.48 ? 26  ARG A CB  1 
ATOM   123 C CG  . ARG A 1 15 ? -9.624  -5.194  6.879   1.00 13.47 ? 26  ARG A CG  1 
ATOM   124 C CD  . ARG A 1 15 ? -10.515 -3.999  6.506   1.00 14.58 ? 26  ARG A CD  1 
ATOM   125 N NE  . ARG A 1 15 ? -10.591 -3.792  5.098   1.00 12.90 ? 26  ARG A NE  1 
ATOM   126 C CZ  . ARG A 1 15 ? -11.476 -3.042  4.438   1.00 11.93 ? 26  ARG A CZ  1 
ATOM   127 N NH1 . ARG A 1 15 ? -11.481 -3.042  3.135   1.00 12.78 ? 26  ARG A NH1 1 
ATOM   128 N NH2 . ARG A 1 15 ? -12.360 -2.301  5.133   1.00 14.85 ? 26  ARG A NH2 1 
ATOM   129 N N   . THR A 1 16 ? -8.899  -9.011  4.284   1.00 12.65 ? 27  THR A N   1 
ATOM   130 C CA  . THR A 1 16 ? -9.250  -10.070 3.334   1.00 13.23 ? 27  THR A CA  1 
ATOM   131 C C   . THR A 1 16 ? -7.953  -10.458 2.624   1.00 13.41 ? 27  THR A C   1 
ATOM   132 O O   . THR A 1 16 ? -6.969  -9.709  2.651   1.00 12.73 ? 27  THR A O   1 
ATOM   133 C CB  . THR A 1 16 ? -10.279 -9.668  2.277   1.00 14.42 ? 27  THR A CB  1 
ATOM   134 O OG1 . THR A 1 16 ? -9.565  -9.023  1.204   1.00 14.96 ? 27  THR A OG1 1 
ATOM   135 C CG2 . THR A 1 16 ? -11.358 -8.721  2.768   1.00 17.04 ? 27  THR A CG2 1 
ATOM   136 N N   . PRO A 1 17 ? -7.945  -11.606 1.953   1.00 14.43 ? 28  PRO A N   1 
ATOM   137 C CA  . PRO A 1 17 ? -6.740  -12.024 1.248   1.00 16.08 ? 28  PRO A CA  1 
ATOM   138 C C   . PRO A 1 17 ? -6.358  -11.126 0.086   1.00 14.12 ? 28  PRO A C   1 
ATOM   139 O O   . PRO A 1 17 ? -5.256  -11.242 -0.436  1.00 16.51 ? 28  PRO A O   1 
ATOM   140 C CB  . PRO A 1 17 ? -7.074  -13.423 0.685   1.00 20.95 ? 28  PRO A CB  1 
ATOM   141 C CG  . PRO A 1 17 ? -8.274  -13.849 1.445   1.00 24.19 ? 28  PRO A CG  1 
ATOM   142 C CD  . PRO A 1 17 ? -8.985  -12.657 1.917   1.00 18.79 ? 28  PRO A CD  1 
ATOM   143 N N   . ASP A 1 18 ? -7.282  -10.238 -0.365  1.00 14.31 ? 29  ASP A N   1 
ATOM   144 C CA  . ASP A 1 18 ? -6.901  -9.281  -1.438  1.00 14.62 ? 29  ASP A CA  1 
ATOM   145 C C   . ASP A 1 18 ? -6.054  -8.114  -0.949  1.00 11.84 ? 29  ASP A C   1 
ATOM   146 O O   . ASP A 1 18 ? -5.525  -7.350  -1.751  1.00 13.65 ? 29  ASP A O   1 
ATOM   147 C CB  . ASP A 1 18 ? -8.157  -8.671  -2.074  1.00 15.93 ? 29  ASP A CB  1 
ATOM   148 C CG  . ASP A 1 18 ? -9.056  -9.645  -2.812  1.00 20.61 ? 29  ASP A CG  1 
ATOM   149 O OD1 . ASP A 1 18 ? -8.546  -10.596 -3.424  1.00 22.84 ? 29  ASP A OD1 1 
ATOM   150 O OD2 . ASP A 1 18 ? -10.279 -9.406  -2.761  1.00 22.68 ? 29  ASP A OD2 1 
ATOM   151 N N   . GLU A 1 19 ? -5.978  -7.930  0.369   1.00 10.61 ? 30  GLU A N   1 
ATOM   152 C CA  . GLU A 1 19 ? -5.346  -6.740  0.947   1.00 9.46  ? 30  GLU A CA  1 
ATOM   153 C C   . GLU A 1 19 ? -3.899  -7.067  1.331   1.00 9.74  ? 30  GLU A C   1 
ATOM   154 O O   . GLU A 1 19 ? -3.551  -8.221  1.644   1.00 11.77 ? 30  GLU A O   1 
ATOM   155 C CB  . GLU A 1 19 ? -6.195  -6.241  2.112   1.00 9.58  ? 30  GLU A CB  1 
ATOM   156 C CG  . GLU A 1 19 ? -7.581  -5.851  1.600   1.00 12.06 ? 30  GLU A CG  1 
ATOM   157 C CD  . GLU A 1 19 ? -8.520  -5.355  2.616   1.00 11.01 ? 30  GLU A CD  1 
ATOM   158 O OE1 . GLU A 1 19 ? -8.201  -5.250  3.834   1.00 11.75 ? 30  GLU A OE1 1 
ATOM   159 O OE2 . GLU A 1 19 ? -9.674  -5.021  2.234   1.00 13.06 ? 30  GLU A OE2 1 
ATOM   160 N N   . LEU A 1 20 ? -3.057  -6.063  1.273   1.00 9.02  ? 31  LEU A N   1 
ATOM   161 C CA  . LEU A 1 20 ? -1.610  -6.201  1.446   1.00 9.13  ? 31  LEU A CA  1 
ATOM   162 C C   . LEU A 1 20 ? -1.208  -5.836  2.860   1.00 8.69  ? 31  LEU A C   1 
ATOM   163 O O   . LEU A 1 20 ? -1.443  -4.722  3.337   1.00 9.34  ? 31  LEU A O   1 
ATOM   164 C CB  . LEU A 1 20 ? -0.927  -5.228  0.472   1.00 11.40 ? 31  LEU A CB  1 
ATOM   165 C CG  . LEU A 1 20 ? 0.613   -5.089  0.615   1.00 10.80 ? 31  LEU A CG  1 
ATOM   166 C CD1 . LEU A 1 20 ? 1.299   -6.436  0.392   1.00 11.68 ? 31  LEU A CD1 1 
ATOM   167 C CD2 . LEU A 1 20 ? 1.103   -4.054  -0.376  1.00 13.52 ? 31  LEU A CD2 1 
ATOM   168 N N   . TYR A 1 21 ? -0.475  -6.742  3.518   1.00 8.27  ? 32  TYR A N   1 
ATOM   169 C CA  . TYR A 1 21 ? 0.132   -6.458  4.822   1.00 8.45  ? 32  TYR A CA  1 
ATOM   170 C C   . TYR A 1 21 ? 1.288   -5.525  4.690   1.00 8.46  ? 32  TYR A C   1 
ATOM   171 O O   . TYR A 1 21 ? 2.130   -5.642  3.791   1.00 9.10  ? 32  TYR A O   1 
ATOM   172 C CB  . TYR A 1 21 ? 0.673   -7.774  5.404   1.00 9.11  ? 32  TYR A CB  1 
ATOM   173 C CG  . TYR A 1 21 ? 1.380   -7.610  6.729   1.00 8.57  ? 32  TYR A CG  1 
ATOM   174 C CD1 . TYR A 1 21 ? 0.625   -7.522  7.902   1.00 9.77  ? 32  TYR A CD1 1 
ATOM   175 C CD2 . TYR A 1 21 ? 2.779   -7.585  6.759   1.00 8.71  ? 32  TYR A CD2 1 
ATOM   176 C CE1 . TYR A 1 21 ? 1.292   -7.374  9.122   1.00 10.05 ? 32  TYR A CE1 1 
ATOM   177 C CE2 . TYR A 1 21 ? 3.430   -7.437  8.004   1.00 8.85  ? 32  TYR A CE2 1 
ATOM   178 C CZ  . TYR A 1 21 ? 2.665   -7.336  9.167   1.00 8.93  ? 32  TYR A CZ  1 
ATOM   179 O OH  . TYR A 1 21 ? 3.291   -7.257  10.403  1.00 10.58 ? 32  TYR A OH  1 
ATOM   180 N N   . PHE A 1 22 ? 1.407   -4.597  5.659   1.00 8.19  ? 33  PHE A N   1 
ATOM   181 C CA  . PHE A 1 22 ? 2.654   -3.815  5.762   1.00 8.99  ? 33  PHE A CA  1 
ATOM   182 C C   . PHE A 1 22 ? 2.780   -3.286  7.172   1.00 8.62  ? 33  PHE A C   1 
ATOM   183 O O   . PHE A 1 22 ? 1.792   -3.221  7.908   1.00 9.13  ? 33  PHE A O   1 
ATOM   184 C CB  . PHE A 1 22 ? 2.733   -2.678  4.737   1.00 9.41  ? 33  PHE A CB  1 
ATOM   185 C CG  . PHE A 1 22 ? 1.520   -1.750  4.747   1.00 8.26  ? 33  PHE A CG  1 
ATOM   186 C CD1 . PHE A 1 22 ? 1.452   -0.669  5.636   1.00 9.15  ? 33  PHE A CD1 1 
ATOM   187 C CD2 . PHE A 1 22 ? 0.477   -1.958  3.890   1.00 9.30  ? 33  PHE A CD2 1 
ATOM   188 C CE1 . PHE A 1 22 ? 0.339   0.181   5.596   1.00 10.24 ? 33  PHE A CE1 1 
ATOM   189 C CE2 . PHE A 1 22 ? -0.649  -1.127  3.855   1.00 10.05 ? 33  PHE A CE2 1 
ATOM   190 C CZ  . PHE A 1 22 ? -0.668  -0.024  4.695   1.00 10.16 ? 33  PHE A CZ  1 
ATOM   191 N N   . GLU A 1 23 ? 3.996   -2.936  7.553   1.00 8.79  ? 34  GLU A N   1 
ATOM   192 C CA  . GLU A 1 23 ? 4.283   -2.394  8.880   1.00 9.16  ? 34  GLU A CA  1 
ATOM   193 C C   . GLU A 1 23 ? 4.620   -0.921  8.781   1.00 9.32  ? 34  GLU A C   1 
ATOM   194 O O   . GLU A 1 23 ? 5.143   -0.427  7.779   1.00 10.21 ? 34  GLU A O   1 
ATOM   195 C CB  . GLU A 1 23 ? 5.462   -3.170  9.532   1.00 10.11 ? 34  GLU A CB  1 
ATOM   196 C CG  . GLU A 1 23 ? 5.055   -4.625  9.730   1.00 10.65 ? 34  GLU A CG  1 
ATOM   197 C CD  . GLU A 1 23 ? 6.144   -5.544  10.261  1.00 11.11 ? 34  GLU A CD  1 
ATOM   198 O OE1 . GLU A 1 23 ? 7.278   -5.111  10.465  1.00 14.46 ? 34  GLU A OE1 1 
ATOM   199 O OE2 . GLU A 1 23 ? 5.802   -6.759  10.495  1.00 10.64 ? 34  GLU A OE2 1 
ATOM   200 N N   . GLU A 1 24 ? 4.359   -0.213  9.893   1.00 9.72  ? 35  GLU A N   1 
ATOM   201 C CA  . GLU A 1 24 ? 4.701   1.206   10.010  1.00 10.49 ? 35  GLU A CA  1 
ATOM   202 C C   . GLU A 1 24 ? 6.136   1.465   9.556   1.00 10.30 ? 35  GLU A C   1 
ATOM   203 O O   . GLU A 1 24 ? 7.048   0.759   10.014  1.00 11.58 ? 35  GLU A O   1 
ATOM   204 C CB  . GLU A 1 24 ? 4.475   1.633   11.452  1.00 11.44 ? 35  GLU A CB  1 
ATOM   205 C CG  . GLU A 1 24 ? 4.742   3.135   11.629  1.00 13.95 ? 35  GLU A CG  1 
ATOM   206 C CD  . GLU A 1 24 ? 4.312   3.670   12.988  1.00 15.42 ? 35  GLU A CD  1 
ATOM   207 O OE1 . GLU A 1 24 ? 3.562   3.003   13.738  1.00 18.34 ? 35  GLU A OE1 1 
ATOM   208 O OE2 . GLU A 1 24 ? 4.713   4.805   13.303  1.00 19.76 ? 35  GLU A OE2 1 
ATOM   209 N N   . GLY A 1 25 ? 6.339   2.454   8.694   1.00 11.02 ? 36  GLY A N   1 
ATOM   210 C CA  . GLY A 1 25 ? 7.691   2.779   8.184   1.00 12.79 ? 36  GLY A CA  1 
ATOM   211 C C   . GLY A 1 25 ? 8.059   2.045   6.918   1.00 12.44 ? 36  GLY A C   1 
ATOM   212 O O   . GLY A 1 25 ? 9.049   2.438   6.264   1.00 14.95 ? 36  GLY A O   1 
ATOM   213 N N   . ASP A 1 26 ? 7.316   0.976   6.546   1.00 11.45 ? 37  ASP A N   1 
ATOM   214 C CA  . ASP A 1 26 ? 7.690   0.264   5.316   1.00 12.37 ? 37  ASP A CA  1 
ATOM   215 C C   . ASP A 1 26 ? 7.459   1.123   4.082   1.00 11.49 ? 37  ASP A C   1 
ATOM   216 O O   . ASP A 1 26 ? 6.556   1.984   4.023   1.00 12.60 ? 37  ASP A O   1 
ATOM   217 C CB  . ASP A 1 26 ? 6.863   -1.023  5.187   1.00 12.54 ? 37  ASP A CB  1 
ATOM   218 C CG  . ASP A 1 26 ? 7.246   -2.136  6.162   1.00 12.64 ? 37  ASP A CG  1 
ATOM   219 O OD1 . ASP A 1 26 ? 8.306   -2.054  6.845   1.00 16.07 ? 37  ASP A OD1 1 
ATOM   220 O OD2 . ASP A 1 26 ? 6.494   -3.131  6.184   1.00 12.44 ? 37  ASP A OD2 1 
ATOM   221 N N   . ILE A 1 27 ? 8.264   0.912   3.067   1.00 12.72 ? 38  ILE A N   1 
ATOM   222 C CA  . ILE A 1 27 ? 8.029   1.522   1.739   1.00 13.65 ? 38  ILE A CA  1 
ATOM   223 C C   . ILE A 1 27 ? 7.071   0.656   0.970   1.00 13.44 ? 38  ILE A C   1 
ATOM   224 O O   . ILE A 1 27 ? 7.152   -0.582  0.910   1.00 15.95 ? 38  ILE A O   1 
ATOM   225 C CB  . ILE A 1 27 ? 9.389   1.671   0.993   1.00 16.81 ? 38  ILE A CB  1 
ATOM   226 C CG1 . ILE A 1 27 ? 10.390  2.427   1.848   1.00 19.43 ? 38  ILE A CG1 1 
ATOM   227 C CG2 . ILE A 1 27 ? 9.187   2.287   -0.366  1.00 18.64 ? 38  ILE A CG2 1 
ATOM   228 C CD1 . ILE A 1 27 ? 9.956   3.809   2.266   1.00 32.57 ? 38  ILE A CD1 1 
ATOM   229 N N   . ILE A 1 28 ? 6.084   1.333   0.371   1.00 13.82 ? 39  ILE A N   1 
ATOM   230 C CA  . ILE A 1 28 ? 5.056   0.700   -0.472  1.00 13.14 ? 39  ILE A CA  1 
ATOM   231 C C   . ILE A 1 28 ? 5.151   1.308   -1.866  1.00 12.50 ? 39  ILE A C   1 
ATOM   232 O O   . ILE A 1 28 ? 5.136   2.523   -2.020  1.00 14.49 ? 39  ILE A O   1 
ATOM   233 C CB  . ILE A 1 28 ? 3.665   0.917   0.145   1.00 15.84 ? 39  ILE A CB  1 
ATOM   234 C CG1 . ILE A 1 28 ? 3.649   0.476   1.630   1.00 19.15 ? 39  ILE A CG1 1 
ATOM   235 C CG2 . ILE A 1 28 ? 2.603   0.204   -0.652  1.00 17.00 ? 39  ILE A CG2 1 
ATOM   236 C CD1 . ILE A 1 28 ? 2.451   0.883   2.409   1.00 21.98 ? 39  ILE A CD1 1 
ATOM   237 N N   . TYR A 1 29 ? 5.228   0.454   -2.875  1.00 13.39 ? 40  TYR A N   1 
ATOM   238 C CA  . TYR A 1 29 ? 5.316   0.867   -4.264  1.00 13.92 ? 40  TYR A CA  1 
ATOM   239 C C   . TYR A 1 29 ? 3.916   0.740   -4.830  1.00 14.13 ? 40  TYR A C   1 
ATOM   240 O O   . TYR A 1 29 ? 3.372   -0.356  -4.886  1.00 15.98 ? 40  TYR A O   1 
ATOM   241 C CB  . TYR A 1 29 ? 6.348   -0.008  -5.014  1.00 14.63 ? 40  TYR A CB  1 
ATOM   242 C CG  . TYR A 1 29 ? 7.682   0.082   -4.298  1.00 14.77 ? 40  TYR A CG  1 
ATOM   243 C CD1 . TYR A 1 29 ? 8.102   -0.952  -3.456  1.00 17.52 ? 40  TYR A CD1 1 
ATOM   244 C CD2 . TYR A 1 29 ? 8.510   1.193   -4.479  1.00 19.00 ? 40  TYR A CD2 1 
ATOM   245 C CE1 . TYR A 1 29 ? 9.318   -0.866  -2.811  1.00 21.65 ? 40  TYR A CE1 1 
ATOM   246 C CE2 . TYR A 1 29 ? 9.739   1.273   -3.805  1.00 19.84 ? 40  TYR A CE2 1 
ATOM   247 C CZ  . TYR A 1 29 ? 10.118  0.242   -2.978  1.00 21.21 ? 40  TYR A CZ  1 
ATOM   248 O OH  . TYR A 1 29 ? 11.305  0.248   -2.289  1.00 27.98 ? 40  TYR A OH  1 
ATOM   249 N N   . ILE A 1 30 ? 3.328   1.837   -5.261  1.00 14.94 ? 41  ILE A N   1 
ATOM   250 C CA  . ILE A 1 30 ? 1.957   1.889   -5.716  1.00 14.49 ? 41  ILE A CA  1 
ATOM   251 C C   . ILE A 1 30 ? 1.884   1.900   -7.237  1.00 15.33 ? 41  ILE A C   1 
ATOM   252 O O   . ILE A 1 30 ? 2.542   2.707   -7.880  1.00 17.53 ? 41  ILE A O   1 
ATOM   253 C CB  . ILE A 1 30 ? 1.276   3.144   -5.137  1.00 16.55 ? 41  ILE A CB  1 
ATOM   254 C CG1 . ILE A 1 30 ? 1.247   3.160   -3.611  1.00 18.35 ? 41  ILE A CG1 1 
ATOM   255 C CG2 . ILE A 1 30 ? -0.148  3.297   -5.658  1.00 18.32 ? 41  ILE A CG2 1 
ATOM   256 C CD1 . ILE A 1 30 ? 0.317   2.127   -2.999  1.00 19.53 ? 41  ILE A CD1 1 
ATOM   257 N N   . THR A 1 31 ? 1.077   1.006   -7.815  1.00 17.62 ? 42  THR A N   1 
ATOM   258 C CA  . THR A 1 31 ? 0.966   0.890   -9.254  1.00 18.49 ? 42  THR A CA  1 
ATOM   259 C C   . THR A 1 31 ? -0.449  1.153   -9.734  1.00 20.26 ? 42  THR A C   1 
ATOM   260 O O   . THR A 1 31 ? -0.690  1.179   -10.931 1.00 23.14 ? 42  THR A O   1 
ATOM   261 C CB  . THR A 1 31 ? 1.406   -0.525  -9.720  1.00 22.57 ? 42  THR A CB  1 
ATOM   262 O OG1 . THR A 1 31 ? 0.656   -1.505  -9.003  1.00 22.92 ? 42  THR A OG1 1 
ATOM   263 C CG2 . THR A 1 31 ? 2.872   -0.773  -9.425  1.00 27.53 ? 42  THR A CG2 1 
ATOM   264 N N   . ASP A 1 32 ? -1.425  1.367   -8.897  1.00 19.47 ? 43  ASP A N   1 
ATOM   265 C CA  . ASP A 1 32 ? -2.774  1.782   -9.337  1.00 18.95 ? 43  ASP A CA  1 
ATOM   266 C C   . ASP A 1 32 ? -3.401  2.609   -8.230  1.00 17.71 ? 43  ASP A C   1 
ATOM   267 O O   . ASP A 1 32 ? -3.552  2.112   -7.121  1.00 19.49 ? 43  ASP A O   1 
ATOM   268 C CB  . ASP A 1 32 ? -3.636  0.562   -9.668  1.00 21.64 ? 43  ASP A CB  1 
ATOM   269 C CG  . ASP A 1 32 ? -5.039  0.791   -10.205 1.00 24.06 ? 43  ASP A CG  1 
ATOM   270 O OD1 . ASP A 1 32 ? -5.836  1.635   -9.765  1.00 34.50 ? 43  ASP A OD1 1 
ATOM   271 O OD2 . ASP A 1 32 ? -5.475  0.020   -11.083 1.00 35.05 ? 43  ASP A OD2 1 
ATOM   272 N N   . MET A 1 33 ? -3.833  3.813   -8.544  1.00 20.01 ? 44  MET A N   1 
ATOM   273 C CA  . MET A 1 33 ? -4.440  4.787   -7.650  1.00 22.27 ? 44  MET A CA  1 
ATOM   274 C C   . MET A 1 33 ? -5.782  5.245   -8.217  1.00 23.61 ? 44  MET A C   1 
ATOM   275 O O   . MET A 1 33 ? -6.309  6.320   -7.888  1.00 24.31 ? 44  MET A O   1 
ATOM   276 C CB  . MET A 1 33 ? -3.490  5.984   -7.448  1.00 27.83 ? 44  MET A CB  1 
ATOM   277 C CG  . MET A 1 33 ? -2.126  5.612   -6.884  1.00 33.10 ? 44  MET A CG  1 
ATOM   278 S SD  . MET A 1 33 ? -1.028  7.058   -6.619  1.00 34.88 ? 44  MET A SD  1 
ATOM   279 C CE  . MET A 1 33 ? -2.303  8.215   -7.013  1.00 32.45 ? 44  MET A CE  1 
ATOM   280 N N   . SER A 1 34 ? -6.413  4.408   -9.033  1.00 21.60 ? 45  SER A N   1 
ATOM   281 C CA  . SER A 1 34 ? -7.714  4.796   -9.636  1.00 24.38 ? 45  SER A CA  1 
ATOM   282 C C   . SER A 1 34 ? -8.919  4.921   -8.699  1.00 21.83 ? 45  SER A C   1 
ATOM   283 O O   . SER A 1 34 ? -9.888  5.634   -9.008  1.00 25.32 ? 45  SER A O   1 
ATOM   284 C CB  . SER A 1 34 ? -7.998  3.759   -10.719 1.00 27.23 ? 45  SER A CB  1 
ATOM   285 O OG  . SER A 1 34 ? -8.359  2.476   -10.227 1.00 29.72 ? 45  SER A OG  1 
ATOM   286 N N   . ASP A 1 35 ? -8.906  4.217   -7.611  1.00 19.73 ? 46  ASP A N   1 
ATOM   287 C CA  . ASP A 1 35 ? -9.857  4.337   -6.527  1.00 18.86 ? 46  ASP A CA  1 
ATOM   288 C C   . ASP A 1 35 ? -9.329  5.320   -5.477  1.00 22.13 ? 46  ASP A C   1 
ATOM   289 O O   . ASP A 1 35 ? -8.113  5.336   -5.200  1.00 22.91 ? 46  ASP A O   1 
ATOM   290 C CB  . ASP A 1 35 ? -10.064 2.929   -5.965  1.00 19.17 ? 46  ASP A CB  1 
ATOM   291 C CG  . ASP A 1 35 ? -11.155 2.886   -4.926  1.00 20.37 ? 46  ASP A CG  1 
ATOM   292 O OD1 . ASP A 1 35 ? -10.902 3.049   -3.742  1.00 20.50 ? 46  ASP A OD1 1 
ATOM   293 O OD2 . ASP A 1 35 ? -12.329 2.806   -5.402  1.00 23.98 ? 46  ASP A OD2 1 
ATOM   294 N N   . THR A 1 36 ? -10.182 6.108   -4.842  1.00 18.84 ? 47  THR A N   1 
ATOM   295 C CA  . THR A 1 36 ? -9.735  7.086   -3.834  1.00 17.87 ? 47  THR A CA  1 
ATOM   296 C C   . THR A 1 36 ? -9.180  6.423   -2.584  1.00 15.70 ? 47  THR A C   1 
ATOM   297 O O   . THR A 1 36 ? -8.157  6.904   -2.012  1.00 16.90 ? 47  THR A O   1 
ATOM   298 C CB  . THR A 1 36 ? -10.943 7.967   -3.463  1.00 20.19 ? 47  THR A CB  1 
ATOM   299 O OG1 . THR A 1 36 ? -11.365 8.677   -4.634  1.00 23.04 ? 47  THR A OG1 1 
ATOM   300 C CG2 . THR A 1 36 ? -10.519 8.980   -2.411  1.00 22.20 ? 47  THR A CG2 1 
ATOM   301 N N   . ASN A 1 37 ? -9.857  5.349   -2.132  1.00 16.05 ? 48  ASN A N   1 
ATOM   302 C CA  . ASN A 1 37 ? -9.540  4.783   -0.823  1.00 14.70 ? 48  ASN A CA  1 
ATOM   303 C C   . ASN A 1 37 ? -8.595  3.586   -0.842  1.00 13.09 ? 48  ASN A C   1 
ATOM   304 O O   . ASN A 1 37 ? -7.964  3.349   0.183   1.00 13.19 ? 48  ASN A O   1 
ATOM   305 C CB  . ASN A 1 37 ? -10.811 4.393   -0.068  1.00 17.14 ? 48  ASN A CB  1 
ATOM   306 C CG  . ASN A 1 37 ? -11.579 5.560   0.515   1.00 21.94 ? 48  ASN A CG  1 
ATOM   307 O OD1 . ASN A 1 37 ? -11.261 6.705   0.217   1.00 32.08 ? 48  ASN A OD1 1 
ATOM   308 N ND2 . ASN A 1 37 ? -12.563 5.235   1.361   1.00 23.06 ? 48  ASN A ND2 1 
ATOM   309 N N   . TRP A 1 38 ? -8.589  2.800   -1.908  1.00 12.86 ? 49  TRP A N   1 
ATOM   310 C CA  . TRP A 1 38 ? -7.875  1.521   -1.930  1.00 12.35 ? 49  TRP A CA  1 
ATOM   311 C C   . TRP A 1 38 ? -7.010  1.459   -3.158  1.00 13.10 ? 49  TRP A C   1 
ATOM   312 O O   . TRP A 1 38 ? -7.518  1.553   -4.295  1.00 14.80 ? 49  TRP A O   1 
ATOM   313 C CB  . TRP A 1 38 ? -8.825  0.293   -1.828  1.00 13.71 ? 49  TRP A CB  1 
ATOM   314 C CG  . TRP A 1 38 ? -9.382  0.256   -0.422  1.00 13.39 ? 49  TRP A CG  1 
ATOM   315 C CD1 . TRP A 1 38 ? -10.500 0.911   0.030   1.00 14.23 ? 49  TRP A CD1 1 
ATOM   316 C CD2 . TRP A 1 38 ? -8.848  -0.444  0.716   1.00 12.32 ? 49  TRP A CD2 1 
ATOM   317 N NE1 . TRP A 1 38 ? -10.679 0.663   1.363   1.00 14.02 ? 49  TRP A NE1 1 
ATOM   318 C CE2 . TRP A 1 38 ? -9.682  -0.176  1.813   1.00 12.89 ? 49  TRP A CE2 1 
ATOM   319 C CE3 . TRP A 1 38 ? -7.738  -1.281  0.880   1.00 12.33 ? 49  TRP A CE3 1 
ATOM   320 C CZ2 . TRP A 1 38 ? -9.415  -0.710  3.062   1.00 13.51 ? 49  TRP A CZ2 1 
ATOM   321 C CZ3 . TRP A 1 38 ? -7.496  -1.818  2.136   1.00 12.98 ? 49  TRP A CZ3 1 
ATOM   322 C CH2 . TRP A 1 38 ? -8.327  -1.541  3.194   1.00 13.86 ? 49  TRP A CH2 1 
ATOM   323 N N   . TRP A 1 39 ? -5.690  1.393   -2.947  1.00 12.63 ? 50  TRP A N   1 
ATOM   324 C CA  . TRP A 1 39 ? -4.702  1.412   -4.024  1.00 12.40 ? 50  TRP A CA  1 
ATOM   325 C C   . TRP A 1 39 ? -4.066  0.058   -4.208  1.00 13.50 ? 50  TRP A C   1 
ATOM   326 O O   . TRP A 1 39 ? -4.021  -0.729  -3.250  1.00 15.10 ? 50  TRP A O   1 
ATOM   327 C CB  . TRP A 1 39 ? -3.633  2.462   -3.745  1.00 13.44 ? 50  TRP A CB  1 
ATOM   328 C CG  . TRP A 1 39 ? -4.162  3.868   -3.755  1.00 14.13 ? 50  TRP A CG  1 
ATOM   329 C CD1 . TRP A 1 39 ? -5.351  4.350   -4.232  1.00 15.79 ? 50  TRP A CD1 1 
ATOM   330 C CD2 . TRP A 1 39 ? -3.435  4.993   -3.238  1.00 14.65 ? 50  TRP A CD2 1 
ATOM   331 N NE1 . TRP A 1 39 ? -5.421  5.709   -4.036  1.00 15.85 ? 50  TRP A NE1 1 
ATOM   332 C CE2 . TRP A 1 39 ? -4.255  6.134   -3.435  1.00 15.13 ? 50  TRP A CE2 1 
ATOM   333 C CE3 . TRP A 1 39 ? -2.198  5.144   -2.633  1.00 15.38 ? 50  TRP A CE3 1 
ATOM   334 C CZ2 . TRP A 1 39 ? -3.886  7.435   -3.057  1.00 18.09 ? 50  TRP A CZ2 1 
ATOM   335 C CZ3 . TRP A 1 39 ? -1.825  6.415   -2.265  1.00 17.74 ? 50  TRP A CZ3 1 
ATOM   336 C CH2 . TRP A 1 39 ? -2.657  7.533   -2.480  1.00 17.93 ? 50  TRP A CH2 1 
ATOM   337 N N   . LYS A 1 40 ? -3.546  -0.253  -5.374  1.00 13.66 ? 51  LYS A N   1 
ATOM   338 C CA  . LYS A 1 40 ? -2.792  -1.481  -5.589  1.00 13.92 ? 51  LYS A CA  1 
ATOM   339 C C   . LYS A 1 40 ? -1.333  -1.164  -5.413  1.00 13.88 ? 51  LYS A C   1 
ATOM   340 O O   . LYS A 1 40 ? -0.799  -0.222  -5.979  1.00 15.93 ? 51  LYS A O   1 
ATOM   341 C CB  . LYS A 1 40 ? -2.976  -2.104  -6.989  1.00 18.71 ? 51  LYS A CB  1 
ATOM   342 C CG  . LYS A 1 40 ? -1.982  -3.263  -7.055  1.00 30.88 ? 51  LYS A CG  1 
ATOM   343 C CD  . LYS A 1 40 ? -2.468  -4.529  -6.386  1.00 47.39 ? 51  LYS A CD  1 
ATOM   344 C CE  . LYS A 1 40 ? -2.051  -5.754  -7.165  1.00 48.97 ? 51  LYS A CE  1 
ATOM   345 N NZ  . LYS A 1 40 ? -1.524  -5.421  -8.519  1.00 55.73 ? 51  LYS A NZ  1 
ATOM   346 N N   . GLY A 1 41 ? -0.657  -2.029  -4.673  1.00 15.16 ? 52  GLY A N   1 
ATOM   347 C CA  . GLY A 1 41 ? 0.773   -1.840  -4.544  1.00 20.05 ? 52  GLY A CA  1 
ATOM   348 C C   . GLY A 1 41 ? 1.465   -3.100  -3.992  1.00 12.72 ? 52  GLY A C   1 
ATOM   349 O O   . GLY A 1 41 ? 0.868   -4.176  -3.947  1.00 13.87 ? 52  GLY A O   1 
ATOM   350 N N   . THR A 1 42 ? 2.731   -2.882  -3.702  1.00 13.76 ? 53  THR A N   1 
ATOM   351 C CA  . THR A 1 42 ? 3.587   -4.005  -3.300  1.00 15.19 ? 53  THR A CA  1 
ATOM   352 C C   . THR A 1 42 ? 4.528   -3.500  -2.215  1.00 12.42 ? 53  THR A C   1 
ATOM   353 O O   . THR A 1 42 ? 4.963   -2.342  -2.200  1.00 14.45 ? 53  THR A O   1 
ATOM   354 C CB  . THR A 1 42 ? 4.255   -4.591  -4.578  1.00 17.84 ? 53  THR A CB  1 
ATOM   355 O OG1 . THR A 1 42 ? 4.975   -5.756  -4.197  1.00 25.38 ? 53  THR A OG1 1 
ATOM   356 C CG2 . THR A 1 42 ? 5.296   -3.683  -5.099  1.00 23.68 ? 53  THR A CG2 1 
ATOM   357 N N   . SER A 1 43 ? 4.818   -4.383  -1.264  1.00 11.31 ? 54  SER A N   1 
ATOM   358 C CA  . SER A 1 43 ? 5.719   -4.073  -0.161  1.00 12.66 ? 54  SER A CA  1 
ATOM   359 C C   . SER A 1 43 ? 6.403   -5.370  0.238   1.00 12.54 ? 54  SER A C   1 
ATOM   360 O O   . SER A 1 43 ? 5.700   -6.381  0.437   1.00 12.89 ? 54  SER A O   1 
ATOM   361 C CB  . SER A 1 43 ? 5.001   -3.490  1.067   1.00 13.53 ? 54  SER A CB  1 
ATOM   362 O OG  . SER A 1 43 ? 5.865   -3.050  2.067   1.00 17.17 ? 54  SER A OG  1 
ATOM   363 N N   . LYS A 1 44 ? 7.715   -5.358  0.283   1.00 15.58 ? 55  LYS A N   1 
ATOM   364 C CA  . LYS A 1 44 ? 8.463   -6.526  0.786   1.00 18.29 ? 55  LYS A CA  1 
ATOM   365 C C   . LYS A 1 44 ? 8.013   -7.853  0.230   1.00 22.54 ? 55  LYS A C   1 
ATOM   366 O O   . LYS A 1 44 ? 7.712   -8.840  0.947   1.00 29.20 ? 55  LYS A O   1 
ATOM   367 C CB  . LYS A 1 44 ? 8.342   -6.746  2.295   1.00 20.66 ? 55  LYS A CB  1 
ATOM   368 C CG  . LYS A 1 44 ? 8.770   -5.603  3.169   1.00 24.43 ? 55  LYS A CG  1 
ATOM   369 C CD  . LYS A 1 44 ? 10.234  -5.294  3.004   1.00 28.96 ? 55  LYS A CD  1 
ATOM   370 C CE  . LYS A 1 44 ? 10.766  -4.293  4.002   1.00 37.22 ? 55  LYS A CE  1 
ATOM   371 N NZ  . LYS A 1 44 ? 11.963  -3.571  3.461   1.00 52.87 ? 55  LYS A NZ  1 
ATOM   372 N N   . GLY A 1 45 ? 7.855   -7.947  -1.070  1.00 22.46 ? 56  GLY A N   1 
ATOM   373 C CA  . GLY A 1 45 ? 7.644   -9.301  -1.590  1.00 20.99 ? 56  GLY A CA  1 
ATOM   374 C C   . GLY A 1 45 ? 6.191   -9.688  -1.781  1.00 16.18 ? 56  GLY A C   1 
ATOM   375 O O   . GLY A 1 45 ? 5.905   -10.725 -2.339  1.00 20.96 ? 56  GLY A O   1 
ATOM   376 N N   . ARG A 1 46 ? 5.231   -8.891  -1.314  1.00 13.16 ? 57  ARG A N   1 
ATOM   377 C CA  . ARG A 1 46 ? 3.828   -9.188  -1.439  1.00 11.32 ? 57  ARG A CA  1 
ATOM   378 C C   . ARG A 1 46 ? 3.111   -8.085  -2.194  1.00 11.98 ? 57  ARG A C   1 
ATOM   379 O O   . ARG A 1 46 ? 3.593   -6.936  -2.196  1.00 12.93 ? 57  ARG A O   1 
ATOM   380 C CB  . ARG A 1 46 ? 3.163   -9.292  -0.058  1.00 11.17 ? 57  ARG A CB  1 
ATOM   381 C CG  . ARG A 1 46 ? 3.797   -10.398 0.811   1.00 11.35 ? 57  ARG A CG  1 
ATOM   382 C CD  . ARG A 1 46 ? 3.172   -10.313 2.242   1.00 12.20 ? 57  ARG A CD  1 
ATOM   383 N NE  . ARG A 1 46 ? 3.896   -11.292 3.102   1.00 11.95 ? 57  ARG A NE  1 
ATOM   384 C CZ  . ARG A 1 46 ? 3.618   -12.573 3.152   1.00 11.18 ? 57  ARG A CZ  1 
ATOM   385 N NH1 . ARG A 1 46 ? 2.608   -13.110 2.456   1.00 11.94 ? 57  ARG A NH1 1 
ATOM   386 N NH2 . ARG A 1 46 ? 4.345   -13.411 3.938   1.00 12.10 ? 57  ARG A NH2 1 
ATOM   387 N N   . THR A 1 47 ? 1.961   -8.419  -2.812  1.00 12.17 ? 58  THR A N   1 
ATOM   388 C CA  . THR A 1 47 ? 1.168   -7.428  -3.525  1.00 13.62 ? 58  THR A CA  1 
ATOM   389 C C   . THR A 1 47 ? -0.270  -7.478  -3.039  1.00 12.48 ? 58  THR A C   1 
ATOM   390 O O   . THR A 1 47 ? -0.741  -8.507  -2.575  1.00 13.96 ? 58  THR A O   1 
ATOM   391 C CB  . THR A 1 47 ? 1.177   -7.755  -5.053  1.00 17.21 ? 58  THR A CB  1 
ATOM   392 O OG1 . THR A 1 47 ? 0.548   -9.045  -5.253  1.00 23.77 ? 58  THR A OG1 1 
ATOM   393 C CG2 . THR A 1 47 ? 2.575   -7.690  -5.597  1.00 20.80 ? 58  THR A CG2 1 
ATOM   394 N N   . GLY A 1 48 ? -0.984  -6.367  -3.167  1.00 11.86 ? 59  GLY A N   1 
ATOM   395 C CA  . GLY A 1 48 ? -2.413  -6.357  -2.852  1.00 12.09 ? 59  GLY A CA  1 
ATOM   396 C C   . GLY A 1 48 ? -2.877  -4.918  -2.666  1.00 11.27 ? 59  GLY A C   1 
ATOM   397 O O   . GLY A 1 48 ? -2.178  -3.962  -2.977  1.00 13.12 ? 59  GLY A O   1 
ATOM   398 N N   . LEU A 1 49 ? -4.119  -4.841  -2.129  1.00 10.53 ? 60  LEU A N   1 
ATOM   399 C CA  . LEU A 1 49 ? -4.775  -3.547  -1.935  1.00 11.69 ? 60  LEU A CA  1 
ATOM   400 C C   . LEU A 1 49 ? -4.368  -2.926  -0.610  1.00 10.45 ? 60  LEU A C   1 
ATOM   401 O O   . LEU A 1 49 ? -4.277  -3.613  0.427   1.00 10.00 ? 60  LEU A O   1 
ATOM   402 C CB  . LEU A 1 49 ? -6.284  -3.719  -1.942  1.00 12.70 ? 60  LEU A CB  1 
ATOM   403 C CG  . LEU A 1 49 ? -6.853  -4.237  -3.266  1.00 14.57 ? 60  LEU A CG  1 
ATOM   404 C CD1 . LEU A 1 49 ? -8.376  -4.462  -3.072  1.00 17.91 ? 60  LEU A CD1 1 
ATOM   405 C CD2 . LEU A 1 49 ? -6.608  -3.265  -4.396  1.00 20.56 ? 60  LEU A CD2 1 
ATOM   406 N N   . ILE A 1 50 ? -4.164  -1.604  -0.612  1.00 10.47 ? 61  ILE A N   1 
ATOM   407 C CA  . ILE A 1 50 ? -3.771  -0.884  0.588   1.00 11.10 ? 61  ILE A CA  1 
ATOM   408 C C   . ILE A 1 50 ? -4.718  0.317   0.780   1.00 10.40 ? 61  ILE A C   1 
ATOM   409 O O   . ILE A 1 50 ? -5.148  0.963   -0.164  1.00 11.45 ? 61  ILE A O   1 
ATOM   410 C CB  . ILE A 1 50 ? -2.321  -0.462  0.662   1.00 14.31 ? 61  ILE A CB  1 
ATOM   411 C CG1 . ILE A 1 50 ? -2.057  0.530   -0.440  1.00 15.38 ? 61  ILE A CG1 1 
ATOM   412 C CG2 . ILE A 1 50 ? -1.351  -1.599  0.528   1.00 16.86 ? 61  ILE A CG2 1 
ATOM   413 C CD1 . ILE A 1 50 ? -2.073  2.019   -0.101  1.00 19.41 ? 61  ILE A CD1 1 
ATOM   414 N N   . PRO A 1 51 ? -5.009  0.621   2.040   1.00 10.12 ? 62  PRO A N   1 
ATOM   415 C CA  . PRO A 1 51 ? -5.830  1.817   2.311   1.00 11.00 ? 62  PRO A CA  1 
ATOM   416 C C   . PRO A 1 51 ? -4.987  3.066   2.199   1.00 10.84 ? 62  PRO A C   1 
ATOM   417 O O   . PRO A 1 51 ? -3.963  3.248   2.853   1.00 10.72 ? 62  PRO A O   1 
ATOM   418 C CB  . PRO A 1 51 ? -6.290  1.567   3.776   1.00 11.77 ? 62  PRO A CB  1 
ATOM   419 C CG  . PRO A 1 51 ? -5.165  0.735   4.382   1.00 10.67 ? 62  PRO A CG  1 
ATOM   420 C CD  . PRO A 1 51 ? -4.610  -0.128  3.262   1.00 10.89 ? 62  PRO A CD  1 
ATOM   421 N N   . SER A 1 52 ? -5.486  4.001   1.376   1.00 11.66 ? 63  SER A N   1 
ATOM   422 C CA  . SER A 1 52 ? -4.661  5.137   1.021   1.00 12.63 ? 63  SER A CA  1 
ATOM   423 C C   . SER A 1 52 ? -4.472  6.092   2.202   1.00 12.71 ? 63  SER A C   1 
ATOM   424 O O   . SER A 1 52 ? -3.501  6.853   2.231   1.00 14.81 ? 63  SER A O   1 
ATOM   425 C CB  . SER A 1 52 ? -5.254  5.901   -0.173  1.00 14.50 ? 63  SER A CB  1 
ATOM   426 O OG  . SER A 1 52 ? -6.527  6.405   0.244   1.00 14.93 ? 63  SER A OG  1 
ATOM   427 N N   . ASN A 1 53 ? -5.320  6.051   3.234   1.00 12.21 ? 64  ASN A N   1 
ATOM   428 C CA  . ASN A 1 53 ? -5.113  6.895   4.384   1.00 12.94 ? 64  ASN A CA  1 
ATOM   429 C C   . ASN A 1 53 ? -4.039  6.384   5.328   1.00 13.44 ? 64  ASN A C   1 
ATOM   430 O O   . ASN A 1 53 ? -3.730  7.017   6.339   1.00 14.51 ? 64  ASN A O   1 
ATOM   431 C CB  . ASN A 1 53 ? -6.462  7.105   5.131   1.00 14.87 ? 64  ASN A CB  1 
ATOM   432 C CG  . ASN A 1 53 ? -7.035  5.856   5.746   1.00 14.02 ? 64  ASN A CG  1 
ATOM   433 O OD1 . ASN A 1 53 ? -6.951  4.772   5.189   1.00 16.42 ? 64  ASN A OD1 1 
ATOM   434 N ND2 . ASN A 1 53 ? -7.666  5.960   6.916   1.00 18.87 ? 64  ASN A ND2 1 
ATOM   435 N N   . TYR A 1 54 ? -3.437  5.214   5.018   1.00 11.08 ? 65  TYR A N   1 
ATOM   436 C CA  . TYR A 1 54 ? -2.380  4.678   5.856   1.00 10.91 ? 65  TYR A CA  1 
ATOM   437 C C   . TYR A 1 54 ? -0.976  5.034   5.289   1.00 10.95 ? 65  TYR A C   1 
ATOM   438 O O   . TYR A 1 54 ? -0.010  4.583   5.911   1.00 12.19 ? 65  TYR A O   1 
ATOM   439 C CB  . TYR A 1 54 ? -2.462  3.142   5.964   1.00 11.11 ? 65  TYR A CB  1 
ATOM   440 C CG  . TYR A 1 54 ? -3.414  2.629   7.027   1.00 10.56 ? 65  TYR A CG  1 
ATOM   441 C CD1 . TYR A 1 54 ? -4.731  3.006   7.076   1.00 13.13 ? 65  TYR A CD1 1 
ATOM   442 C CD2 . TYR A 1 54 ? -2.947  1.716   7.971   1.00 10.53 ? 65  TYR A CD2 1 
ATOM   443 C CE1 . TYR A 1 54 ? -5.579  2.494   8.052   1.00 15.04 ? 65  TYR A CE1 1 
ATOM   444 C CE2 . TYR A 1 54 ? -3.770  1.199   8.964   1.00 11.70 ? 65  TYR A CE2 1 
ATOM   445 C CZ  . TYR A 1 54 ? -5.096  1.600   8.990   1.00 13.78 ? 65  TYR A CZ  1 
ATOM   446 O OH  . TYR A 1 54 ? -5.957  1.131   9.961   1.00 16.32 ? 65  TYR A OH  1 
ATOM   447 N N   . VAL A 1 55 ? -0.912  5.781   4.212   1.00 11.09 ? 66  VAL A N   1 
ATOM   448 C CA  . VAL A 1 55 ? 0.386   6.028   3.587   1.00 12.20 ? 66  VAL A CA  1 
ATOM   449 C C   . VAL A 1 55 ? 0.573   7.506   3.278   1.00 13.54 ? 66  VAL A C   1 
ATOM   450 O O   . VAL A 1 55 ? -0.380  8.282   3.175   1.00 16.11 ? 66  VAL A O   1 
ATOM   451 C CB  . VAL A 1 55 ? 0.552   5.194   2.299   1.00 12.48 ? 66  VAL A CB  1 
ATOM   452 C CG1 . VAL A 1 55 ? 0.492   3.688   2.650   1.00 14.64 ? 66  VAL A CG1 1 
ATOM   453 C CG2 . VAL A 1 55 ? -0.475  5.499   1.231   1.00 14.78 ? 66  VAL A CG2 1 
ATOM   454 N N   . ALA A 1 56 ? 1.834   7.887   3.090   1.00 14.29 ? 67  ALA A N   1 
ATOM   455 C CA  . ALA A 1 56 ? 2.221   9.239   2.747   1.00 15.86 ? 67  ALA A CA  1 
ATOM   456 C C   . ALA A 1 56 ? 3.295   9.155   1.671   1.00 15.78 ? 67  ALA A C   1 
ATOM   457 O O   . ALA A 1 56 ? 4.138   8.314   1.693   1.00 16.28 ? 67  ALA A O   1 
ATOM   458 C CB  . ALA A 1 56 ? 2.718   9.991   3.946   1.00 21.34 ? 67  ALA A CB  1 
ATOM   459 N N   . GLU A 1 57 ? 3.178   10.102  0.741   1.00 18.93 ? 68  GLU A N   1 
ATOM   460 C CA  . GLU A 1 57 ? 4.146   10.039  -0.365  1.00 21.42 ? 68  GLU A CA  1 
ATOM   461 C C   . GLU A 1 57 ? 5.576   10.296  0.085   1.00 23.89 ? 68  GLU A C   1 
ATOM   462 O O   . GLU A 1 57 ? 5.822   11.172  0.931   1.00 30.74 ? 68  GLU A O   1 
ATOM   463 C CB  . GLU A 1 57 ? 3.730   11.017  -1.454  1.00 29.11 ? 68  GLU A CB  1 
ATOM   464 C CG  . GLU A 1 57 ? 4.163   10.698  -2.867  1.00 38.93 ? 68  GLU A CG  1 
ATOM   465 C CD  . GLU A 1 57 ? 3.682   11.732  -3.867  1.00 45.60 ? 68  GLU A CD  1 
ATOM   466 O OE1 . GLU A 1 57 ? 2.980   11.342  -4.837  1.00 55.48 ? 68  GLU A OE1 1 
ATOM   467 O OE2 . GLU A 1 57 ? 4.001   12.936  -3.717  1.00 54.85 ? 68  GLU A OE2 1 
ATOM   468 N N   . GLN A 1 58 ? 6.550   9.590   -0.510  1.00 22.62 ? 69  GLN A N   1 
ATOM   469 C CA  . GLN A 1 58 ? 7.960   9.785   -0.238  1.00 29.28 ? 69  GLN A CA  1 
ATOM   470 C C   . GLN A 1 58 ? 8.635   10.445  -1.430  1.00 36.28 ? 69  GLN A C   1 
ATOM   471 O O   . GLN A 1 58 ? 8.046   11.386  -1.997  1.00 38.41 ? 69  GLN A O   1 
ATOM   472 C CB  . GLN A 1 58 ? 8.618   8.440   0.078   1.00 33.84 ? 69  GLN A CB  1 
ATOM   473 C CG  . GLN A 1 58 ? 10.081  8.573   0.496   1.00 46.25 ? 69  GLN A CG  1 
ATOM   474 C CD  . GLN A 1 58 ? 10.376  8.100   1.901   1.00 49.26 ? 69  GLN A CD  1 
ATOM   475 O OE1 . GLN A 1 58 ? 9.624   7.365   2.539   1.00 46.83 ? 69  GLN A OE1 1 
ATOM   476 N NE2 . GLN A 1 58 ? 11.528  8.563   2.390   1.00 54.04 ? 69  GLN A NE2 1 
ATOM   477 O OXT . GLN A 1 58 ? 9.729   10.040  -1.853  1.00 51.44 ? 69  GLN A OXT 1 
HETATM 478 O O   . HOH B 2 .  ? 4.360   -6.931  2.829   1.00 12.27 ? 101 HOH A O   1 
HETATM 479 O O   . HOH B 2 .  ? 6.790   -9.305  9.761   1.00 12.72 ? 102 HOH A O   1 
HETATM 480 O O   . HOH B 2 .  ? -3.733  -10.875 2.622   1.00 13.77 ? 103 HOH A O   1 
HETATM 481 O O   . HOH B 2 .  ? -4.883  -2.984  10.721  1.00 15.85 ? 104 HOH A O   1 
HETATM 482 O O   . HOH B 2 .  ? 1.396   1.001   13.587  1.00 17.24 ? 105 HOH A O   1 
HETATM 483 O O   . HOH B 2 .  ? 0.128   -8.196  13.473  1.00 15.58 ? 106 HOH A O   1 
HETATM 484 O O   . HOH B 2 .  ? 2.061   -6.458  12.771  1.00 15.28 ? 107 HOH A O   1 
HETATM 485 O O   . HOH B 2 .  ? -11.324 -8.131  -0.660  1.00 17.43 ? 108 HOH A O   1 
HETATM 486 O O   . HOH B 2 .  ? -5.041  -0.424  11.832  1.00 17.52 ? 109 HOH A O   1 
HETATM 487 O O   . HOH B 2 .  ? -4.259  9.492   7.176   1.00 21.51 ? 110 HOH A O   1 
HETATM 488 O O   . HOH B 2 .  ? -0.522  -10.041 -0.334  1.00 22.23 ? 111 HOH A O   1 
HETATM 489 O O   . HOH B 2 .  ? -6.846  2.194   -6.920  1.00 18.44 ? 112 HOH A O   1 
HETATM 490 O O   . HOH B 2 .  ? 1.127   -12.357 0.088   1.00 23.45 ? 113 HOH A O   1 
HETATM 491 O O   . HOH B 2 .  ? 4.173   -3.241  13.556  1.00 20.04 ? 114 HOH A O   1 
HETATM 492 O O   . HOH B 2 .  ? -2.605  0.086   12.873  1.00 20.58 ? 115 HOH A O   1 
HETATM 493 O O   . HOH B 2 .  ? -7.136  -3.755  9.340   1.00 20.85 ? 116 HOH A O   1 
HETATM 494 O O   . HOH B 2 .  ? 8.952   -2.697  0.420   1.00 22.33 ? 117 HOH A O   1 
HETATM 495 O O   . HOH B 2 .  ? -12.523 -10.536 -3.812  1.00 27.14 ? 118 HOH A O   1 
HETATM 496 O O   . HOH B 2 .  ? 6.434   6.023   11.789  1.00 23.52 ? 119 HOH A O   1 
HETATM 497 O O   . HOH B 2 .  ? 1.407   -11.234 -2.618  1.00 24.79 ? 120 HOH A O   1 
HETATM 498 O O   . HOH B 2 .  ? 9.209   -0.578  8.936   1.00 29.52 ? 121 HOH A O   1 
HETATM 499 O O   . HOH B 2 .  ? 5.901   6.343   9.077   1.00 25.78 ? 122 HOH A O   1 
HETATM 500 O O   . HOH B 2 .  ? -8.487  4.606   2.714   1.00 26.84 ? 123 HOH A O   1 
HETATM 501 O O   . HOH B 2 .  ? 10.401  -0.968  3.371   1.00 27.40 ? 124 HOH A O   1 
HETATM 502 O O   . HOH B 2 .  ? 9.137   -6.572  12.059  1.00 23.48 ? 125 HOH A O   1 
HETATM 503 O O   . HOH B 2 .  ? -7.631  -6.910  10.029  1.00 27.26 ? 126 HOH A O   1 
HETATM 504 O O   . HOH B 2 .  ? -14.348 4.430   -4.432  1.00 27.34 ? 127 HOH A O   1 
HETATM 505 O O   . HOH B 2 .  ? -12.834 6.133   -6.032  1.00 26.44 ? 128 HOH A O   1 
HETATM 506 O O   . HOH B 2 .  ? -5.510  -7.611  -4.470  1.00 28.27 ? 129 HOH A O   1 
HETATM 507 O O   . HOH B 2 .  ? 7.203   -6.665  -5.389  1.00 31.13 ? 130 HOH A O   1 
HETATM 508 O O   . HOH B 2 .  ? -3.572  -10.098 -3.283  1.00 35.69 ? 131 HOH A O   1 
HETATM 509 O O   . HOH B 2 .  ? -5.164  -4.095  13.064  1.00 27.40 ? 132 HOH A O   1 
HETATM 510 O O   . HOH B 2 .  ? -12.816 2.706   -8.062  1.00 32.51 ? 133 HOH A O   1 
HETATM 511 O O   . HOH B 2 .  ? 6.729   8.521   -6.190  1.00 28.19 ? 134 HOH A O   1 
HETATM 512 O O   . HOH B 2 .  ? 1.035   11.887  0.554   1.00 28.61 ? 135 HOH A O   1 
HETATM 513 O O   . HOH B 2 .  ? -11.801 -11.820 5.860   1.00 36.85 ? 136 HOH A O   1 
HETATM 514 O O   . HOH B 2 .  ? -8.232  2.626   10.570  1.00 37.93 ? 137 HOH A O   1 
HETATM 515 O O   . HOH B 2 .  ? -12.344 1.391   -2.783  1.00 26.76 ? 138 HOH A O   1 
HETATM 516 O O   . HOH B 2 .  ? -13.257 4.949   -2.349  1.00 29.16 ? 139 HOH A O   1 
HETATM 517 O O   . HOH B 2 .  ? -8.920  3.467   6.027   1.00 54.90 ? 140 HOH A O   1 
HETATM 518 O O   . HOH B 2 .  ? -2.769  9.369   1.197   1.00 35.97 ? 141 HOH A O   1 
HETATM 519 O O   . HOH B 2 .  ? -14.029 7.650   -1.245  1.00 25.45 ? 142 HOH A O   1 
HETATM 520 O O   . HOH B 2 .  ? 13.222  -6.808  3.144   1.00 37.24 ? 143 HOH A O   1 
HETATM 521 O O   . HOH B 2 .  ? 1.343   1.339   -12.869 1.00 40.78 ? 144 HOH A O   1 
HETATM 522 O O   . HOH B 2 .  ? 3.456   2.435   -17.694 1.00 42.68 ? 145 HOH A O   1 
HETATM 523 O O   . HOH B 2 .  ? -4.060  4.734   -11.185 1.00 34.47 ? 146 HOH A O   1 
HETATM 524 O O   . HOH B 2 .  ? -11.262 -9.235  8.346   1.00 36.89 ? 147 HOH A O   1 
HETATM 525 O O   . HOH B 2 .  ? 9.095   -3.744  8.783   1.00 32.23 ? 148 HOH A O   1 
HETATM 526 O O   . HOH B 2 .  ? -2.422  -8.766  -5.457  1.00 42.10 ? 149 HOH A O   1 
HETATM 527 O O   . HOH B 2 .  ? -12.341 9.107   0.746   1.00 34.41 ? 150 HOH A O   1 
HETATM 528 O O   . HOH B 2 .  ? 5.222   5.953   15.420  1.00 34.50 ? 151 HOH A O   1 
HETATM 529 O O   . HOH B 2 .  ? 8.545   -5.956  -3.093  1.00 30.66 ? 152 HOH A O   1 
HETATM 530 O O   . HOH B 2 .  ? -6.941  9.209   -2.822  1.00 34.18 ? 153 HOH A O   1 
HETATM 531 O O   . HOH B 2 .  ? 11.761  -6.187  6.441   1.00 47.82 ? 154 HOH A O   1 
HETATM 532 O O   . HOH B 2 .  ? 13.980  5.668   4.560   1.00 42.86 ? 155 HOH A O   1 
HETATM 533 O O   . HOH B 2 .  ? 12.835  2.388   -2.371  1.00 34.56 ? 156 HOH A O   1 
HETATM 534 O O   . HOH B 2 .  ? -3.240  -8.786  15.263  1.00 50.64 ? 157 HOH A O   1 
HETATM 535 O O   . HOH B 2 .  ? 0.776   11.086  -5.443  1.00 48.29 ? 158 HOH A O   1 
HETATM 536 O O   . HOH B 2 .  ? -12.106 6.903   -8.071  1.00 42.80 ? 159 HOH A O   1 
HETATM 537 O O   . HOH B 2 .  ? 11.111  -1.340  6.395   1.00 58.89 ? 160 HOH A O   1 
HETATM 538 O O   . HOH B 2 .  ? 10.204  5.795   0.325   1.00 50.87 ? 161 HOH A O   1 
HETATM 539 O O   . HOH B 2 .  ? 0.070   12.441  -1.457  1.00 59.62 ? 162 HOH A O   1 
HETATM 540 O O   . HOH B 2 .  ? 7.039   14.430  -1.030  1.00 53.72 ? 163 HOH A O   1 
HETATM 541 O O   . HOH B 2 .  ? 4.218   -6.029  14.268  1.00 17.74 ? 164 HOH A O   1 
HETATM 542 O O   . HOH B 2 .  ? -14.726 9.779   -2.890  1.00 19.99 ? 165 HOH A O   1 
HETATM 543 O O   . HOH B 2 .  ? -12.266 -12.859 2.918   1.00 37.23 ? 166 HOH A O   1 
HETATM 544 O O   . HOH B 2 .  ? 6.316   8.748   12.346  1.00 27.09 ? 167 HOH A O   1 
HETATM 545 O O   . HOH B 2 .  ? 1.255   3.598   -16.313 1.00 51.94 ? 168 HOH A O   1 
HETATM 546 O O   . HOH B 2 .  ? -8.859  -0.086  6.887   1.00 36.36 ? 169 HOH A O   1 
HETATM 547 O O   . HOH B 2 .  ? 6.357   13.164  -4.813  1.00 43.53 ? 170 HOH A O   1 
HETATM 548 O O   . HOH B 2 .  ? -14.597 6.736   -3.689  1.00 52.16 ? 171 HOH A O   1 
HETATM 549 O O   . HOH B 2 .  ? 6.801   -2.796  13.166  1.00 33.39 ? 172 HOH A O   1 
HETATM 550 O O   . HOH B 2 .  ? -2.994  11.252  5.548   1.00 31.90 ? 173 HOH A O   1 
HETATM 551 O O   . HOH B 2 .  ? 11.818  12.390  -2.910  1.00 57.22 ? 174 HOH A O   1 
HETATM 552 O O   . HOH B 2 .  ? -8.639  7.411   2.482   1.00 40.09 ? 175 HOH A O   1 
HETATM 553 O O   . HOH B 2 .  ? 7.540   -0.973  11.981  1.00 37.05 ? 176 HOH A O   1 
HETATM 554 O O   . HOH B 2 .  ? -6.415  8.066   -5.896  1.00 36.99 ? 177 HOH A O   1 
HETATM 555 O O   . HOH B 2 .  ? -4.689  10.288  3.705   1.00 44.07 ? 178 HOH A O   1 
HETATM 556 O O   . HOH B 2 .  ? 5.350   8.371   -4.368  1.00 67.47 ? 179 HOH A O   1 
HETATM 557 O O   . HOH B 2 .  ? -10.311 11.617  0.328   1.00 39.02 ? 180 HOH A O   1 
HETATM 558 O O   . HOH B 2 .  ? -13.350 -12.923 -3.911  1.00 47.79 ? 181 HOH A O   1 
HETATM 559 O O   . HOH B 2 .  ? 7.879   -0.244  -15.173 1.00 39.74 ? 182 HOH A O   1 
HETATM 560 O O   . HOH B 2 .  ? 9.503   8.621   -6.970  1.00 64.28 ? 183 HOH A O   1 
HETATM 561 O O   . HOH B 2 .  ? -9.050  -4.768  10.757  1.00 31.32 ? 184 HOH A O   1 
HETATM 562 O O   . HOH B 2 .  ? 3.786   -5.056  12.185  1.00 52.87 ? 185 HOH A O   1 
HETATM 563 O O   . HOH B 2 .  ? -8.548  -1.543  8.624   1.00 45.86 ? 186 HOH A O   1 
HETATM 564 O O   . HOH B 2 .  ? 2.692   -0.437  -13.392 1.00 50.92 ? 187 HOH A O   1 
HETATM 565 O O   . HOH B 2 .  ? -11.072 1.813   -9.264  1.00 49.45 ? 188 HOH A O   1 
HETATM 566 O O   . HOH B 2 .  ? -0.632  9.963   0.623   1.00 53.59 ? 189 HOH A O   1 
HETATM 567 O O   . HOH B 2 .  ? 11.342  1.283   5.446   1.00 33.44 ? 190 HOH A O   1 
HETATM 568 O O   . HOH B 2 .  ? -12.766 9.165   3.081   1.00 52.54 ? 191 HOH A O   1 
HETATM 569 O O   . HOH B 2 .  ? -13.503 -8.413  7.169   1.00 47.34 ? 192 HOH A O   1 
HETATM 570 O O   . HOH B 2 .  ? 10.033  11.735  5.449   1.00 56.32 ? 193 HOH A O   1 
HETATM 571 O O   . HOH B 2 .  ? -6.107  6.953   -10.407 1.00 72.54 ? 194 HOH A O   1 
HETATM 572 O O   . HOH B 2 .  ? 16.058  3.081   -2.549  1.00 52.02 ? 195 HOH A O   1 
HETATM 573 O O   . HOH B 2 .  ? -0.336  4.804   -9.982  1.00 19.53 ? 196 HOH A O   1 
HETATM 574 O O   . HOH B 2 .  ? -7.853  4.284   14.009  1.00 24.57 ? 197 HOH A O   1 
HETATM 575 O O   . HOH B 2 .  ? 6.201   -9.562  3.355   0.50 21.83 ? 198 HOH A O   1 
HETATM 576 O O   . HOH B 2 .  ? -4.888  3.082   14.255  1.00 37.77 ? 199 HOH A O   1 
HETATM 577 O O   . HOH B 2 .  ? -5.511  4.420   12.001  1.00 32.94 ? 200 HOH A O   1 
HETATM 578 O O   . HOH B 2 .  ? 11.601  -9.941  -1.660  0.50 35.63 ? 201 HOH A O   1 
HETATM 579 O O   . HOH B 2 .  ? 6.098   8.795   7.953   1.00 36.38 ? 202 HOH A O   1 
HETATM 580 O O   . HOH B 2 .  ? 4.316   13.147  2.071   1.00 43.41 ? 203 HOH A O   1 
HETATM 581 O O   . HOH B 2 .  ? -6.928  -0.738  13.692  1.00 44.89 ? 204 HOH A O   1 
HETATM 582 O O   . HOH B 2 .  ? 4.838   11.363  8.178   1.00 40.32 ? 205 HOH A O   1 
HETATM 583 O O   . HOH B 2 .  ? -12.586 -11.635 -0.050  1.00 52.14 ? 206 HOH A O   1 
HETATM 584 O O   . HOH B 2 .  ? -11.842 -5.072  10.203  1.00 44.58 ? 207 HOH A O   1 
HETATM 585 O O   . HOH B 2 .  ? 10.080  -11.618 -1.273  1.00 40.19 ? 208 HOH A O   1 
HETATM 586 O O   . HOH B 2 .  ? 11.331  -1.790  -0.344  1.00 38.50 ? 209 HOH A O   1 
HETATM 587 O O   . HOH B 2 .  ? 13.759  3.643   3.495   1.00 65.51 ? 210 HOH A O   1 
HETATM 588 O O   . HOH B 2 .  ? -2.946  -9.934  -0.624  1.00 52.28 ? 211 HOH A O   1 
HETATM 589 O O   . HOH B 2 .  ? 12.503  -1.517  1.746   1.00 53.75 ? 212 HOH A O   1 
HETATM 590 O O   . HOH B 2 .  ? -8.960  4.559   9.562   1.00 65.29 ? 213 HOH A O   1 
HETATM 591 O O   . HOH B 2 .  ? 10.643  8.723   -4.240  1.00 49.81 ? 214 HOH A O   1 
HETATM 592 O O   . HOH B 2 .  ? 10.620  2.276   10.452  1.00 42.79 ? 215 HOH A O   1 
HETATM 593 O O   . HOH B 2 .  ? 0.454   5.065   -18.011 1.00 55.14 ? 216 HOH A O   1 
HETATM 594 O O   . HOH B 2 .  ? -7.054  -1.464  -7.811  1.00 47.83 ? 217 HOH A O   1 
HETATM 595 O O   . HOH B 2 .  ? -11.233 3.238   14.419  1.00 49.56 ? 218 HOH A O   1 
HETATM 596 O O   . HOH B 2 .  ? -1.558  1.964   -15.354 1.00 55.92 ? 219 HOH A O   1 
HETATM 597 O O   . HOH B 2 .  ? -9.904  -6.784  10.114  1.00 48.82 ? 220 HOH A O   1 
HETATM 598 O O   . HOH B 2 .  ? -2.610  0.829   -13.646 1.00 60.50 ? 221 HOH A O   1 
HETATM 599 O O   . HOH B 2 .  ? 7.520   9.619   -8.045  1.00 46.31 ? 222 HOH A O   1 
HETATM 600 O O   . HOH B 2 .  ? -0.863  11.752  2.051   1.00 58.07 ? 223 HOH A O   1 
HETATM 601 O O   . HOH B 2 .  ? -8.406  -3.766  13.249  1.00 47.77 ? 224 HOH A O   1 
HETATM 602 O O   . HOH B 2 .  ? 8.664   5.858   8.520   1.00 54.66 ? 225 HOH A O   1 
HETATM 603 O O   . HOH B 2 .  ? -1.435  -12.024 -2.977  1.00 43.71 ? 226 HOH A O   1 
HETATM 604 O O   . HOH B 2 .  ? 14.048  -0.896  7.938   1.00 70.23 ? 227 HOH A O   1 
HETATM 605 O O   . HOH B 2 .  ? -7.720  8.205   -11.970 1.00 49.28 ? 228 HOH A O   1 
HETATM 606 O O   . HOH B 2 .  ? 11.398  -4.809  11.898  1.00 48.24 ? 229 HOH A O   1 
HETATM 607 O O   . HOH B 2 .  ? -6.945  -5.504  -6.839  1.00 51.98 ? 230 HOH A O   1 
# 
loop_
_atom_site_anisotrop.id 
_atom_site_anisotrop.type_symbol 
_atom_site_anisotrop.pdbx_label_atom_id 
_atom_site_anisotrop.pdbx_label_alt_id 
_atom_site_anisotrop.pdbx_label_comp_id 
_atom_site_anisotrop.pdbx_label_asym_id 
_atom_site_anisotrop.pdbx_label_seq_id 
_atom_site_anisotrop.pdbx_PDB_ins_code 
_atom_site_anisotrop.U[1][1] 
_atom_site_anisotrop.U[2][2] 
_atom_site_anisotrop.U[3][3] 
_atom_site_anisotrop.U[1][2] 
_atom_site_anisotrop.U[1][3] 
_atom_site_anisotrop.U[2][3] 
_atom_site_anisotrop.pdbx_auth_seq_id 
_atom_site_anisotrop.pdbx_auth_comp_id 
_atom_site_anisotrop.pdbx_auth_asym_id 
_atom_site_anisotrop.pdbx_auth_atom_id 
1   N N   . GLY A 1  ? 0.3437 0.6007 0.4423 -0.0604 -0.0003 -0.1187 12  GLY A N   
2   C CA  . GLY A 1  ? 0.3346 0.3103 0.5231 -0.0443 0.0179  -0.0645 12  GLY A CA  
3   C C   . GLY A 1  ? 0.3031 0.3230 0.3118 -0.0145 0.0245  0.0112  12  GLY A C   
4   O O   . GLY A 1  ? 0.3253 0.3283 0.3595 -0.0038 -0.0075 0.0674  12  GLY A O   
5   N N   . GLN A 2  ? 0.2853 0.3128 0.2387 -0.0306 0.0426  0.0406  13  GLN A N   
6   C CA  . GLN A 2  ? 0.3372 0.3345 0.1877 0.0216  0.0239  0.0441  13  GLN A CA  
7   C C   . GLN A 2  ? 0.2764 0.3036 0.2319 -0.0009 0.0055  0.0864  13  GLN A C   
8   O O   . GLN A 2  ? 0.3057 0.3809 0.2719 -0.0561 0.0239  0.0821  13  GLN A O   
9   C CB  . GLN A 2  ? 0.4905 0.3355 0.2006 0.0822  -0.0132 0.0643  13  GLN A CB  
10  C CG  . GLN A 2  ? 0.5944 0.4133 0.2746 0.0037  -0.0111 0.1583  13  GLN A CG  
11  C CD  . GLN A 2  ? 0.6476 0.5276 0.3166 -0.0751 0.0144  0.1190  13  GLN A CD  
12  O OE1 . GLN A 2  ? 0.6503 0.4920 0.3949 -0.0276 -0.0106 0.0640  13  GLN A OE1 
13  N NE2 . GLN A 2  ? 0.7471 0.5896 0.4000 -0.1178 0.1129  0.1086  13  GLN A NE2 
14  N N   . VAL A 3  ? 0.2685 0.3250 0.1784 -0.0264 0.0375  0.1026  14  VAL A N   
15  C CA  . VAL A 3  ? 0.2743 0.2506 0.1816 -0.0083 0.0529  0.0808  14  VAL A CA  
16  C C   . VAL A 3  ? 0.2749 0.2320 0.2059 -0.0152 0.0556  0.0868  14  VAL A C   
17  O O   . VAL A 3  ? 0.3186 0.2673 0.2481 -0.0506 0.0557  0.0894  14  VAL A O   
18  C CB  . VAL A 3  ? 0.3024 0.2383 0.2126 0.0011  0.0127  0.0735  14  VAL A CB  
19  C CG1 . VAL A 3  ? 0.3692 0.2809 0.2097 0.0807  0.0576  0.1036  14  VAL A CG1 
20  C CG2 . VAL A 3  ? 0.2924 0.2607 0.2795 -0.0233 0.1045  0.0351  14  VAL A CG2 
21  N N   . LYS A 4  ? 0.3051 0.2170 0.1932 0.0102  0.0510  0.0857  15  LYS A N   
22  C CA  . LYS A 4  ? 0.2959 0.2018 0.1986 -0.0064 0.0266  0.0929  15  LYS A CA  
23  C C   . LYS A 4  ? 0.2720 0.2011 0.2008 -0.0291 0.0326  0.0946  15  LYS A C   
24  O O   . LYS A 4  ? 0.3068 0.1987 0.2325 -0.0395 0.0121  0.1087  15  LYS A O   
25  C CB  . LYS A 4  ? 0.3225 0.1883 0.2548 0.0083  0.0220  0.0774  15  LYS A CB  
26  C CG  . LYS A 4  ? 0.3630 0.3202 0.3112 0.0154  -0.0742 0.1353  15  LYS A CG  
27  C CD  . LYS A 4  ? 0.5735 0.4218 0.4084 0.1806  -0.1048 0.1516  15  LYS A CD  
28  C CE  . LYS A 4  ? 0.4916 0.3780 0.6682 0.1429  -0.0937 0.1058  15  LYS A CE  
29  N NZ  . LYS A 4  ? 0.5337 0.6614 0.8401 0.0160  -0.0086 -0.0531 15  LYS A NZ  
30  N N   . VAL A 5  ? 0.2688 0.1684 0.1841 0.0062  0.0502  0.0671  16  VAL A N   
31  C CA  . VAL A 5  ? 0.2382 0.1944 0.1988 0.0017  0.0408  0.0597  16  VAL A CA  
32  C C   . VAL A 5  ? 0.2210 0.1702 0.1991 -0.0023 0.0377  0.0548  16  VAL A C   
33  O O   . VAL A 5  ? 0.2245 0.1696 0.2475 -0.0026 0.0479  0.0633  16  VAL A O   
34  C CB  . VAL A 5  ? 0.2261 0.2456 0.2698 0.0214  0.0659  0.0741  16  VAL A CB  
35  C CG1 . VAL A 5  ? 0.2085 0.3571 0.2679 0.0655  0.0802  0.0872  16  VAL A CG1 
36  C CG2 . VAL A 5  ? 0.2838 0.3033 0.2636 0.0508  0.0879  0.0892  16  VAL A CG2 
37  N N   . PHE A 6  ? 0.2332 0.1585 0.1893 -0.0030 0.0302  0.0526  17  PHE A N   
38  C CA  . PHE A 6  ? 0.2099 0.1520 0.1928 -0.0091 0.0193  0.0413  17  PHE A CA  
39  C C   . PHE A 6  ? 0.1931 0.1266 0.1841 0.0011  0.0485  0.0399  17  PHE A C   
40  O O   . PHE A 6  ? 0.2098 0.1575 0.2202 0.0246  0.0206  0.0173  17  PHE A O   
41  C CB  . PHE A 6  ? 0.2128 0.1562 0.2133 -0.0039 0.0207  0.0432  17  PHE A CB  
42  C CG  . PHE A 6  ? 0.2177 0.1568 0.2198 -0.0196 -0.0008 0.0404  17  PHE A CG  
43  C CD1 . PHE A 6  ? 0.2348 0.1436 0.2753 -0.0061 0.0016  0.0456  17  PHE A CD1 
44  C CD2 . PHE A 6  ? 0.2480 0.2441 0.2184 -0.0027 -0.0027 0.0538  17  PHE A CD2 
45  C CE1 . PHE A 6  ? 0.2382 0.2002 0.2891 0.0126  -0.0448 0.0213  17  PHE A CE1 
46  C CE2 . PHE A 6  ? 0.2730 0.2798 0.2244 0.0127  0.0156  0.0871  17  PHE A CE2 
47  C CZ  . PHE A 6  ? 0.2613 0.2751 0.2796 0.0192  0.0012  0.0823  17  PHE A CZ  
48  N N   . ARG A 7  ? 0.2079 0.1349 0.1874 0.0074  0.0216  0.0268  18  ARG A N   
49  C CA  . ARG A 7  ? 0.1496 0.1711 0.1891 -0.0074 0.0192  0.0306  18  ARG A CA  
50  C C   . ARG A 7  ? 0.1398 0.1150 0.1632 -0.0019 0.0062  0.0016  18  ARG A C   
51  O O   . ARG A 7  ? 0.1577 0.1235 0.2245 0.0084  0.0127  0.0210  18  ARG A O   
52  C CB  . ARG A 7  ? 0.1725 0.2261 0.2543 -0.0567 0.0028  0.0294  18  ARG A CB  
53  C CG  . ARG A 7  ? 0.3295 0.3032 0.2740 -0.0997 -0.0841 0.0382  18  ARG A CG  
54  C CD  . ARG A 7  ? 0.3251 0.4484 0.4840 -0.2152 -0.1778 0.1148  18  ARG A CD  
55  N NE  . ARG A 7  ? 0.3490 0.5918 0.7383 -0.1848 -0.0733 0.1265  18  ARG A NE  
56  C CZ  . ARG A 7  ? 0.4938 0.5118 0.7736 -0.1637 0.0640  0.1682  18  ARG A CZ  
57  N NH1 . ARG A 7  ? 0.6291 0.4299 1.1462 -0.2846 0.1438  0.1467  18  ARG A NH1 
58  N NH2 . ARG A 7  ? 0.4410 0.5250 0.6798 -0.1727 -0.0009 0.1329  18  ARG A NH2 
59  N N   . ALA A 8  ? 0.1294 0.1183 0.1583 0.0054  0.0167  0.0003  19  ALA A N   
60  C CA  . ALA A 8  ? 0.1271 0.1063 0.1516 0.0016  0.0036  0.0007  19  ALA A CA  
61  C C   . ALA A 8  ? 0.1308 0.1088 0.1414 0.0123  -0.0099 0.0095  19  ALA A C   
62  O O   . ALA A 8  ? 0.1401 0.1112 0.1650 0.0038  -0.0192 -0.0046 19  ALA A O   
63  C CB  . ALA A 8  ? 0.1428 0.1015 0.1656 -0.0021 0.0011  -0.0035 19  ALA A CB  
64  N N   . LEU A 9  ? 0.1346 0.1038 0.1609 0.0027  0.0040  -0.0063 20  LEU A N   
65  C CA  . LEU A 9  ? 0.1536 0.1046 0.1600 0.0096  -0.0044 -0.0003 20  LEU A CA  
66  C C   . LEU A 9  ? 0.1486 0.0885 0.1510 0.0005  -0.0254 -0.0135 20  LEU A C   
67  O O   . LEU A 9  ? 0.1581 0.0985 0.1550 -0.0039 -0.0129 -0.0185 20  LEU A O   
68  C CB  . LEU A 9  ? 0.1845 0.1105 0.1688 0.0327  -0.0057 0.0022  20  LEU A CB  
69  C CG  . LEU A 9  ? 0.1955 0.0943 0.2389 0.0009  -0.0402 0.0104  20  LEU A CG  
70  C CD1 . LEU A 9  ? 0.2252 0.1242 0.2597 0.0442  -0.0521 -0.0006 20  LEU A CD1 
71  C CD2 . LEU A 9  ? 0.2646 0.1508 0.3095 -0.0478 -0.0759 0.0051  20  LEU A CD2 
72  N N   . TYR A 10 ? 0.1315 0.0949 0.1486 -0.0059 -0.0192 -0.0036 21  TYR A N   
73  C CA  . TYR A 10 ? 0.1470 0.0938 0.1514 0.0053  0.0026  -0.0065 21  TYR A CA  
74  C C   . TYR A 10 ? 0.1212 0.0919 0.1395 0.0087  -0.0220 -0.0075 21  TYR A C   
75  O O   . TYR A 10 ? 0.1649 0.1025 0.1367 0.0040  -0.0022 -0.0142 21  TYR A O   
76  C CB  . TYR A 10 ? 0.1336 0.0972 0.1739 0.0060  -0.0076 -0.0157 21  TYR A CB  
77  C CG  . TYR A 10 ? 0.1413 0.1014 0.1468 0.0057  -0.0079 -0.0103 21  TYR A CG  
78  C CD1 . TYR A 10 ? 0.1452 0.1148 0.1527 0.0159  -0.0126 -0.0112 21  TYR A CD1 
79  C CD2 . TYR A 10 ? 0.1828 0.1220 0.1485 0.0258  -0.0130 -0.0227 21  TYR A CD2 
80  C CE1 . TYR A 10 ? 0.1464 0.1102 0.1606 0.0086  -0.0307 -0.0220 21  TYR A CE1 
81  C CE2 . TYR A 10 ? 0.1700 0.1236 0.1555 0.0198  -0.0276 -0.0267 21  TYR A CE2 
82  C CZ  . TYR A 10 ? 0.1656 0.1234 0.1789 0.0442  -0.0373 -0.0358 21  TYR A CZ  
83  O OH  . TYR A 10 ? 0.2026 0.1151 0.2169 0.0426  -0.0414 -0.0374 21  TYR A OH  
84  N N   . THR A 11 ? 0.1413 0.0902 0.1279 0.0008  -0.0065 -0.0129 22  THR A N   
85  C CA  . THR A 11 ? 0.1323 0.0896 0.1408 0.0051  -0.0251 -0.0033 22  THR A CA  
86  C C   . THR A 11 ? 0.1269 0.0944 0.1268 0.0084  0.0013  -0.0085 22  THR A C   
87  O O   . THR A 11 ? 0.1291 0.1391 0.1596 0.0089  0.0041  -0.0321 22  THR A O   
88  C CB  . THR A 11 ? 0.1426 0.1017 0.1268 -0.0056 -0.0022 0.0100  22  THR A CB  
89  O OG1 . THR A 11 ? 0.1346 0.1223 0.1488 0.0067  -0.0104 0.0096  22  THR A OG1 
90  C CG2 . THR A 11 ? 0.1751 0.0984 0.1508 0.0030  -0.0019 0.0111  22  THR A CG2 
91  N N   . PHE A 12 ? 0.1116 0.1007 0.1350 -0.0024 -0.0120 -0.0071 23  PHE A N   
92  C CA  . PHE A 12 ? 0.1125 0.0974 0.1339 -0.0028 -0.0050 0.0000  23  PHE A CA  
93  C C   . PHE A 12 ? 0.1085 0.1032 0.1236 0.0054  -0.0060 0.0047  23  PHE A C   
94  O O   . PHE A 12 ? 0.1129 0.1032 0.1330 0.0069  0.0036  0.0021  23  PHE A O   
95  C CB  . PHE A 12 ? 0.1370 0.0923 0.1338 0.0096  -0.0131 -0.0139 23  PHE A CB  
96  C CG  . PHE A 12 ? 0.1327 0.0870 0.1450 0.0087  -0.0179 0.0075  23  PHE A CG  
97  C CD1 . PHE A 12 ? 0.1327 0.1128 0.1583 0.0139  -0.0176 0.0195  23  PHE A CD1 
98  C CD2 . PHE A 12 ? 0.1567 0.0989 0.1417 -0.0060 -0.0250 0.0056  23  PHE A CD2 
99  C CE1 . PHE A 12 ? 0.1442 0.1332 0.1888 0.0009  -0.0209 0.0253  23  PHE A CE1 
100 C CE2 . PHE A 12 ? 0.1639 0.1225 0.1869 -0.0029 -0.0418 0.0065  23  PHE A CE2 
101 C CZ  . PHE A 12 ? 0.1579 0.1188 0.1783 -0.0016 -0.0466 0.0243  23  PHE A CZ  
102 N N   . GLU A 13 ? 0.1078 0.1060 0.1247 0.0007  -0.0006 -0.0001 24  GLU A N   
103 C CA  . GLU A 13 ? 0.1261 0.0948 0.1444 0.0000  -0.0101 0.0085  24  GLU A CA  
104 C C   . GLU A 13 ? 0.1223 0.0908 0.1595 0.0097  -0.0230 0.0137  24  GLU A C   
105 O O   . GLU A 13 ? 0.1298 0.1066 0.1867 0.0239  -0.0178 -0.0011 24  GLU A O   
106 C CB  . GLU A 13 ? 0.1482 0.1429 0.1538 -0.0141 -0.0167 0.0330  24  GLU A CB  
107 C CG  . GLU A 13 ? 0.1756 0.1845 0.1797 -0.0407 -0.0490 0.0456  24  GLU A CG  
108 C CD  . GLU A 13 ? 0.2191 0.2117 0.1719 0.0569  -0.0149 0.0328  24  GLU A CD  
109 O OE1 . GLU A 13 ? 0.2503 0.2594 0.2266 0.0797  0.0113  0.0212  24  GLU A OE1 
110 O OE2 . GLU A 13 ? 0.2486 0.3072 0.2182 0.0424  -0.0237 0.0919  24  GLU A OE2 
111 N N   . PRO A 14 ? 0.0963 0.1017 0.1540 0.0017  -0.0121 0.0207  25  PRO A N   
112 C CA  . PRO A 14 ? 0.1062 0.1246 0.1599 0.0132  -0.0273 0.0087  25  PRO A CA  
113 C C   . PRO A 14 ? 0.1120 0.1116 0.1609 0.0063  -0.0342 0.0185  25  PRO A C   
114 O O   . PRO A 14 ? 0.1278 0.1301 0.1944 0.0058  -0.0204 0.0351  25  PRO A O   
115 C CB  . PRO A 14 ? 0.1183 0.1699 0.2076 0.0231  -0.0384 -0.0317 25  PRO A CB  
116 C CG  . PRO A 14 ? 0.1187 0.1859 0.1648 0.0241  -0.0345 -0.0086 25  PRO A CG  
117 C CD  . PRO A 14 ? 0.1030 0.1473 0.1493 0.0174  -0.0082 0.0193  25  PRO A CD  
118 N N   . ARG A 15 ? 0.1024 0.1302 0.1915 0.0168  -0.0190 0.0165  26  ARG A N   
119 C CA  . ARG A 15 ? 0.1184 0.1475 0.1983 0.0063  -0.0144 0.0087  26  ARG A CA  
120 C C   . ARG A 15 ? 0.1148 0.1386 0.2278 0.0050  -0.0210 0.0130  26  ARG A C   
121 O O   . ARG A 15 ? 0.1525 0.1717 0.2905 -0.0246 -0.0024 0.0169  26  ARG A O   
122 C CB  . ARG A 15 ? 0.1211 0.1677 0.1853 0.0253  -0.0195 -0.0161 26  ARG A CB  
123 C CG  . ARG A 15 ? 0.1436 0.1670 0.2013 0.0264  -0.0526 -0.0225 26  ARG A CG  
124 C CD  . ARG A 15 ? 0.1945 0.1756 0.1838 0.0495  -0.0535 -0.0172 26  ARG A CD  
125 N NE  . ARG A 15 ? 0.1548 0.1483 0.1873 0.0181  -0.0470 -0.0056 26  ARG A NE  
126 C CZ  . ARG A 15 ? 0.1314 0.1311 0.1908 0.0134  -0.0297 -0.0003 26  ARG A CZ  
127 N NH1 . ARG A 15 ? 0.1610 0.1322 0.1925 0.0046  -0.0616 0.0084  26  ARG A NH1 
128 N NH2 . ARG A 15 ? 0.1457 0.1668 0.2518 0.0351  -0.0320 -0.0266 26  ARG A NH2 
129 N N   . THR A 16 ? 0.1439 0.1354 0.2012 0.0168  -0.0427 0.0055  27  THR A N   
130 C CA  . THR A 16 ? 0.1315 0.1312 0.2400 0.0006  -0.0410 -0.0070 27  THR A CA  
131 C C   . THR A 16 ? 0.1408 0.1244 0.2445 -0.0029 -0.0312 -0.0058 27  THR A C   
132 O O   . THR A 16 ? 0.1324 0.1247 0.2266 0.0030  -0.0445 0.0068  27  THR A O   
133 C CB  . THR A 16 ? 0.1447 0.1972 0.2062 0.0278  -0.0393 -0.0455 27  THR A CB  
134 O OG1 . THR A 16 ? 0.1577 0.1702 0.2405 0.0243  -0.0617 -0.0032 27  THR A OG1 
135 C CG2 . THR A 16 ? 0.1594 0.2060 0.2821 0.0529  -0.0601 -0.0626 27  THR A CG2 
136 N N   . PRO A 17 ? 0.1596 0.1197 0.2688 -0.0023 -0.0249 -0.0076 28  PRO A N   
137 C CA  . PRO A 17 ? 0.2064 0.1086 0.2960 0.0167  -0.0031 -0.0049 28  PRO A CA  
138 C C   . PRO A 17 ? 0.1651 0.1416 0.2297 0.0102  -0.0404 -0.0225 28  PRO A C   
139 O O   . PRO A 17 ? 0.1980 0.2077 0.2214 0.0441  -0.0200 -0.0216 28  PRO A O   
140 C CB  . PRO A 17 ? 0.2711 0.1305 0.3945 -0.0128 0.0192  -0.0564 28  PRO A CB  
141 C CG  . PRO A 17 ? 0.2635 0.1664 0.4893 -0.0434 0.0477  -0.1193 28  PRO A CG  
142 C CD  . PRO A 17 ? 0.2073 0.1204 0.3861 -0.0253 -0.0220 -0.0329 28  PRO A CD  
143 N N   . ASP A 18 ? 0.1572 0.1340 0.2527 0.0008  -0.0638 -0.0157 29  ASP A N   
144 C CA  . ASP A 18 ? 0.2125 0.1494 0.1935 0.0007  -0.0719 -0.0325 29  ASP A CA  
145 C C   . ASP A 18 ? 0.1644 0.1343 0.1511 0.0142  -0.0333 -0.0173 29  ASP A C   
146 O O   . ASP A 18 ? 0.2150 0.1616 0.1420 0.0003  -0.0315 -0.0112 29  ASP A O   
147 C CB  . ASP A 18 ? 0.1903 0.1844 0.2307 -0.0114 -0.0716 -0.0100 29  ASP A CB  
148 C CG  . ASP A 18 ? 0.2120 0.2768 0.2941 -0.0034 -0.0804 -0.1035 29  ASP A CG  
149 O OD1 . ASP A 18 ? 0.2990 0.2262 0.3426 0.0120  -0.0793 -0.0959 29  ASP A OD1 
150 O OD2 . ASP A 18 ? 0.2148 0.2443 0.4026 -0.0146 -0.1145 -0.1028 29  ASP A OD2 
151 N N   . GLU A 19 ? 0.1327 0.1219 0.1484 -0.0019 -0.0168 -0.0182 30  GLU A N   
152 C CA  . GLU A 19 ? 0.1194 0.1060 0.1339 -0.0007 -0.0114 -0.0022 30  GLU A CA  
153 C C   . GLU A 19 ? 0.1242 0.1167 0.1292 0.0073  -0.0220 0.0184  30  GLU A C   
154 O O   . GLU A 19 ? 0.1351 0.1059 0.2062 0.0064  -0.0226 0.0171  30  GLU A O   
155 C CB  . GLU A 19 ? 0.1186 0.1066 0.1389 0.0057  -0.0168 0.0015  30  GLU A CB  
156 C CG  . GLU A 19 ? 0.1261 0.1397 0.1925 0.0300  -0.0357 -0.0016 30  GLU A CG  
157 C CD  . GLU A 19 ? 0.1192 0.1131 0.1861 0.0211  -0.0381 0.0166  30  GLU A CD  
158 O OE1 . GLU A 19 ? 0.1283 0.1315 0.1866 0.0210  -0.0403 -0.0008 30  GLU A OE1 
159 O OE2 . GLU A 19 ? 0.1188 0.1453 0.2321 0.0278  -0.0511 -0.0187 30  GLU A OE2 
160 N N   . LEU A 20 ? 0.1204 0.1087 0.1138 0.0042  -0.0124 -0.0013 31  LEU A N   
161 C CA  . LEU A 20 ? 0.1134 0.1228 0.1109 0.0007  -0.0163 0.0067  31  LEU A CA  
162 C C   . LEU A 20 ? 0.1280 0.0882 0.1140 0.0098  -0.0130 0.0117  31  LEU A C   
163 O O   . LEU A 20 ? 0.1398 0.0998 0.1155 0.0242  -0.0211 0.0053  31  LEU A O   
164 C CB  . LEU A 20 ? 0.1333 0.1706 0.1293 0.0036  0.0107  0.0402  31  LEU A CB  
165 C CG  . LEU A 20 ? 0.1264 0.1420 0.1420 0.0084  0.0075  0.0313  31  LEU A CG  
166 C CD1 . LEU A 20 ? 0.1592 0.1472 0.1376 0.0141  0.0097  -0.0099 31  LEU A CD1 
167 C CD2 . LEU A 20 ? 0.1478 0.1847 0.1810 0.0011  0.0341  0.0631  31  LEU A CD2 
168 N N   . TYR A 21 ? 0.1147 0.0917 0.1078 0.0083  -0.0049 0.0091  32  TYR A N   
169 C CA  . TYR A 21 ? 0.1176 0.0887 0.1149 0.0058  -0.0145 0.0090  32  TYR A CA  
170 C C   . TYR A 21 ? 0.1240 0.0814 0.1162 0.0187  -0.0052 0.0116  32  TYR A C   
171 O O   . TYR A 21 ? 0.1134 0.1149 0.1172 0.0078  -0.0098 0.0107  32  TYR A O   
172 C CB  . TYR A 21 ? 0.1230 0.0874 0.1358 0.0020  -0.0343 0.0112  32  TYR A CB  
173 C CG  . TYR A 21 ? 0.1222 0.0802 0.1231 -0.0002 -0.0195 0.0156  32  TYR A CG  
174 C CD1 . TYR A 21 ? 0.1336 0.1081 0.1297 0.0202  -0.0161 0.0134  32  TYR A CD1 
175 C CD2 . TYR A 21 ? 0.1182 0.0812 0.1313 0.0004  -0.0279 0.0134  32  TYR A CD2 
176 C CE1 . TYR A 21 ? 0.1224 0.1244 0.1351 -0.0019 -0.0126 0.0161  32  TYR A CE1 
177 C CE2 . TYR A 21 ? 0.1219 0.1016 0.1126 0.0029  -0.0181 0.0239  32  TYR A CE2 
178 C CZ  . TYR A 21 ? 0.1192 0.1034 0.1170 0.0009  -0.0112 0.0171  32  TYR A CZ  
179 O OH  . TYR A 21 ? 0.1634 0.1258 0.1127 0.0129  -0.0222 0.0124  32  TYR A OH  
180 N N   . PHE A 22 ? 0.1122 0.0798 0.1192 0.0087  -0.0174 0.0177  33  PHE A N   
181 C CA  . PHE A 22 ? 0.1113 0.0994 0.1308 0.0027  -0.0038 0.0164  33  PHE A CA  
182 C C   . PHE A 22 ? 0.0993 0.0896 0.1387 0.0255  -0.0113 0.0096  33  PHE A C   
183 O O   . PHE A 22 ? 0.1074 0.1052 0.1345 0.0122  -0.0101 -0.0006 33  PHE A O   
184 C CB  . PHE A 22 ? 0.1156 0.0941 0.1479 0.0044  -0.0098 0.0209  33  PHE A CB  
185 C CG  . PHE A 22 ? 0.1259 0.0821 0.1060 -0.0065 -0.0004 0.0178  33  PHE A CG  
186 C CD1 . PHE A 22 ? 0.1290 0.0845 0.1342 -0.0053 -0.0162 0.0058  33  PHE A CD1 
187 C CD2 . PHE A 22 ? 0.1417 0.0968 0.1150 0.0100  -0.0188 0.0187  33  PHE A CD2 
188 C CE1 . PHE A 22 ? 0.1495 0.0941 0.1453 0.0194  -0.0201 0.0127  33  PHE A CE1 
189 C CE2 . PHE A 22 ? 0.1486 0.1003 0.1328 0.0180  -0.0163 0.0215  33  PHE A CE2 
190 C CZ  . PHE A 22 ? 0.1373 0.0849 0.1639 0.0065  -0.0184 0.0120  33  PHE A CZ  
191 N N   . GLU A 23 ? 0.1132 0.0923 0.1285 0.0112  -0.0090 0.0061  34  GLU A N   
192 C CA  . GLU A 23 ? 0.1225 0.0919 0.1337 0.0140  -0.0172 0.0042  34  GLU A CA  
193 C C   . GLU A 23 ? 0.1174 0.1062 0.1307 0.0050  -0.0223 -0.0006 34  GLU A C   
194 O O   . GLU A 23 ? 0.1339 0.1061 0.1481 0.0036  -0.0053 0.0043  34  GLU A O   
195 C CB  . GLU A 23 ? 0.1224 0.1019 0.1596 0.0024  -0.0327 0.0021  34  GLU A CB  
196 C CG  . GLU A 23 ? 0.1390 0.1099 0.1557 0.0085  -0.0292 0.0260  34  GLU A CG  
197 C CD  . GLU A 23 ? 0.1266 0.1083 0.1873 0.0085  -0.0299 0.0124  34  GLU A CD  
198 O OE1 . GLU A 23 ? 0.1325 0.1343 0.2826 0.0092  -0.0381 0.0201  34  GLU A OE1 
199 O OE2 . GLU A 23 ? 0.1375 0.1123 0.1545 0.0152  -0.0173 0.0113  34  GLU A OE2 
200 N N   . GLU A 24 ? 0.1268 0.1060 0.1365 0.0055  -0.0161 -0.0016 35  GLU A N   
201 C CA  . GLU A 24 ? 0.1314 0.1125 0.1547 0.0166  0.0010  -0.0131 35  GLU A CA  
202 C C   . GLU A 24 ? 0.1327 0.1138 0.1446 0.0031  -0.0145 -0.0105 35  GLU A C   
203 O O   . GLU A 24 ? 0.1314 0.1326 0.1757 0.0001  -0.0312 0.0069  35  GLU A O   
204 C CB  . GLU A 24 ? 0.1403 0.1408 0.1535 -0.0087 -0.0039 -0.0214 35  GLU A CB  
205 C CG  . GLU A 24 ? 0.1775 0.1313 0.2213 0.0233  0.0018  -0.0410 35  GLU A CG  
206 C CD  . GLU A 24 ? 0.2137 0.1864 0.1856 0.0116  -0.0184 -0.0561 35  GLU A CD  
207 O OE1 . GLU A 24 ? 0.2560 0.2322 0.2085 0.0160  -0.0033 -0.0199 35  GLU A OE1 
208 O OE2 . GLU A 24 ? 0.2331 0.2115 0.3065 -0.0001 -0.0176 -0.1149 35  GLU A OE2 
209 N N   . GLY A 25 ? 0.1336 0.1179 0.1673 -0.0083 -0.0248 0.0079  36  GLY A N   
210 C CA  . GLY A 25 ? 0.1326 0.1436 0.2095 -0.0160 -0.0089 0.0037  36  GLY A CA  
211 C C   . GLY A 25 ? 0.1289 0.1396 0.2040 -0.0060 -0.0052 0.0165  36  GLY A C   
212 O O   . GLY A 25 ? 0.1494 0.1720 0.2465 -0.0238 0.0197  0.0262  36  GLY A O   
213 N N   . ASP A 26 ? 0.1285 0.1364 0.1701 -0.0039 -0.0050 0.0108  37  ASP A N   
214 C CA  . ASP A 26 ? 0.1505 0.1506 0.1689 0.0080  0.0155  0.0179  37  ASP A CA  
215 C C   . ASP A 26 ? 0.1329 0.1277 0.1758 0.0105  0.0173  0.0134  37  ASP A C   
216 O O   . ASP A 26 ? 0.1654 0.1400 0.1734 0.0289  0.0233  0.0069  37  ASP A O   
217 C CB  . ASP A 26 ? 0.1787 0.1404 0.1574 0.0037  -0.0034 0.0145  37  ASP A CB  
218 C CG  . ASP A 26 ? 0.1429 0.1454 0.1918 0.0220  0.0145  0.0166  37  ASP A CG  
219 O OD1 . ASP A 26 ? 0.1721 0.1643 0.2742 0.0166  -0.0415 0.0479  37  ASP A OD1 
220 O OD2 . ASP A 26 ? 0.1580 0.1277 0.1872 0.0286  0.0110  0.0142  37  ASP A OD2 
221 N N   . ILE A 27 ? 0.1439 0.1634 0.1760 0.0152  0.0386  0.0266  38  ILE A N   
222 C CA  . ILE A 27 ? 0.1755 0.1616 0.1818 0.0322  0.0306  0.0308  38  ILE A CA  
223 C C   . ILE A 27 ? 0.1784 0.1652 0.1669 0.0155  0.0375  0.0357  38  ILE A C   
224 O O   . ILE A 27 ? 0.1931 0.1618 0.2510 0.0246  0.0283  0.0280  38  ILE A O   
225 C CB  . ILE A 27 ? 0.1845 0.2276 0.2268 -0.0014 0.0610  0.0596  38  ILE A CB  
226 C CG1 . ILE A 27 ? 0.1957 0.2743 0.2683 -0.0176 0.0531  0.0327  38  ILE A CG1 
227 C CG2 . ILE A 27 ? 0.2441 0.2361 0.2281 0.0096  0.0709  0.0617  38  ILE A CG2 
228 C CD1 . ILE A 27 ? 0.4078 0.3661 0.4636 0.0302  0.0040  -0.1427 38  ILE A CD1 
229 N N   . ILE A 28 ? 0.1984 0.1696 0.1569 0.0146  0.0230  0.0355  39  ILE A N   
230 C CA  . ILE A 28 ? 0.1912 0.1649 0.1433 0.0108  0.0319  0.0436  39  ILE A CA  
231 C C   . ILE A 28 ? 0.1625 0.1493 0.1633 0.0158  0.0206  0.0528  39  ILE A C   
232 O O   . ILE A 28 ? 0.2261 0.1364 0.1881 0.0052  0.0269  0.0472  39  ILE A O   
233 C CB  . ILE A 28 ? 0.1900 0.2226 0.1892 0.0101  0.0532  0.0631  39  ILE A CB  
234 C CG1 . ILE A 28 ? 0.1791 0.3693 0.1792 0.0021  0.0509  0.0672  39  ILE A CG1 
235 C CG2 . ILE A 28 ? 0.1848 0.2520 0.2089 0.0298  0.0139  0.0837  39  ILE A CG2 
236 C CD1 . ILE A 28 ? 0.3339 0.2781 0.2232 0.0879  0.1117  0.0303  39  ILE A CD1 
237 N N   . TYR A 29 ? 0.2019 0.1571 0.1498 0.0093  0.0393  0.0508  40  TYR A N   
238 C CA  . TYR A 29 ? 0.2103 0.1536 0.1648 0.0068  0.0471  0.0666  40  TYR A CA  
239 C C   . TYR A 29 ? 0.2021 0.1726 0.1620 0.0058  0.0443  0.0794  40  TYR A C   
240 O O   . TYR A 29 ? 0.2291 0.1622 0.2159 0.0104  -0.0069 0.0746  40  TYR A O   
241 C CB  . TYR A 29 ? 0.2171 0.1759 0.1628 0.0225  0.0538  0.0574  40  TYR A CB  
242 C CG  . TYR A 29 ? 0.2088 0.1974 0.1549 0.0097  0.0688  0.0375  40  TYR A CG  
243 C CD1 . TYR A 29 ? 0.2140 0.2091 0.2425 0.0566  0.0290  0.0405  40  TYR A CD1 
244 C CD2 . TYR A 29 ? 0.2340 0.2538 0.2341 -0.0310 0.1038  0.0377  40  TYR A CD2 
245 C CE1 . TYR A 29 ? 0.2148 0.2492 0.3587 0.0687  0.0024  0.0433  40  TYR A CE1 
246 C CE2 . TYR A 29 ? 0.2168 0.3041 0.2329 -0.0496 0.1287  0.0012  40  TYR A CE2 
247 C CZ  . TYR A 29 ? 0.2074 0.3271 0.2713 0.0195  0.0743  -0.0236 40  TYR A CZ  
248 O OH  . TYR A 29 ? 0.2071 0.5003 0.3558 0.0191  0.0447  -0.0581 40  TYR A OH  
249 N N   . ILE A 30 ? 0.2231 0.1660 0.1788 0.0109  0.0319  0.0846  41  ILE A N   
250 C CA  . ILE A 30 ? 0.2261 0.1603 0.1643 0.0062  0.0266  0.0691  41  ILE A CA  
251 C C   . ILE A 30 ? 0.2050 0.2131 0.1643 0.0145  0.0367  0.0805  41  ILE A C   
252 O O   . ILE A 30 ? 0.2510 0.2314 0.1836 0.0027  0.0326  0.0991  41  ILE A O   
253 C CB  . ILE A 30 ? 0.2425 0.1949 0.1915 0.0310  0.0192  0.0517  41  ILE A CB  
254 C CG1 . ILE A 30 ? 0.2691 0.2368 0.1914 0.0082  0.0571  0.0366  41  ILE A CG1 
255 C CG2 . ILE A 30 ? 0.2324 0.2316 0.2323 0.0414  0.0407  0.0824  41  ILE A CG2 
256 C CD1 . ILE A 30 ? 0.2724 0.2328 0.2369 0.0255  0.0428  0.0860  41  ILE A CD1 
257 N N   . THR A 31 ? 0.2942 0.2019 0.1735 0.0063  0.0208  0.0501  42  THR A N   
258 C CA  . THR A 31 ? 0.2911 0.2536 0.1576 0.0150  0.0472  0.0468  42  THR A CA  
259 C C   . THR A 31 ? 0.2893 0.2934 0.1871 -0.0218 0.0213  0.0818  42  THR A C   
260 O O   . THR A 31 ? 0.3439 0.3431 0.1920 0.0306  0.0159  0.0787  42  THR A O   
261 C CB  . THR A 31 ? 0.3760 0.2420 0.2394 -0.0015 0.0710  0.0136  42  THR A CB  
262 O OG1 . THR A 31 ? 0.3759 0.2570 0.2376 0.0121  0.0440  0.0603  42  THR A OG1 
263 C CG2 . THR A 31 ? 0.3634 0.2852 0.3973 0.0502  0.1304  0.0058  42  THR A CG2 
264 N N   . ASP A 32 ? 0.2843 0.2592 0.1961 0.0373  0.0095  0.0891  43  ASP A N   
265 C CA  . ASP A 32 ? 0.3084 0.2425 0.1693 0.0389  -0.0283 0.0594  43  ASP A CA  
266 C C   . ASP A 32 ? 0.2794 0.2292 0.1644 0.0235  -0.0103 0.0759  43  ASP A C   
267 O O   . ASP A 32 ? 0.3285 0.2374 0.1746 0.0262  -0.0100 0.0868  43  ASP A O   
268 C CB  . ASP A 32 ? 0.3479 0.2684 0.2057 0.0134  -0.0447 0.0407  43  ASP A CB  
269 C CG  . ASP A 32 ? 0.3569 0.3047 0.2525 0.0258  -0.0799 0.0064  43  ASP A CG  
270 O OD1 . ASP A 32 ? 0.4781 0.3835 0.4493 0.1567  -0.1695 -0.0697 43  ASP A OD1 
271 O OD2 . ASP A 32 ? 0.4062 0.5281 0.3976 0.0217  -0.1104 -0.1595 43  ASP A OD2 
272 N N   . MET A 33 ? 0.3207 0.2245 0.2151 0.0406  0.0104  0.0909  44  MET A N   
273 C CA  . MET A 33 ? 0.3359 0.2621 0.2481 0.0708  0.0063  0.0699  44  MET A CA  
274 C C   . MET A 33 ? 0.3906 0.2360 0.2705 0.0984  -0.0357 0.0759  44  MET A C   
275 O O   . MET A 33 ? 0.3745 0.2378 0.3113 0.0825  -0.0312 0.0676  44  MET A O   
276 C CB  . MET A 33 ? 0.3685 0.2704 0.4185 0.0796  0.0327  -0.0362 44  MET A CB  
277 C CG  . MET A 33 ? 0.4376 0.4075 0.4126 -0.0802 -0.0973 0.2544  44  MET A CG  
278 S SD  . MET A 33 ? 0.4288 0.3603 0.5363 -0.0377 0.0002  0.1395  44  MET A SD  
279 C CE  . MET A 33 ? 0.5010 0.4176 0.3145 0.0347  0.0867  0.1784  44  MET A CE  
280 N N   . SER A 34 ? 0.3623 0.2488 0.2097 0.1165  -0.0249 0.0887  45  SER A N   
281 C CA  . SER A 34 ? 0.3730 0.3364 0.2169 0.1213  -0.0313 0.1142  45  SER A CA  
282 C C   . SER A 34 ? 0.3465 0.2599 0.2229 0.0963  -0.0542 0.0693  45  SER A C   
283 O O   . SER A 34 ? 0.3125 0.3519 0.2976 0.0830  -0.0595 0.1188  45  SER A O   
284 C CB  . SER A 34 ? 0.3466 0.4593 0.2289 0.1449  -0.0320 0.0428  45  SER A CB  
285 O OG  . SER A 34 ? 0.4384 0.3952 0.2955 0.1300  -0.0840 -0.0223 45  SER A OG  
286 N N   . ASP A 35 ? 0.2677 0.2609 0.2210 0.0657  -0.0539 0.0633  46  ASP A N   
287 C CA  . ASP A 35 ? 0.2654 0.2337 0.2177 0.0653  -0.0634 0.0228  46  ASP A CA  
288 C C   . ASP A 35 ? 0.2794 0.2678 0.2938 0.0717  -0.0910 -0.0222 46  ASP A C   
289 O O   . ASP A 35 ? 0.2698 0.3099 0.2910 0.0463  -0.0812 0.0134  46  ASP A O   
290 C CB  . ASP A 35 ? 0.2593 0.2472 0.2220 0.0663  -0.0650 0.0539  46  ASP A CB  
291 C CG  . ASP A 35 ? 0.2374 0.3266 0.2100 0.0447  -0.0806 0.0408  46  ASP A CG  
292 O OD1 . ASP A 35 ? 0.3161 0.2481 0.2147 0.0716  -0.0858 -0.0061 46  ASP A OD1 
293 O OD2 . ASP A 35 ? 0.2461 0.3447 0.3204 -0.0011 -0.1130 0.0495  46  ASP A OD2 
294 N N   . THR A 36 ? 0.2890 0.1951 0.2319 0.0517  -0.0677 0.0317  47  THR A N   
295 C CA  . THR A 36 ? 0.2588 0.1672 0.2531 0.0375  -0.0577 0.0442  47  THR A CA  
296 C C   . THR A 36 ? 0.2015 0.1558 0.2393 0.0198  -0.0449 0.0274  47  THR A C   
297 O O   . THR A 36 ? 0.2200 0.1816 0.2407 -0.0023 -0.0408 0.0456  47  THR A O   
298 C CB  . THR A 36 ? 0.2941 0.1952 0.2778 0.0784  -0.0675 0.0277  47  THR A CB  
299 O OG1 . THR A 36 ? 0.2901 0.2460 0.3393 0.0722  -0.0434 0.0995  47  THR A OG1 
300 C CG2 . THR A 36 ? 0.3371 0.1504 0.3561 0.0418  -0.0410 0.0154  47  THR A CG2 
301 N N   . ASN A 37 ? 0.2221 0.1542 0.2336 0.0096  -0.0721 0.0339  48  ASN A N   
302 C CA  . ASN A 37 ? 0.2024 0.1363 0.2196 0.0220  -0.0510 0.0096  48  ASN A CA  
303 C C   . ASN A 37 ? 0.1848 0.1365 0.1762 0.0147  -0.0290 0.0228  48  ASN A C   
304 O O   . ASN A 37 ? 0.1626 0.1386 0.1999 -0.0026 -0.0432 0.0087  48  ASN A O   
305 C CB  . ASN A 37 ? 0.2252 0.1792 0.2466 0.0467  -0.0018 -0.0010 48  ASN A CB  
306 C CG  . ASN A 37 ? 0.2739 0.1821 0.3776 0.0390  0.0532  -0.0137 48  ASN A CG  
307 O OD1 . ASN A 37 ? 0.4461 0.1712 0.6016 0.0671  0.1623  0.0138  48  ASN A OD1 
308 N ND2 . ASN A 37 ? 0.2797 0.3032 0.2934 0.0658  0.0456  -0.0161 48  ASN A ND2 
309 N N   . TRP A 38 ? 0.1578 0.1422 0.1887 0.0130  -0.0479 0.0167  49  TRP A N   
310 C CA  . TRP A 38 ? 0.1555 0.1413 0.1724 0.0121  -0.0383 0.0087  49  TRP A CA  
311 C C   . TRP A 38 ? 0.1846 0.1428 0.1702 0.0239  -0.0380 0.0382  49  TRP A C   
312 O O   . TRP A 38 ? 0.2071 0.1889 0.1665 0.0215  -0.0387 0.0215  49  TRP A O   
313 C CB  . TRP A 38 ? 0.1939 0.1400 0.1869 -0.0064 -0.0362 0.0102  49  TRP A CB  
314 C CG  . TRP A 38 ? 0.1808 0.1276 0.2002 0.0029  -0.0251 0.0079  49  TRP A CG  
315 C CD1 . TRP A 38 ? 0.1622 0.1438 0.2345 -0.0178 -0.0233 0.0082  49  TRP A CD1 
316 C CD2 . TRP A 38 ? 0.1745 0.1133 0.1803 -0.0174 -0.0175 0.0038  49  TRP A CD2 
317 N NE1 . TRP A 38 ? 0.1630 0.1407 0.2291 -0.0139 -0.0178 -0.0116 49  TRP A NE1 
318 C CE2 . TRP A 38 ? 0.1678 0.1218 0.1999 -0.0166 -0.0197 -0.0153 49  TRP A CE2 
319 C CE3 . TRP A 38 ? 0.1627 0.1251 0.1806 -0.0164 -0.0328 0.0005  49  TRP A CE3 
320 C CZ2 . TRP A 38 ? 0.1807 0.1426 0.1900 -0.0141 0.0077  -0.0042 49  TRP A CZ2 
321 C CZ3 . TRP A 38 ? 0.1669 0.1451 0.1813 -0.0121 -0.0087 0.0134  49  TRP A CZ3 
322 C CH2 . TRP A 38 ? 0.1770 0.1560 0.1938 -0.0088 -0.0029 -0.0004 49  TRP A CH2 
323 N N   . TRP A 39 ? 0.1739 0.1445 0.1615 0.0125  -0.0147 0.0241  50  TRP A N   
324 C CA  . TRP A 39 ? 0.1980 0.1459 0.1274 0.0100  -0.0309 0.0201  50  TRP A CA  
325 C C   . TRP A 39 ? 0.2201 0.1630 0.1297 0.0378  -0.0314 0.0184  50  TRP A C   
326 O O   . TRP A 39 ? 0.2973 0.1511 0.1251 0.0325  -0.0074 0.0274  50  TRP A O   
327 C CB  . TRP A 39 ? 0.1762 0.1484 0.1859 0.0148  -0.0063 0.0468  50  TRP A CB  
328 C CG  . TRP A 39 ? 0.2062 0.1391 0.1918 0.0045  -0.0116 0.0535  50  TRP A CG  
329 C CD1 . TRP A 39 ? 0.2127 0.1384 0.2490 0.0103  -0.0431 0.0380  50  TRP A CD1 
330 C CD2 . TRP A 39 ? 0.2211 0.1531 0.1825 -0.0162 -0.0260 0.0634  50  TRP A CD2 
331 N NE1 . TRP A 39 ? 0.2373 0.1373 0.2278 0.0054  -0.0438 0.0558  50  TRP A NE1 
332 C CE2 . TRP A 39 ? 0.2302 0.1377 0.2071 -0.0147 -0.0155 0.0506  50  TRP A CE2 
333 C CE3 . TRP A 39 ? 0.2294 0.1567 0.1983 -0.0154 -0.0209 0.0486  50  TRP A CE3 
334 C CZ2 . TRP A 39 ? 0.2677 0.1554 0.2642 -0.0278 -0.0064 0.0302  50  TRP A CZ2 
335 C CZ3 . TRP A 39 ? 0.2851 0.1777 0.2111 -0.0413 -0.0415 0.0304  50  TRP A CZ3 
336 C CH2 . TRP A 39 ? 0.2975 0.1505 0.2331 -0.0449 -0.0276 0.0147  50  TRP A CH2 
337 N N   . LYS A 40 ? 0.2134 0.1688 0.1369 0.0427  -0.0057 0.0433  51  LYS A N   
338 C CA  . LYS A 40 ? 0.2112 0.1654 0.1523 0.0356  0.0197  0.0520  51  LYS A CA  
339 C C   . LYS A 40 ? 0.2050 0.1619 0.1606 0.0441  0.0401  0.0578  51  LYS A C   
340 O O   . LYS A 40 ? 0.2282 0.1700 0.2072 0.0149  0.0224  0.0602  51  LYS A O   
341 C CB  . LYS A 40 ? 0.3037 0.2387 0.1686 0.0441  0.0198  -0.0045 51  LYS A CB  
342 C CG  . LYS A 40 ? 0.5564 0.3108 0.3060 0.1913  0.0402  -0.0349 51  LYS A CG  
343 C CD  . LYS A 40 ? 0.8787 0.2664 0.6557 0.1215  -0.0412 0.0406  51  LYS A CD  
344 C CE  . LYS A 40 ? 0.8739 0.3034 0.6834 0.1968  0.0412  0.0655  51  LYS A CE  
345 N NZ  . LYS A 40 ? 0.6909 0.6089 0.8176 0.2969  0.1868  0.1249  51  LYS A NZ  
346 N N   . GLY A 41 ? 0.2201 0.1457 0.2104 0.0305  -0.0193 0.0389  52  GLY A N   
347 C CA  . GLY A 41 ? 0.2230 0.1479 0.3907 0.0385  -0.0328 0.0686  52  GLY A CA  
348 C C   . GLY A 41 ? 0.2139 0.1333 0.1363 0.0187  -0.0031 0.0240  52  GLY A C   
349 O O   . GLY A 41 ? 0.2110 0.1358 0.1802 0.0182  0.0184  0.0353  52  GLY A O   
350 N N   . THR A 42 ? 0.2184 0.1422 0.1621 0.0195  -0.0169 0.0262  53  THR A N   
351 C CA  . THR A 42 ? 0.2319 0.1576 0.1876 0.0343  -0.0118 0.0538  53  THR A CA  
352 C C   . THR A 42 ? 0.1445 0.1531 0.1742 0.0333  0.0425  0.0604  53  THR A C   
353 O O   . THR A 42 ? 0.2252 0.1514 0.1726 0.0147  0.0247  0.0609  53  THR A O   
354 C CB  . THR A 42 ? 0.2538 0.1791 0.2452 0.0229  0.0241  0.0038  53  THR A CB  
355 O OG1 . THR A 42 ? 0.4073 0.2496 0.3073 0.1192  0.0655  0.0439  53  THR A OG1 
356 C CG2 . THR A 42 ? 0.2949 0.2630 0.3419 0.0103  0.0967  0.0400  53  THR A CG2 
357 N N   . SER A 43 ? 0.1362 0.1426 0.1510 0.0162  0.0294  0.0388  54  SER A N   
358 C CA  . SER A 43 ? 0.1572 0.1516 0.1724 0.0069  0.0160  0.0297  54  SER A CA  
359 C C   . SER A 43 ? 0.1635 0.1710 0.1419 0.0114  0.0079  0.0382  54  SER A C   
360 O O   . SER A 43 ? 0.1568 0.1551 0.1778 0.0313  0.0438  0.0381  54  SER A O   
361 C CB  . SER A 43 ? 0.1803 0.1672 0.1667 0.0166  0.0052  0.0251  54  SER A CB  
362 O OG  . SER A 43 ? 0.2345 0.2261 0.1918 0.0014  -0.0252 0.0100  54  SER A OG  
363 N N   . LYS A 44 ? 0.1524 0.2348 0.2048 0.0288  0.0497  0.0513  55  LYS A N   
364 C CA  . LYS A 44 ? 0.1659 0.2342 0.2947 0.0667  0.0404  0.0105  55  LYS A CA  
365 C C   . LYS A 44 ? 0.2313 0.2391 0.3861 0.0302  0.0278  0.0068  55  LYS A C   
366 O O   . LYS A 44 ? 0.3978 0.2464 0.4652 0.0204  0.0719  0.0295  55  LYS A O   
367 C CB  . LYS A 44 ? 0.2541 0.2253 0.3056 0.0801  -0.0321 0.0888  55  LYS A CB  
368 C CG  . LYS A 44 ? 0.3454 0.3040 0.2789 0.0730  -0.0486 0.0456  55  LYS A CG  
369 C CD  . LYS A 44 ? 0.3341 0.3007 0.4655 0.0382  -0.1430 0.0892  55  LYS A CD  
370 C CE  . LYS A 44 ? 0.4663 0.3137 0.6343 0.0122  -0.1342 -0.0108 55  LYS A CE  
371 N NZ  . LYS A 44 ? 0.6843 0.4191 0.9055 -0.2010 -0.0492 -0.0456 55  LYS A NZ  
372 N N   . GLY A 45 ? 0.1721 0.3113 0.3701 0.0234  0.1238  -0.0894 56  GLY A N   
373 C CA  . GLY A 45 ? 0.2032 0.2273 0.3669 0.0252  0.1244  0.0054  56  GLY A CA  
374 C C   . GLY A 45 ? 0.2128 0.1730 0.2290 0.0424  0.0883  0.0179  56  GLY A C   
375 O O   . GLY A 45 ? 0.2534 0.2107 0.3322 0.0569  0.0822  -0.0666 56  GLY A O   
376 N N   . ARG A 46 ? 0.1882 0.1337 0.1781 0.0374  0.0421  0.0354  57  ARG A N   
377 C CA  . ARG A 46 ? 0.1885 0.1292 0.1123 0.0226  0.0315  0.0128  57  ARG A CA  
378 C C   . ARG A 46 ? 0.1852 0.1400 0.1299 0.0359  0.0607  0.0272  57  ARG A C   
379 O O   . ARG A 46 ? 0.2056 0.1442 0.1415 0.0294  0.0466  0.0355  57  ARG A O   
380 C CB  . ARG A 46 ? 0.1748 0.1315 0.1180 0.0460  0.0200  0.0162  57  ARG A CB  
381 C CG  . ARG A 46 ? 0.1552 0.1323 0.1436 0.0119  0.0275  0.0396  57  ARG A CG  
382 C CD  . ARG A 46 ? 0.1628 0.1550 0.1455 0.0186  0.0461  0.0405  57  ARG A CD  
383 N NE  . ARG A 46 ? 0.1840 0.1302 0.1398 0.0142  0.0149  0.0173  57  ARG A NE  
384 C CZ  . ARG A 46 ? 0.1757 0.1313 0.1178 0.0033  0.0239  0.0189  57  ARG A CZ  
385 N NH1 . ARG A 46 ? 0.1692 0.1493 0.1353 -0.0007 0.0127  0.0207  57  ARG A NH1 
386 N NH2 . ARG A 46 ? 0.1680 0.1569 0.1349 0.0129  0.0159  0.0356  57  ARG A NH2 
387 N N   . THR A 47 ? 0.2049 0.1386 0.1190 0.0495  0.0313  0.0157  58  THR A N   
388 C CA  . THR A 47 ? 0.2333 0.1624 0.1217 0.0531  0.0282  0.0313  58  THR A CA  
389 C C   . THR A 47 ? 0.2086 0.1286 0.1369 0.0280  -0.0155 0.0099  58  THR A C   
390 O O   . THR A 47 ? 0.2176 0.1348 0.1779 0.0257  -0.0020 0.0184  58  THR A O   
391 C CB  . THR A 47 ? 0.3022 0.2274 0.1244 0.0775  0.0014  0.0190  58  THR A CB  
392 O OG1 . THR A 47 ? 0.3878 0.3115 0.2040 0.0082  -0.0095 -0.0544 58  THR A OG1 
393 C CG2 . THR A 47 ? 0.3777 0.2330 0.1798 0.0955  0.1132  0.0389  58  THR A CG2 
394 N N   . GLY A 48 ? 0.2073 0.1419 0.1016 0.0330  0.0038  0.0094  59  GLY A N   
395 C CA  . GLY A 48 ? 0.1974 0.1297 0.1323 0.0245  -0.0114 0.0013  59  GLY A CA  
396 C C   . GLY A 48 ? 0.1915 0.1379 0.0988 0.0166  -0.0079 0.0294  59  GLY A C   
397 O O   . GLY A 48 ? 0.2021 0.1356 0.1607 0.0176  0.0156  0.0359  59  GLY A O   
398 N N   . LEU A 49 ? 0.1753 0.1158 0.1092 0.0043  -0.0180 0.0011  60  LEU A N   
399 C CA  . LEU A 49 ? 0.1914 0.1205 0.1322 0.0159  -0.0360 0.0067  60  LEU A CA  
400 C C   . LEU A 49 ? 0.1647 0.1081 0.1241 0.0101  -0.0227 0.0094  60  LEU A C   
401 O O   . LEU A 49 ? 0.1437 0.1150 0.1212 0.0153  -0.0125 0.0094  60  LEU A O   
402 C CB  . LEU A 49 ? 0.1866 0.1395 0.1564 0.0213  -0.0509 0.0096  60  LEU A CB  
403 C CG  . LEU A 49 ? 0.2066 0.1791 0.1680 0.0219  -0.0740 0.0161  60  LEU A CG  
404 C CD1 . LEU A 49 ? 0.2052 0.2304 0.2449 0.0084  -0.0772 -0.0183 60  LEU A CD1 
405 C CD2 . LEU A 49 ? 0.3182 0.2907 0.1721 -0.0442 -0.1099 0.0644  60  LEU A CD2 
406 N N   . ILE A 50 ? 0.1611 0.1142 0.1228 0.0160  -0.0165 0.0067  61  ILE A N   
407 C CA  . ILE A 50 ? 0.1641 0.1126 0.1451 0.0135  -0.0093 -0.0140 61  ILE A CA  
408 C C   . ILE A 50 ? 0.1497 0.1072 0.1382 0.0046  -0.0272 0.0067  61  ILE A C   
409 O O   . ILE A 50 ? 0.1567 0.1407 0.1377 0.0178  -0.0328 0.0124  61  ILE A O   
410 C CB  . ILE A 50 ? 0.1648 0.1436 0.2354 -0.0050 -0.0139 -0.0177 61  ILE A CB  
411 C CG1 . ILE A 50 ? 0.1753 0.1585 0.2504 0.0318  0.0235  0.0201  61  ILE A CG1 
412 C CG2 . ILE A 50 ? 0.1753 0.1650 0.3005 0.0246  -0.0331 0.0033  61  ILE A CG2 
413 C CD1 . ILE A 50 ? 0.2941 0.1641 0.2791 -0.0046 -0.0264 -0.0037 61  ILE A CD1 
414 N N   . PRO A 51 ? 0.1426 0.0996 0.1423 0.0175  -0.0176 0.0076  62  PRO A N   
415 C CA  . PRO A 51 ? 0.1667 0.0948 0.1567 0.0160  -0.0231 0.0048  62  PRO A CA  
416 C C   . PRO A 51 ? 0.1359 0.1088 0.1672 0.0273  -0.0222 0.0126  62  PRO A C   
417 O O   . PRO A 51 ? 0.1410 0.1134 0.1528 0.0166  -0.0177 -0.0006 62  PRO A O   
418 C CB  . PRO A 51 ? 0.1701 0.1249 0.1521 0.0234  -0.0110 0.0049  62  PRO A CB  
419 C CG  . PRO A 51 ? 0.1407 0.1251 0.1395 0.0113  0.0104  0.0208  62  PRO A CG  
420 C CD  . PRO A 51 ? 0.1498 0.1233 0.1407 0.0213  0.0094  0.0328  62  PRO A CD  
421 N N   . SER A 52 ? 0.1573 0.1048 0.1809 0.0073  -0.0280 0.0210  63  SER A N   
422 C CA  . SER A 52 ? 0.1861 0.1157 0.1780 0.0037  -0.0283 0.0276  63  SER A CA  
423 C C   . SER A 52 ? 0.1866 0.1022 0.1941 0.0038  -0.0355 0.0180  63  SER A C   
424 O O   . SER A 52 ? 0.1877 0.1187 0.2563 -0.0010 -0.0151 0.0039  63  SER A O   
425 C CB  . SER A 52 ? 0.1915 0.1615 0.1982 -0.0095 -0.0557 0.0492  63  SER A CB  
426 O OG  . SER A 52 ? 0.2168 0.1316 0.2188 0.0086  -0.0556 0.0290  63  SER A OG  
427 N N   . ASN A 53 ? 0.1593 0.1072 0.1977 0.0146  -0.0445 -0.0027 64  ASN A N   
428 C CA  . ASN A 53 ? 0.1533 0.1295 0.2089 0.0235  -0.0345 -0.0094 64  ASN A CA  
429 C C   . ASN A 53 ? 0.1900 0.1209 0.1996 0.0350  -0.0567 -0.0331 64  ASN A C   
430 O O   . ASN A 53 ? 0.1919 0.1483 0.2112 0.0551  -0.0475 -0.0549 64  ASN A O   
431 C CB  . ASN A 53 ? 0.1666 0.1625 0.2359 0.0136  -0.0249 -0.0359 64  ASN A CB  
432 C CG  . ASN A 53 ? 0.1363 0.1756 0.2209 0.0265  -0.0205 -0.0231 64  ASN A CG  
433 O OD1 . ASN A 53 ? 0.1578 0.1656 0.3005 0.0211  -0.0028 -0.0401 64  ASN A OD1 
434 N ND2 . ASN A 53 ? 0.2248 0.2644 0.2276 0.0553  0.0092  -0.0065 64  ASN A ND2 
435 N N   . TYR A 54 ? 0.1308 0.1185 0.1718 0.0192  -0.0279 -0.0146 65  TYR A N   
436 C CA  . TYR A 54 ? 0.1339 0.1222 0.1584 0.0155  -0.0153 -0.0064 65  TYR A CA  
437 C C   . TYR A 54 ? 0.1315 0.1057 0.1791 0.0198  -0.0112 -0.0123 65  TYR A C   
438 O O   . TYR A 54 ? 0.1371 0.1491 0.1768 0.0214  -0.0318 -0.0121 65  TYR A O   
439 C CB  . TYR A 54 ? 0.1379 0.1165 0.1679 0.0189  -0.0011 -0.0005 65  TYR A CB  
440 C CG  . TYR A 54 ? 0.1301 0.1101 0.1611 0.0064  -0.0222 -0.0210 65  TYR A CG  
441 C CD1 . TYR A 54 ? 0.1408 0.1702 0.1879 0.0226  -0.0098 -0.0104 65  TYR A CD1 
442 C CD2 . TYR A 54 ? 0.1547 0.1103 0.1352 -0.0014 -0.0183 -0.0240 65  TYR A CD2 
443 C CE1 . TYR A 54 ? 0.1390 0.2303 0.2019 0.0121  -0.0039 0.0034  65  TYR A CE1 
444 C CE2 . TYR A 54 ? 0.1478 0.1192 0.1775 -0.0098 0.0019  -0.0305 65  TYR A CE2 
445 C CZ  . TYR A 54 ? 0.1542 0.1593 0.2101 0.0039  0.0142  -0.0145 65  TYR A CZ  
446 O OH  . TYR A 54 ? 0.1727 0.2308 0.2167 -0.0037 0.0184  0.0148  65  TYR A OH  
447 N N   . VAL A 55 ? 0.1506 0.1018 0.1690 0.0077  -0.0108 -0.0085 66  VAL A N   
448 C CA  . VAL A 55 ? 0.1535 0.1175 0.1927 0.0063  -0.0084 0.0043  66  VAL A CA  
449 C C   . VAL A 55 ? 0.1796 0.1156 0.2193 0.0163  -0.0024 0.0242  66  VAL A C   
450 O O   . VAL A 55 ? 0.1785 0.1399 0.2937 0.0287  -0.0225 0.0222  66  VAL A O   
451 C CB  . VAL A 55 ? 0.1590 0.1353 0.1799 0.0140  -0.0065 0.0008  66  VAL A CB  
452 C CG1 . VAL A 55 ? 0.2310 0.1356 0.1896 0.0163  -0.0277 -0.0075 66  VAL A CG1 
453 C CG2 . VAL A 55 ? 0.1976 0.1668 0.1973 0.0026  -0.0391 0.0153  66  VAL A CG2 
454 N N   . ALA A 56 ? 0.1783 0.1086 0.2562 0.0015  -0.0062 0.0126  67  ALA A N   
455 C CA  . ALA A 56 ? 0.2297 0.1047 0.2682 -0.0111 -0.0133 0.0162  67  ALA A CA  
456 C C   . ALA A 56 ? 0.2055 0.1207 0.2734 -0.0187 -0.0180 0.0260  67  ALA A C   
457 O O   . ALA A 56 ? 0.2245 0.1284 0.2657 -0.0091 -0.0141 0.0306  67  ALA A O   
458 C CB  . ALA A 56 ? 0.3328 0.1613 0.3168 -0.0594 0.0135  -0.0437 67  ALA A CB  
459 N N   . GLU A 57 ? 0.2539 0.1605 0.3050 -0.0096 -0.0141 0.0750  68  GLU A N   
460 C CA  . GLU A 57 ? 0.2967 0.1821 0.3351 -0.0044 0.0246  0.0851  68  GLU A CA  
461 C C   . GLU A 57 ? 0.3022 0.2257 0.3797 -0.0552 0.0569  0.0111  68  GLU A C   
462 O O   . GLU A 57 ? 0.3359 0.2664 0.5659 -0.1187 0.0974  -0.0947 68  GLU A O   
463 C CB  . GLU A 57 ? 0.4225 0.2782 0.4055 0.0103  0.0711  0.1895  68  GLU A CB  
464 C CG  . GLU A 57 ? 0.5978 0.5206 0.3605 -0.0874 0.0567  0.1730  68  GLU A CG  
465 C CD  . GLU A 57 ? 0.7835 0.5497 0.3996 -0.0944 0.0301  0.2183  68  GLU A CD  
466 O OE1 . GLU A 57 ? 0.9872 0.7271 0.3935 -0.0230 -0.0783 0.1935  68  GLU A OE1 
467 O OE2 . GLU A 57 ? 0.8074 0.5226 0.7542 -0.0652 0.0303  0.2394  68  GLU A OE2 
468 N N   . GLN A 58 ? 0.2638 0.2513 0.3446 -0.0835 0.0616  0.0167  69  GLN A N   
469 C CA  . GLN A 58 ? 0.2703 0.3212 0.5211 -0.1143 0.0249  0.0052  69  GLN A CA  
470 C C   . GLN A 58 ? 0.2319 0.5340 0.6127 -0.0982 0.0827  0.0841  69  GLN A C   
471 O O   . GLN A 58 ? 0.4982 0.3662 0.5948 -0.0600 0.1826  0.0601  69  GLN A O   
472 C CB  . GLN A 58 ? 0.3376 0.4067 0.5416 -0.0239 -0.0869 -0.0279 69  GLN A CB  
473 C CG  . GLN A 58 ? 0.3784 0.7246 0.6541 -0.0496 -0.1805 0.0913  69  GLN A CG  
474 C CD  . GLN A 58 ? 0.4253 0.7423 0.7041 -0.0838 -0.1895 0.1706  69  GLN A CD  
475 O OE1 . GLN A 58 ? 0.4799 0.6005 0.6989 -0.0177 -0.0347 0.0444  69  GLN A OE1 
476 N NE2 . GLN A 58 ? 0.5419 0.7743 0.7372 -0.1361 -0.2962 0.1885  69  GLN A NE2 
477 O OXT . GLN A 58 ? 0.4231 0.7741 0.7572 0.0611  0.2361  0.0545  69  GLN A OXT 
478 O O   . HOH B .  ? 0.1728 0.1290 0.1644 0.0119  0.0179  0.0140  101 HOH A O   
479 O O   . HOH B .  ? 0.1546 0.1130 0.2158 -0.0100 0.0058  0.0281  102 HOH A O   
480 O O   . HOH B .  ? 0.1808 0.1358 0.2067 0.0109  -0.0386 0.0058  103 HOH A O   
481 O O   . HOH B .  ? 0.1888 0.1681 0.2453 0.0056  0.0376  -0.0212 104 HOH A O   
482 O O   . HOH B .  ? 0.3316 0.1648 0.1587 0.0339  -0.0362 -0.0499 105 HOH A O   
483 O O   . HOH B .  ? 0.2317 0.1792 0.1809 0.0525  -0.0223 0.0175  106 HOH A O   
484 O O   . HOH B .  ? 0.2623 0.1729 0.1456 0.0746  0.0134  0.0361  107 HOH A O   
485 O O   . HOH B .  ? 0.2039 0.1588 0.2996 0.0315  -0.0964 -0.0226 108 HOH A O   
486 O O   . HOH B .  ? 0.2358 0.1514 0.2785 -0.0006 0.0102  -0.0001 109 HOH A O   
487 O O   . HOH B .  ? 0.3355 0.1693 0.3124 0.0691  -0.1299 -0.0666 110 HOH A O   
488 O O   . HOH B .  ? 0.3981 0.2582 0.1884 -0.0792 -0.0192 0.0193  111 HOH A O   
489 O O   . HOH B .  ? 0.2837 0.2372 0.1797 0.0436  -0.0626 0.0549  112 HOH A O   
490 O O   . HOH B .  ? 0.3868 0.2333 0.2707 -0.0339 -0.1564 0.0518  113 HOH A O   
491 O O   . HOH B .  ? 0.2980 0.1949 0.2685 0.0080  -0.0594 0.0508  114 HOH A O   
492 O O   . HOH B .  ? 0.2682 0.2721 0.2415 -0.0077 0.0181  -0.0391 115 HOH A O   
493 O O   . HOH B .  ? 0.2835 0.2382 0.2705 0.0213  0.0114  -0.0519 116 HOH A O   
494 O O   . HOH B .  ? 0.2574 0.2168 0.3742 0.0335  0.0437  0.0543  117 HOH A O   
495 O O   . HOH B .  ? 0.2640 0.3147 0.4527 0.0167  -0.0395 -0.0487 118 HOH A O   
496 O O   . HOH B .  ? 0.3158 0.1992 0.3785 -0.0157 -0.0291 -0.0868 119 HOH A O   
497 O O   . HOH B .  ? 0.3072 0.1710 0.4635 0.0067  -0.0413 0.0074  120 HOH A O   
498 O O   . HOH B .  ? 0.2550 0.4678 0.3989 0.1101  0.0102  0.0306  121 HOH A O   
499 O O   . HOH B .  ? 0.3378 0.2019 0.4396 -0.0465 -0.1329 -0.0635 122 HOH A O   
500 O O   . HOH B .  ? 0.2996 0.4615 0.2585 0.1163  -0.0590 -0.0938 123 HOH A O   
501 O O   . HOH B .  ? 0.3052 0.3871 0.3489 0.1684  0.0544  0.1037  124 HOH A O   
502 O O   . HOH B .  ? 0.2957 0.2849 0.3115 0.0212  -0.0627 0.0474  125 HOH A O   
503 O O   . HOH B .  ? 0.2569 0.4048 0.3740 -0.0018 -0.0160 0.0249  126 HOH A O   
504 O O   . HOH B .  ? 0.3839 0.2975 0.3574 0.0298  -0.0162 0.1476  127 HOH A O   
505 O O   . HOH B .  ? 0.2427 0.3396 0.4224 0.0217  -0.0590 -0.0120 128 HOH A O   
506 O O   . HOH B .  ? 0.4611 0.3872 0.2256 -0.0698 -0.0638 -0.0386 129 HOH A O   
507 O O   . HOH B .  ? 0.4262 0.3733 0.3832 -0.0551 0.1183  0.1003  130 HOH A O   
508 O O   . HOH B .  ? 0.4352 0.4010 0.5197 0.0149  0.0112  -0.0306 131 HOH A O   
509 O O   . HOH B .  ? 0.4703 0.2538 0.3172 0.0016  0.0698  -0.0203 132 HOH A O   
510 O O   . HOH B .  ? 0.3884 0.5049 0.3420 -0.0725 -0.1546 0.1295  133 HOH A O   
511 O O   . HOH B .  ? 0.5017 0.2305 0.3389 -0.0689 -0.0301 0.1237  134 HOH A O   
512 O O   . HOH B .  ? 0.4116 0.2597 0.4157 0.0693  -0.0146 0.0456  135 HOH A O   
513 O O   . HOH B .  ? 0.6371 0.2788 0.4844 -0.1620 0.0122  0.0238  136 HOH A O   
514 O O   . HOH B .  ? 0.3233 0.5301 0.5879 0.1026  -0.0180 0.0047  137 HOH A O   
515 O O   . HOH B .  ? 0.3542 0.3127 0.3498 0.0548  0.0061  -0.0720 138 HOH A O   
516 O O   . HOH B .  ? 0.4151 0.3422 0.3507 -0.0266 -0.0466 0.0956  139 HOH A O   
517 O O   . HOH B .  ? 0.5396 0.9646 0.5819 0.0570  0.0149  0.0113  140 HOH A O   
518 O O   . HOH B .  ? 0.6508 0.2829 0.4329 -0.1585 -0.1334 0.1002  141 HOH A O   
519 O O   . HOH B .  ? 0.2733 0.3008 0.3932 -0.0696 -0.0596 0.0341  142 HOH A O   
520 O O   . HOH B .  ? 0.4177 0.4143 0.5828 -0.0619 -0.0133 0.0297  143 HOH A O   
521 O O   . HOH B .  ? 0.5643 0.6568 0.3283 -0.1380 0.0993  0.0819  144 HOH A O   
522 O O   . HOH B .  ? 0.5855 0.6700 0.3660 0.0279  -0.0210 -0.0899 145 HOH A O   
523 O O   . HOH B .  ? 0.5009 0.5736 0.2351 0.1032  0.0518  0.1128  146 HOH A O   
524 O O   . HOH B .  ? 0.5078 0.5786 0.3152 0.0447  0.0860  -0.0186 147 HOH A O   
525 O O   . HOH B .  ? 0.3254 0.3803 0.5192 0.0062  -0.1017 0.1914  148 HOH A O   
526 O O   . HOH B .  ? 0.5879 0.4779 0.5336 -0.0554 0.1809  -0.1036 149 HOH A O   
527 O O   . HOH B .  ? 0.4756 0.3557 0.4762 0.1379  0.0442  -0.0159 150 HOH A O   
528 O O   . HOH B .  ? 0.3113 0.4459 0.5534 -0.0008 0.0893  -0.1294 151 HOH A O   
529 O O   . HOH B .  ? 0.4626 0.3344 0.3678 -0.0348 -0.0237 0.0801  152 HOH A O   
530 O O   . HOH B .  ? 0.3351 0.2756 0.6879 0.0098  0.0135  0.0705  153 HOH A O   
531 O O   . HOH B .  ? 0.5238 0.5506 0.7426 -0.2860 -0.0648 0.1621  154 HOH A O   
532 O O   . HOH B .  ? 0.4837 0.4709 0.6738 0.0160  0.1131  -0.0147 155 HOH A O   
533 O O   . HOH B .  ? 0.3510 0.4274 0.5350 -0.0642 0.0821  -0.0133 156 HOH A O   
534 O O   . HOH B .  ? 0.5182 0.6797 0.7262 0.2394  -0.1456 0.0215  157 HOH A O   
535 O O   . HOH B .  ? 0.6559 0.6420 0.5368 0.0901  -0.0714 0.0728  158 HOH A O   
536 O O   . HOH B .  ? 0.6620 0.4534 0.5107 -0.0611 0.0147  -0.0687 159 HOH A O   
537 O O   . HOH B .  ? 0.8210 0.7676 0.6488 0.1059  -0.0173 0.1450  160 HOH A O   
538 O O   . HOH B .  ? 0.5521 0.7400 0.6407 0.0426  -0.1074 -0.0424 161 HOH A O   
539 O O   . HOH B .  ? 0.8797 0.5236 0.8621 0.1567  -0.0583 -0.0061 162 HOH A O   
540 O O   . HOH B .  ? 0.7301 0.6979 0.6129 0.0504  -0.0537 -0.0872 163 HOH A O   
541 O O   . HOH B .  ? 0.2767 0.1851 0.2123 -0.0403 0.0101  -0.0058 164 HOH A O   
542 O O   . HOH B .  ? 0.2126 0.2133 0.3338 0.0037  0.0031  0.0392  165 HOH A O   
543 O O   . HOH B .  ? 0.4289 0.3990 0.5866 0.0502  -0.0647 0.1290  166 HOH A O   
544 O O   . HOH B .  ? 0.3158 0.2183 0.4951 -0.0068 -0.0144 -0.0734 167 HOH A O   
545 O O   . HOH B .  ? 0.4939 0.7533 0.7264 -0.0231 0.0193  0.0276  168 HOH A O   
546 O O   . HOH B .  ? 0.4878 0.4161 0.4776 0.0569  0.0796  -0.0410 169 HOH A O   
547 O O   . HOH B .  ? 0.4273 0.3764 0.8503 0.0224  0.0067  0.0776  170 HOH A O   
548 O O   . HOH B .  ? 0.4108 0.6252 0.9458 0.0117  -0.0547 0.0051  171 HOH A O   
549 O O   . HOH B .  ? 0.3442 0.5173 0.4071 -0.0088 -0.0492 0.1116  172 HOH A O   
550 O O   . HOH B .  ? 0.5806 0.3346 0.2966 0.0756  0.0321  0.0277  173 HOH A O   
551 O O   . HOH B .  ? 0.8955 0.5405 0.7382 -0.0494 -0.0132 -0.1151 174 HOH A O   
552 O O   . HOH B .  ? 0.6647 0.3801 0.4783 0.1330  -0.0540 0.0133  175 HOH A O   
553 O O   . HOH B .  ? 0.4868 0.4783 0.4427 -0.0585 -0.1937 0.1551  176 HOH A O   
554 O O   . HOH B .  ? 0.3983 0.4696 0.5376 0.0609  -0.0345 -0.0197 177 HOH A O   
555 O O   . HOH B .  ? 0.5152 0.5927 0.5667 0.0576  0.0089  -0.1223 178 HOH A O   
556 O O   . HOH B .  ? 0.9073 0.8152 0.8412 0.0423  -0.0855 -0.0464 179 HOH A O   
557 O O   . HOH B .  ? 0.4987 0.3603 0.6234 0.1456  -0.1218 -0.0252 180 HOH A O   
558 O O   . HOH B .  ? 0.4942 0.6428 0.6790 -0.0190 -0.0744 -0.0071 181 HOH A O   
559 O O   . HOH B .  ? 0.5032 0.3568 0.6499 -0.1055 0.1665  0.0040  182 HOH A O   
560 O O   . HOH B .  ? 0.7701 0.8465 0.8256 0.1486  -0.0481 0.0099  183 HOH A O   
561 O O   . HOH B .  ? 0.3592 0.4823 0.3484 -0.0350 -0.0244 -0.0131 184 HOH A O   
562 O O   . HOH B .  ? 0.5675 0.6224 0.8190 0.0069  -0.0331 -0.1257 185 HOH A O   
563 O O   . HOH B .  ? 0.6173 0.6854 0.4396 0.1101  -0.0009 -0.1413 186 HOH A O   
564 O O   . HOH B .  ? 0.6847 0.6542 0.5959 -0.0373 0.0636  -0.0050 187 HOH A O   
565 O O   . HOH B .  ? 0.6947 0.6004 0.5838 -0.0813 -0.0399 0.0735  188 HOH A O   
566 O O   . HOH B .  ? 0.7612 0.6296 0.6453 0.0304  0.0027  -0.0591 189 HOH A O   
567 O O   . HOH B .  ? 0.3227 0.4870 0.4610 -0.0102 -0.0010 0.0689  190 HOH A O   
568 O O   . HOH B .  ? 0.6875 0.7491 0.5598 0.2663  -0.1410 0.0550  191 HOH A O   
569 O O   . HOH B .  ? 0.4100 0.6483 0.7405 -0.0252 -0.1483 0.1014  192 HOH A O   
570 O O   . HOH B .  ? 0.7011 0.7771 0.6616 0.0514  -0.0857 -0.0129 193 HOH A O   
571 O O   . HOH B .  ? 0.9627 1.0087 0.7847 -0.0116 0.0132  -0.0034 194 HOH A O   
572 O O   . HOH B .  ? 0.6492 0.7782 0.5492 0.0350  -0.1563 0.1410  195 HOH A O   
573 O O   . HOH B .  ? 0.2501 0.2427 0.2494 0.0361  0.0804  0.0989  196 HOH A O   
574 O O   . HOH B .  ? 0.2618 0.3066 0.3651 -0.0176 -0.0754 0.0173  197 HOH A O   
575 O O   . HOH B .  ? 0.2414 0.3222 0.2660 -0.1076 0.0515  -0.1250 198 HOH A O   
576 O O   . HOH B .  ? 0.3524 0.2654 0.8174 -0.0388 -0.1573 -0.1788 199 HOH A O   
577 O O   . HOH B .  ? 0.5258 0.3541 0.3715 -0.2458 0.0537  -0.0647 200 HOH A O   
578 O O   . HOH B .  ? 0.4338 0.4743 0.4457 -0.0236 0.0526  -0.0320 201 HOH A O   
579 O O   . HOH B .  ? 0.4496 0.3911 0.5416 -0.0712 0.0122  0.0574  202 HOH A O   
580 O O   . HOH B .  ? 0.5558 0.3295 0.7642 -0.1015 0.0553  0.0232  203 HOH A O   
581 O O   . HOH B .  ? 0.5188 0.6738 0.5130 0.0780  -0.0071 -0.0575 204 HOH A O   
582 O O   . HOH B .  ? 0.7407 0.3881 0.4034 -0.1791 0.0509  -0.0469 205 HOH A O   
583 O O   . HOH B .  ? 0.5820 0.5683 0.8308 0.1242  -0.0118 0.0983  206 HOH A O   
584 O O   . HOH B .  ? 0.5101 0.6521 0.5315 0.1122  0.0464  0.0793  207 HOH A O   
585 O O   . HOH B .  ? 0.6049 0.4972 0.4249 0.1383  -0.0757 0.1413  208 HOH A O   
586 O O   . HOH B .  ? 0.5481 0.5139 0.4011 -0.1289 0.0875  0.0621  209 HOH A O   
587 O O   . HOH B .  ? 0.6809 0.8896 0.9185 -0.1254 -0.0463 -0.0025 210 HOH A O   
588 O O   . HOH B .  ? 0.7094 0.6699 0.6072 -0.0068 0.0092  -0.0808 211 HOH A O   
589 O O   . HOH B .  ? 0.6465 0.6891 0.7065 0.1261  -0.0465 -0.0652 212 HOH A O   
590 O O   . HOH B .  ? 0.7770 0.8635 0.8401 0.0201  -0.0568 0.1083  213 HOH A O   
591 O O   . HOH B .  ? 0.5281 0.6431 0.7213 0.0497  -0.0430 0.1348  214 HOH A O   
592 O O   . HOH B .  ? 0.4328 0.6026 0.5904 -0.0366 -0.0625 0.0258  215 HOH A O   
593 O O   . HOH B .  ? 0.6921 0.7083 0.6948 -0.0237 -0.0528 -0.0264 216 HOH A O   
594 O O   . HOH B .  ? 0.6668 0.5016 0.6490 0.0416  -0.0889 0.1532  217 HOH A O   
595 O O   . HOH B .  ? 0.5786 0.5706 0.7336 -0.0288 -0.0196 -0.1099 218 HOH A O   
596 O O   . HOH B .  ? 0.5494 0.7723 0.8031 0.0332  0.1387  -0.0758 219 HOH A O   
597 O O   . HOH B .  ? 0.6100 0.5044 0.7405 0.1614  -0.0431 -0.0199 220 HOH A O   
598 O O   . HOH B .  ? 0.8736 0.5592 0.8661 -0.0741 0.0152  -0.0606 221 HOH A O   
599 O O   . HOH B .  ? 0.6500 0.6846 0.4249 -0.0881 0.0711  0.0519  222 HOH A O   
600 O O   . HOH B .  ? 0.6473 0.8913 0.6678 0.1120  -0.0488 0.0795  223 HOH A O   
601 O O   . HOH B .  ? 0.5664 0.6176 0.6313 -0.0505 0.0289  0.0181  224 HOH A O   
602 O O   . HOH B .  ? 0.6142 0.5796 0.8828 -0.0406 -0.0333 -0.0093 225 HOH A O   
603 O O   . HOH B .  ? 0.5187 0.4924 0.6498 0.0212  -0.0373 -0.1862 226 HOH A O   
604 O O   . HOH B .  ? 0.9599 0.8937 0.8149 0.1312  -0.0002 -0.0267 227 HOH A O   
605 O O   . HOH B .  ? 0.6784 0.5010 0.6929 -0.0425 0.1158  -0.0208 228 HOH A O   
606 O O   . HOH B .  ? 0.5200 0.7982 0.5146 -0.0428 -0.1967 0.1042  229 HOH A O   
607 O O   . HOH B .  ? 0.7295 0.5610 0.6843 -0.0692 0.0558  -0.0603 230 HOH A O   
# 
loop_
_pdbx_poly_seq_scheme.asym_id 
_pdbx_poly_seq_scheme.entity_id 
_pdbx_poly_seq_scheme.seq_id 
_pdbx_poly_seq_scheme.mon_id 
_pdbx_poly_seq_scheme.ndb_seq_num 
_pdbx_poly_seq_scheme.pdb_seq_num 
_pdbx_poly_seq_scheme.auth_seq_num 
_pdbx_poly_seq_scheme.pdb_mon_id 
_pdbx_poly_seq_scheme.auth_mon_id 
_pdbx_poly_seq_scheme.pdb_strand_id 
_pdbx_poly_seq_scheme.pdb_ins_code 
_pdbx_poly_seq_scheme.hetero 
A 1 1  GLY 1  12 12 GLY GLY A . n 
A 1 2  GLN 2  13 13 GLN GLN A . n 
A 1 3  VAL 3  14 14 VAL VAL A . n 
A 1 4  LYS 4  15 15 LYS LYS A . n 
A 1 5  VAL 5  16 16 VAL VAL A . n 
A 1 6  PHE 6  17 17 PHE PHE A . n 
A 1 7  ARG 7  18 18 ARG ARG A . n 
A 1 8  ALA 8  19 19 ALA ALA A . n 
A 1 9  LEU 9  20 20 LEU LEU A . n 
A 1 10 TYR 10 21 21 TYR TYR A . n 
A 1 11 THR 11 22 22 THR THR A . n 
A 1 12 PHE 12 23 23 PHE PHE A . n 
A 1 13 GLU 13 24 24 GLU GLU A . n 
A 1 14 PRO 14 25 25 PRO PRO A . n 
A 1 15 ARG 15 26 26 ARG ARG A . n 
A 1 16 THR 16 27 27 THR THR A . n 
A 1 17 PRO 17 28 28 PRO PRO A . n 
A 1 18 ASP 18 29 29 ASP ASP A . n 
A 1 19 GLU 19 30 30 GLU GLU A . n 
A 1 20 LEU 20 31 31 LEU LEU A . n 
A 1 21 TYR 21 32 32 TYR TYR A . n 
A 1 22 PHE 22 33 33 PHE PHE A . n 
A 1 23 GLU 23 34 34 GLU GLU A . n 
A 1 24 GLU 24 35 35 GLU GLU A . n 
A 1 25 GLY 25 36 36 GLY GLY A . n 
A 1 26 ASP 26 37 37 ASP ASP A . n 
A 1 27 ILE 27 38 38 ILE ILE A . n 
A 1 28 ILE 28 39 39 ILE ILE A . n 
A 1 29 TYR 29 40 40 TYR TYR A . n 
A 1 30 ILE 30 41 41 ILE ILE A . n 
A 1 31 THR 31 42 42 THR THR A . n 
A 1 32 ASP 32 43 43 ASP ASP A . n 
A 1 33 MET 33 44 44 MET MET A . n 
A 1 34 SER 34 45 45 SER SER A . n 
A 1 35 ASP 35 46 46 ASP ASP A . n 
A 1 36 THR 36 47 47 THR THR A . n 
A 1 37 ASN 37 48 48 ASN ASN A . n 
A 1 38 TRP 38 49 49 TRP TRP A . n 
A 1 39 TRP 39 50 50 TRP TRP A . n 
A 1 40 LYS 40 51 51 LYS LYS A . n 
A 1 41 GLY 41 52 52 GLY GLY A . n 
A 1 42 THR 42 53 53 THR THR A . n 
A 1 43 SER 43 54 54 SER SER A . n 
A 1 44 LYS 44 55 55 LYS LYS A . n 
A 1 45 GLY 45 56 56 GLY GLY A . n 
A 1 46 ARG 46 57 57 ARG ARG A . n 
A 1 47 THR 47 58 58 THR THR A . n 
A 1 48 GLY 48 59 59 GLY GLY A . n 
A 1 49 LEU 49 60 60 LEU LEU A . n 
A 1 50 ILE 50 61 61 ILE ILE A . n 
A 1 51 PRO 51 62 62 PRO PRO A . n 
A 1 52 SER 52 63 63 SER SER A . n 
A 1 53 ASN 53 64 64 ASN ASN A . n 
A 1 54 TYR 54 65 65 TYR TYR A . n 
A 1 55 VAL 55 66 66 VAL VAL A . n 
A 1 56 ALA 56 67 67 ALA ALA A . n 
A 1 57 GLU 57 68 68 GLU GLU A . n 
A 1 58 GLN 58 69 69 GLN GLN A . n 
# 
loop_
_pdbx_nonpoly_scheme.asym_id 
_pdbx_nonpoly_scheme.entity_id 
_pdbx_nonpoly_scheme.mon_id 
_pdbx_nonpoly_scheme.ndb_seq_num 
_pdbx_nonpoly_scheme.pdb_seq_num 
_pdbx_nonpoly_scheme.auth_seq_num 
_pdbx_nonpoly_scheme.pdb_mon_id 
_pdbx_nonpoly_scheme.auth_mon_id 
_pdbx_nonpoly_scheme.pdb_strand_id 
_pdbx_nonpoly_scheme.pdb_ins_code 
B 2 HOH 1   101 101 HOH HOH A . 
B 2 HOH 2   102 102 HOH HOH A . 
B 2 HOH 3   103 103 HOH HOH A . 
B 2 HOH 4   104 104 HOH HOH A . 
B 2 HOH 5   105 105 HOH HOH A . 
B 2 HOH 6   106 106 HOH HOH A . 
B 2 HOH 7   107 107 HOH HOH A . 
B 2 HOH 8   108 108 HOH HOH A . 
B 2 HOH 9   109 109 HOH HOH A . 
B 2 HOH 10  110 110 HOH HOH A . 
B 2 HOH 11  111 111 HOH HOH A . 
B 2 HOH 12  112 112 HOH HOH A . 
B 2 HOH 13  113 113 HOH HOH A . 
B 2 HOH 14  114 114 HOH HOH A . 
B 2 HOH 15  115 115 HOH HOH A . 
B 2 HOH 16  116 116 HOH HOH A . 
B 2 HOH 17  117 117 HOH HOH A . 
B 2 HOH 18  118 118 HOH HOH A . 
B 2 HOH 19  119 119 HOH HOH A . 
B 2 HOH 20  120 120 HOH HOH A . 
B 2 HOH 21  121 121 HOH HOH A . 
B 2 HOH 22  122 122 HOH HOH A . 
B 2 HOH 23  123 123 HOH HOH A . 
B 2 HOH 24  124 124 HOH HOH A . 
B 2 HOH 25  125 125 HOH HOH A . 
B 2 HOH 26  126 126 HOH HOH A . 
B 2 HOH 27  127 127 HOH HOH A . 
B 2 HOH 28  128 128 HOH HOH A . 
B 2 HOH 29  129 129 HOH HOH A . 
B 2 HOH 30  130 130 HOH HOH A . 
B 2 HOH 31  131 131 HOH HOH A . 
B 2 HOH 32  132 132 HOH HOH A . 
B 2 HOH 33  133 133 HOH HOH A . 
B 2 HOH 34  134 134 HOH HOH A . 
B 2 HOH 35  135 135 HOH HOH A . 
B 2 HOH 36  136 136 HOH HOH A . 
B 2 HOH 37  137 137 HOH HOH A . 
B 2 HOH 38  138 138 HOH HOH A . 
B 2 HOH 39  139 139 HOH HOH A . 
B 2 HOH 40  140 140 HOH HOH A . 
B 2 HOH 41  141 141 HOH HOH A . 
B 2 HOH 42  142 142 HOH HOH A . 
B 2 HOH 43  143 143 HOH HOH A . 
B 2 HOH 44  144 144 HOH HOH A . 
B 2 HOH 45  145 145 HOH HOH A . 
B 2 HOH 46  146 146 HOH HOH A . 
B 2 HOH 47  147 147 HOH HOH A . 
B 2 HOH 48  148 148 HOH HOH A . 
B 2 HOH 49  149 149 HOH HOH A . 
B 2 HOH 50  150 150 HOH HOH A . 
B 2 HOH 51  151 151 HOH HOH A . 
B 2 HOH 52  152 152 HOH HOH A . 
B 2 HOH 53  153 153 HOH HOH A . 
B 2 HOH 54  154 154 HOH HOH A . 
B 2 HOH 55  155 155 HOH HOH A . 
B 2 HOH 56  156 156 HOH HOH A . 
B 2 HOH 57  157 157 HOH HOH A . 
B 2 HOH 58  158 158 HOH HOH A . 
B 2 HOH 59  159 159 HOH HOH A . 
B 2 HOH 60  160 160 HOH HOH A . 
B 2 HOH 61  161 161 HOH HOH A . 
B 2 HOH 62  162 162 HOH HOH A . 
B 2 HOH 63  163 163 HOH HOH A . 
B 2 HOH 64  164 164 HOH HOH A . 
B 2 HOH 65  165 165 HOH HOH A . 
B 2 HOH 66  166 166 HOH HOH A . 
B 2 HOH 67  167 167 HOH HOH A . 
B 2 HOH 68  168 168 HOH HOH A . 
B 2 HOH 69  169 169 HOH HOH A . 
B 2 HOH 70  170 170 HOH HOH A . 
B 2 HOH 71  171 171 HOH HOH A . 
B 2 HOH 72  172 172 HOH HOH A . 
B 2 HOH 73  173 173 HOH HOH A . 
B 2 HOH 74  174 174 HOH HOH A . 
B 2 HOH 75  175 175 HOH HOH A . 
B 2 HOH 76  176 176 HOH HOH A . 
B 2 HOH 77  177 177 HOH HOH A . 
B 2 HOH 78  178 178 HOH HOH A . 
B 2 HOH 79  179 179 HOH HOH A . 
B 2 HOH 80  180 180 HOH HOH A . 
B 2 HOH 81  181 181 HOH HOH A . 
B 2 HOH 82  182 182 HOH HOH A . 
B 2 HOH 83  183 183 HOH HOH A . 
B 2 HOH 84  184 184 HOH HOH A . 
B 2 HOH 85  185 185 HOH HOH A . 
B 2 HOH 86  186 186 HOH HOH A . 
B 2 HOH 87  187 187 HOH HOH A . 
B 2 HOH 88  188 188 HOH HOH A . 
B 2 HOH 89  189 189 HOH HOH A . 
B 2 HOH 90  190 190 HOH HOH A . 
B 2 HOH 91  191 191 HOH HOH A . 
B 2 HOH 92  192 192 HOH HOH A . 
B 2 HOH 93  193 193 HOH HOH A . 
B 2 HOH 94  194 194 HOH HOH A . 
B 2 HOH 95  195 195 HOH HOH A . 
B 2 HOH 96  196 196 HOH HOH A . 
B 2 HOH 97  197 197 HOH HOH A . 
B 2 HOH 98  198 198 HOH HOH A . 
B 2 HOH 99  199 199 HOH HOH A . 
B 2 HOH 100 200 200 HOH HOH A . 
B 2 HOH 101 201 201 HOH HOH A . 
B 2 HOH 102 202 202 HOH HOH A . 
B 2 HOH 103 203 203 HOH HOH A . 
B 2 HOH 104 204 204 HOH HOH A . 
B 2 HOH 105 205 205 HOH HOH A . 
B 2 HOH 106 206 206 HOH HOH A . 
B 2 HOH 107 207 207 HOH HOH A . 
B 2 HOH 108 208 208 HOH HOH A . 
B 2 HOH 109 209 209 HOH HOH A . 
B 2 HOH 110 210 210 HOH HOH A . 
B 2 HOH 111 211 211 HOH HOH A . 
B 2 HOH 112 212 212 HOH HOH A . 
B 2 HOH 113 213 213 HOH HOH A . 
B 2 HOH 114 214 214 HOH HOH A . 
B 2 HOH 115 215 215 HOH HOH A . 
B 2 HOH 116 216 216 HOH HOH A . 
B 2 HOH 117 217 217 HOH HOH A . 
B 2 HOH 118 218 218 HOH HOH A . 
B 2 HOH 119 219 219 HOH HOH A . 
B 2 HOH 120 220 220 HOH HOH A . 
B 2 HOH 121 221 221 HOH HOH A . 
B 2 HOH 122 222 222 HOH HOH A . 
B 2 HOH 123 223 223 HOH HOH A . 
B 2 HOH 124 224 224 HOH HOH A . 
B 2 HOH 125 225 225 HOH HOH A . 
B 2 HOH 126 226 226 HOH HOH A . 
B 2 HOH 127 227 227 HOH HOH A . 
B 2 HOH 128 228 228 HOH HOH A . 
B 2 HOH 129 229 229 HOH HOH A . 
B 2 HOH 130 230 230 HOH HOH A . 
# 
_pdbx_struct_assembly.id                   1 
_pdbx_struct_assembly.details              author_defined_assembly 
_pdbx_struct_assembly.method_details       ? 
_pdbx_struct_assembly.oligomeric_details   monomeric 
_pdbx_struct_assembly.oligomeric_count     1 
# 
_pdbx_struct_assembly_gen.assembly_id       1 
_pdbx_struct_assembly_gen.oper_expression   1 
_pdbx_struct_assembly_gen.asym_id_list      A,B 
# 
_pdbx_struct_oper_list.id                   1 
_pdbx_struct_oper_list.type                 'identity operation' 
_pdbx_struct_oper_list.name                 1_555 
_pdbx_struct_oper_list.symmetry_operation   x,y,z 
_pdbx_struct_oper_list.matrix[1][1]         1.0000000000 
_pdbx_struct_oper_list.matrix[1][2]         0.0000000000 
_pdbx_struct_oper_list.matrix[1][3]         0.0000000000 
_pdbx_struct_oper_list.vector[1]            0.0000000000 
_pdbx_struct_oper_list.matrix[2][1]         0.0000000000 
_pdbx_struct_oper_list.matrix[2][2]         1.0000000000 
_pdbx_struct_oper_list.matrix[2][3]         0.0000000000 
_pdbx_struct_oper_list.vector[2]            0.0000000000 
_pdbx_struct_oper_list.matrix[3][1]         0.0000000000 
_pdbx_struct_oper_list.matrix[3][2]         0.0000000000 
_pdbx_struct_oper_list.matrix[3][3]         1.0000000000 
_pdbx_struct_oper_list.vector[3]            0.0000000000 
# 
loop_
_pdbx_struct_special_symmetry.id 
_pdbx_struct_special_symmetry.PDB_model_num 
_pdbx_struct_special_symmetry.auth_asym_id 
_pdbx_struct_special_symmetry.auth_comp_id 
_pdbx_struct_special_symmetry.auth_seq_id 
_pdbx_struct_special_symmetry.PDB_ins_code 
_pdbx_struct_special_symmetry.label_asym_id 
_pdbx_struct_special_symmetry.label_comp_id 
_pdbx_struct_special_symmetry.label_seq_id 
1 1 A HOH 198 ? B HOH . 
2 1 A HOH 201 ? B HOH . 
# 
loop_
_pdbx_audit_revision_history.ordinal 
_pdbx_audit_revision_history.data_content_type 
_pdbx_audit_revision_history.major_revision 
_pdbx_audit_revision_history.minor_revision 
_pdbx_audit_revision_history.revision_date 
1 'Structure model' 1 0 2006-05-16 
2 'Structure model' 1 1 2008-04-30 
3 'Structure model' 1 2 2011-07-13 
4 'Structure model' 1 3 2023-08-23 
# 
_pdbx_audit_revision_details.ordinal             1 
_pdbx_audit_revision_details.revision_ordinal    1 
_pdbx_audit_revision_details.data_content_type   'Structure model' 
_pdbx_audit_revision_details.provider            repository 
_pdbx_audit_revision_details.type                'Initial release' 
_pdbx_audit_revision_details.description         ? 
_pdbx_audit_revision_details.details             ? 
# 
loop_
_pdbx_audit_revision_group.ordinal 
_pdbx_audit_revision_group.revision_ordinal 
_pdbx_audit_revision_group.data_content_type 
_pdbx_audit_revision_group.group 
1 2 'Structure model' 'Version format compliance' 
2 3 'Structure model' 'Version format compliance' 
3 4 'Structure model' 'Data collection'           
4 4 'Structure model' 'Database references'       
5 4 'Structure model' 'Refinement description'    
# 
loop_
_pdbx_audit_revision_category.ordinal 
_pdbx_audit_revision_category.revision_ordinal 
_pdbx_audit_revision_category.data_content_type 
_pdbx_audit_revision_category.category 
1 4 'Structure model' chem_comp_atom                
2 4 'Structure model' chem_comp_bond                
3 4 'Structure model' database_2                    
4 4 'Structure model' pdbx_initial_refinement_model 
# 
loop_
_pdbx_audit_revision_item.ordinal 
_pdbx_audit_revision_item.revision_ordinal 
_pdbx_audit_revision_item.data_content_type 
_pdbx_audit_revision_item.item 
1 4 'Structure model' '_database_2.pdbx_DOI'                
2 4 'Structure model' '_database_2.pdbx_database_accession' 
# 
loop_
_software.name 
_software.classification 
_software.version 
_software.citation_id 
_software.pdbx_ordinal 
SHELX     'model building' . ? 1 
SHELXL-97 refinement       . ? 2 
HKL-2000  'data reduction' . ? 3 
SCALEPACK 'data scaling'   . ? 4 
CNS       phasing          . ? 5 
# 
_pdbx_validate_rmsd_angle.id                         1 
_pdbx_validate_rmsd_angle.PDB_model_num              1 
_pdbx_validate_rmsd_angle.auth_atom_id_1             CB 
_pdbx_validate_rmsd_angle.auth_asym_id_1             A 
_pdbx_validate_rmsd_angle.auth_comp_id_1             ASP 
_pdbx_validate_rmsd_angle.auth_seq_id_1              43 
_pdbx_validate_rmsd_angle.PDB_ins_code_1             ? 
_pdbx_validate_rmsd_angle.label_alt_id_1             ? 
_pdbx_validate_rmsd_angle.auth_atom_id_2             CG 
_pdbx_validate_rmsd_angle.auth_asym_id_2             A 
_pdbx_validate_rmsd_angle.auth_comp_id_2             ASP 
_pdbx_validate_rmsd_angle.auth_seq_id_2              43 
_pdbx_validate_rmsd_angle.PDB_ins_code_2             ? 
_pdbx_validate_rmsd_angle.label_alt_id_2             ? 
_pdbx_validate_rmsd_angle.auth_atom_id_3             OD1 
_pdbx_validate_rmsd_angle.auth_asym_id_3             A 
_pdbx_validate_rmsd_angle.auth_comp_id_3             ASP 
_pdbx_validate_rmsd_angle.auth_seq_id_3              43 
_pdbx_validate_rmsd_angle.PDB_ins_code_3             ? 
_pdbx_validate_rmsd_angle.label_alt_id_3             ? 
_pdbx_validate_rmsd_angle.angle_value                124.74 
_pdbx_validate_rmsd_angle.angle_target_value         118.30 
_pdbx_validate_rmsd_angle.angle_deviation            6.44 
_pdbx_validate_rmsd_angle.angle_standard_deviation   0.90 
_pdbx_validate_rmsd_angle.linker_flag                N 
# 
loop_
_chem_comp_atom.comp_id 
_chem_comp_atom.atom_id 
_chem_comp_atom.type_symbol 
_chem_comp_atom.pdbx_aromatic_flag 
_chem_comp_atom.pdbx_stereo_config 
_chem_comp_atom.pdbx_ordinal 
ALA N    N N N 1   
ALA CA   C N S 2   
ALA C    C N N 3   
ALA O    O N N 4   
ALA CB   C N N 5   
ALA OXT  O N N 6   
ALA H    H N N 7   
ALA H2   H N N 8   
ALA HA   H N N 9   
ALA HB1  H N N 10  
ALA HB2  H N N 11  
ALA HB3  H N N 12  
ALA HXT  H N N 13  
ARG N    N N N 14  
ARG CA   C N S 15  
ARG C    C N N 16  
ARG O    O N N 17  
ARG CB   C N N 18  
ARG CG   C N N 19  
ARG CD   C N N 20  
ARG NE   N N N 21  
ARG CZ   C N N 22  
ARG NH1  N N N 23  
ARG NH2  N N N 24  
ARG OXT  O N N 25  
ARG H    H N N 26  
ARG H2   H N N 27  
ARG HA   H N N 28  
ARG HB2  H N N 29  
ARG HB3  H N N 30  
ARG HG2  H N N 31  
ARG HG3  H N N 32  
ARG HD2  H N N 33  
ARG HD3  H N N 34  
ARG HE   H N N 35  
ARG HH11 H N N 36  
ARG HH12 H N N 37  
ARG HH21 H N N 38  
ARG HH22 H N N 39  
ARG HXT  H N N 40  
ASN N    N N N 41  
ASN CA   C N S 42  
ASN C    C N N 43  
ASN O    O N N 44  
ASN CB   C N N 45  
ASN CG   C N N 46  
ASN OD1  O N N 47  
ASN ND2  N N N 48  
ASN OXT  O N N 49  
ASN H    H N N 50  
ASN H2   H N N 51  
ASN HA   H N N 52  
ASN HB2  H N N 53  
ASN HB3  H N N 54  
ASN HD21 H N N 55  
ASN HD22 H N N 56  
ASN HXT  H N N 57  
ASP N    N N N 58  
ASP CA   C N S 59  
ASP C    C N N 60  
ASP O    O N N 61  
ASP CB   C N N 62  
ASP CG   C N N 63  
ASP OD1  O N N 64  
ASP OD2  O N N 65  
ASP OXT  O N N 66  
ASP H    H N N 67  
ASP H2   H N N 68  
ASP HA   H N N 69  
ASP HB2  H N N 70  
ASP HB3  H N N 71  
ASP HD2  H N N 72  
ASP HXT  H N N 73  
GLN N    N N N 74  
GLN CA   C N S 75  
GLN C    C N N 76  
GLN O    O N N 77  
GLN CB   C N N 78  
GLN CG   C N N 79  
GLN CD   C N N 80  
GLN OE1  O N N 81  
GLN NE2  N N N 82  
GLN OXT  O N N 83  
GLN H    H N N 84  
GLN H2   H N N 85  
GLN HA   H N N 86  
GLN HB2  H N N 87  
GLN HB3  H N N 88  
GLN HG2  H N N 89  
GLN HG3  H N N 90  
GLN HE21 H N N 91  
GLN HE22 H N N 92  
GLN HXT  H N N 93  
GLU N    N N N 94  
GLU CA   C N S 95  
GLU C    C N N 96  
GLU O    O N N 97  
GLU CB   C N N 98  
GLU CG   C N N 99  
GLU CD   C N N 100 
GLU OE1  O N N 101 
GLU OE2  O N N 102 
GLU OXT  O N N 103 
GLU H    H N N 104 
GLU H2   H N N 105 
GLU HA   H N N 106 
GLU HB2  H N N 107 
GLU HB3  H N N 108 
GLU HG2  H N N 109 
GLU HG3  H N N 110 
GLU HE2  H N N 111 
GLU HXT  H N N 112 
GLY N    N N N 113 
GLY CA   C N N 114 
GLY C    C N N 115 
GLY O    O N N 116 
GLY OXT  O N N 117 
GLY H    H N N 118 
GLY H2   H N N 119 
GLY HA2  H N N 120 
GLY HA3  H N N 121 
GLY HXT  H N N 122 
HOH O    O N N 123 
HOH H1   H N N 124 
HOH H2   H N N 125 
ILE N    N N N 126 
ILE CA   C N S 127 
ILE C    C N N 128 
ILE O    O N N 129 
ILE CB   C N S 130 
ILE CG1  C N N 131 
ILE CG2  C N N 132 
ILE CD1  C N N 133 
ILE OXT  O N N 134 
ILE H    H N N 135 
ILE H2   H N N 136 
ILE HA   H N N 137 
ILE HB   H N N 138 
ILE HG12 H N N 139 
ILE HG13 H N N 140 
ILE HG21 H N N 141 
ILE HG22 H N N 142 
ILE HG23 H N N 143 
ILE HD11 H N N 144 
ILE HD12 H N N 145 
ILE HD13 H N N 146 
ILE HXT  H N N 147 
LEU N    N N N 148 
LEU CA   C N S 149 
LEU C    C N N 150 
LEU O    O N N 151 
LEU CB   C N N 152 
LEU CG   C N N 153 
LEU CD1  C N N 154 
LEU CD2  C N N 155 
LEU OXT  O N N 156 
LEU H    H N N 157 
LEU H2   H N N 158 
LEU HA   H N N 159 
LEU HB2  H N N 160 
LEU HB3  H N N 161 
LEU HG   H N N 162 
LEU HD11 H N N 163 
LEU HD12 H N N 164 
LEU HD13 H N N 165 
LEU HD21 H N N 166 
LEU HD22 H N N 167 
LEU HD23 H N N 168 
LEU HXT  H N N 169 
LYS N    N N N 170 
LYS CA   C N S 171 
LYS C    C N N 172 
LYS O    O N N 173 
LYS CB   C N N 174 
LYS CG   C N N 175 
LYS CD   C N N 176 
LYS CE   C N N 177 
LYS NZ   N N N 178 
LYS OXT  O N N 179 
LYS H    H N N 180 
LYS H2   H N N 181 
LYS HA   H N N 182 
LYS HB2  H N N 183 
LYS HB3  H N N 184 
LYS HG2  H N N 185 
LYS HG3  H N N 186 
LYS HD2  H N N 187 
LYS HD3  H N N 188 
LYS HE2  H N N 189 
LYS HE3  H N N 190 
LYS HZ1  H N N 191 
LYS HZ2  H N N 192 
LYS HZ3  H N N 193 
LYS HXT  H N N 194 
MET N    N N N 195 
MET CA   C N S 196 
MET C    C N N 197 
MET O    O N N 198 
MET CB   C N N 199 
MET CG   C N N 200 
MET SD   S N N 201 
MET CE   C N N 202 
MET OXT  O N N 203 
MET H    H N N 204 
MET H2   H N N 205 
MET HA   H N N 206 
MET HB2  H N N 207 
MET HB3  H N N 208 
MET HG2  H N N 209 
MET HG3  H N N 210 
MET HE1  H N N 211 
MET HE2  H N N 212 
MET HE3  H N N 213 
MET HXT  H N N 214 
PHE N    N N N 215 
PHE CA   C N S 216 
PHE C    C N N 217 
PHE O    O N N 218 
PHE CB   C N N 219 
PHE CG   C Y N 220 
PHE CD1  C Y N 221 
PHE CD2  C Y N 222 
PHE CE1  C Y N 223 
PHE CE2  C Y N 224 
PHE CZ   C Y N 225 
PHE OXT  O N N 226 
PHE H    H N N 227 
PHE H2   H N N 228 
PHE HA   H N N 229 
PHE HB2  H N N 230 
PHE HB3  H N N 231 
PHE HD1  H N N 232 
PHE HD2  H N N 233 
PHE HE1  H N N 234 
PHE HE2  H N N 235 
PHE HZ   H N N 236 
PHE HXT  H N N 237 
PRO N    N N N 238 
PRO CA   C N S 239 
PRO C    C N N 240 
PRO O    O N N 241 
PRO CB   C N N 242 
PRO CG   C N N 243 
PRO CD   C N N 244 
PRO OXT  O N N 245 
PRO H    H N N 246 
PRO HA   H N N 247 
PRO HB2  H N N 248 
PRO HB3  H N N 249 
PRO HG2  H N N 250 
PRO HG3  H N N 251 
PRO HD2  H N N 252 
PRO HD3  H N N 253 
PRO HXT  H N N 254 
SER N    N N N 255 
SER CA   C N S 256 
SER C    C N N 257 
SER O    O N N 258 
SER CB   C N N 259 
SER OG   O N N 260 
SER OXT  O N N 261 
SER H    H N N 262 
SER H2   H N N 263 
SER HA   H N N 264 
SER HB2  H N N 265 
SER HB3  H N N 266 
SER HG   H N N 267 
SER HXT  H N N 268 
THR N    N N N 269 
THR CA   C N S 270 
THR C    C N N 271 
THR O    O N N 272 
THR CB   C N R 273 
THR OG1  O N N 274 
THR CG2  C N N 275 
THR OXT  O N N 276 
THR H    H N N 277 
THR H2   H N N 278 
THR HA   H N N 279 
THR HB   H N N 280 
THR HG1  H N N 281 
THR HG21 H N N 282 
THR HG22 H N N 283 
THR HG23 H N N 284 
THR HXT  H N N 285 
TRP N    N N N 286 
TRP CA   C N S 287 
TRP C    C N N 288 
TRP O    O N N 289 
TRP CB   C N N 290 
TRP CG   C Y N 291 
TRP CD1  C Y N 292 
TRP CD2  C Y N 293 
TRP NE1  N Y N 294 
TRP CE2  C Y N 295 
TRP CE3  C Y N 296 
TRP CZ2  C Y N 297 
TRP CZ3  C Y N 298 
TRP CH2  C Y N 299 
TRP OXT  O N N 300 
TRP H    H N N 301 
TRP H2   H N N 302 
TRP HA   H N N 303 
TRP HB2  H N N 304 
TRP HB3  H N N 305 
TRP HD1  H N N 306 
TRP HE1  H N N 307 
TRP HE3  H N N 308 
TRP HZ2  H N N 309 
TRP HZ3  H N N 310 
TRP HH2  H N N 311 
TRP HXT  H N N 312 
TYR N    N N N 313 
TYR CA   C N S 314 
TYR C    C N N 315 
TYR O    O N N 316 
TYR CB   C N N 317 
TYR CG   C Y N 318 
TYR CD1  C Y N 319 
TYR CD2  C Y N 320 
TYR CE1  C Y N 321 
TYR CE2  C Y N 322 
TYR CZ   C Y N 323 
TYR OH   O N N 324 
TYR OXT  O N N 325 
TYR H    H N N 326 
TYR H2   H N N 327 
TYR HA   H N N 328 
TYR HB2  H N N 329 
TYR HB3  H N N 330 
TYR HD1  H N N 331 
TYR HD2  H N N 332 
TYR HE1  H N N 333 
TYR HE2  H N N 334 
TYR HH   H N N 335 
TYR HXT  H N N 336 
VAL N    N N N 337 
VAL CA   C N S 338 
VAL C    C N N 339 
VAL O    O N N 340 
VAL CB   C N N 341 
VAL CG1  C N N 342 
VAL CG2  C N N 343 
VAL OXT  O N N 344 
VAL H    H N N 345 
VAL H2   H N N 346 
VAL HA   H N N 347 
VAL HB   H N N 348 
VAL HG11 H N N 349 
VAL HG12 H N N 350 
VAL HG13 H N N 351 
VAL HG21 H N N 352 
VAL HG22 H N N 353 
VAL HG23 H N N 354 
VAL HXT  H N N 355 
# 
loop_
_chem_comp_bond.comp_id 
_chem_comp_bond.atom_id_1 
_chem_comp_bond.atom_id_2 
_chem_comp_bond.value_order 
_chem_comp_bond.pdbx_aromatic_flag 
_chem_comp_bond.pdbx_stereo_config 
_chem_comp_bond.pdbx_ordinal 
ALA N   CA   sing N N 1   
ALA N   H    sing N N 2   
ALA N   H2   sing N N 3   
ALA CA  C    sing N N 4   
ALA CA  CB   sing N N 5   
ALA CA  HA   sing N N 6   
ALA C   O    doub N N 7   
ALA C   OXT  sing N N 8   
ALA CB  HB1  sing N N 9   
ALA CB  HB2  sing N N 10  
ALA CB  HB3  sing N N 11  
ALA OXT HXT  sing N N 12  
ARG N   CA   sing N N 13  
ARG N   H    sing N N 14  
ARG N   H2   sing N N 15  
ARG CA  C    sing N N 16  
ARG CA  CB   sing N N 17  
ARG CA  HA   sing N N 18  
ARG C   O    doub N N 19  
ARG C   OXT  sing N N 20  
ARG CB  CG   sing N N 21  
ARG CB  HB2  sing N N 22  
ARG CB  HB3  sing N N 23  
ARG CG  CD   sing N N 24  
ARG CG  HG2  sing N N 25  
ARG CG  HG3  sing N N 26  
ARG CD  NE   sing N N 27  
ARG CD  HD2  sing N N 28  
ARG CD  HD3  sing N N 29  
ARG NE  CZ   sing N N 30  
ARG NE  HE   sing N N 31  
ARG CZ  NH1  sing N N 32  
ARG CZ  NH2  doub N N 33  
ARG NH1 HH11 sing N N 34  
ARG NH1 HH12 sing N N 35  
ARG NH2 HH21 sing N N 36  
ARG NH2 HH22 sing N N 37  
ARG OXT HXT  sing N N 38  
ASN N   CA   sing N N 39  
ASN N   H    sing N N 40  
ASN N   H2   sing N N 41  
ASN CA  C    sing N N 42  
ASN CA  CB   sing N N 43  
ASN CA  HA   sing N N 44  
ASN C   O    doub N N 45  
ASN C   OXT  sing N N 46  
ASN CB  CG   sing N N 47  
ASN CB  HB2  sing N N 48  
ASN CB  HB3  sing N N 49  
ASN CG  OD1  doub N N 50  
ASN CG  ND2  sing N N 51  
ASN ND2 HD21 sing N N 52  
ASN ND2 HD22 sing N N 53  
ASN OXT HXT  sing N N 54  
ASP N   CA   sing N N 55  
ASP N   H    sing N N 56  
ASP N   H2   sing N N 57  
ASP CA  C    sing N N 58  
ASP CA  CB   sing N N 59  
ASP CA  HA   sing N N 60  
ASP C   O    doub N N 61  
ASP C   OXT  sing N N 62  
ASP CB  CG   sing N N 63  
ASP CB  HB2  sing N N 64  
ASP CB  HB3  sing N N 65  
ASP CG  OD1  doub N N 66  
ASP CG  OD2  sing N N 67  
ASP OD2 HD2  sing N N 68  
ASP OXT HXT  sing N N 69  
GLN N   CA   sing N N 70  
GLN N   H    sing N N 71  
GLN N   H2   sing N N 72  
GLN CA  C    sing N N 73  
GLN CA  CB   sing N N 74  
GLN CA  HA   sing N N 75  
GLN C   O    doub N N 76  
GLN C   OXT  sing N N 77  
GLN CB  CG   sing N N 78  
GLN CB  HB2  sing N N 79  
GLN CB  HB3  sing N N 80  
GLN CG  CD   sing N N 81  
GLN CG  HG2  sing N N 82  
GLN CG  HG3  sing N N 83  
GLN CD  OE1  doub N N 84  
GLN CD  NE2  sing N N 85  
GLN NE2 HE21 sing N N 86  
GLN NE2 HE22 sing N N 87  
GLN OXT HXT  sing N N 88  
GLU N   CA   sing N N 89  
GLU N   H    sing N N 90  
GLU N   H2   sing N N 91  
GLU CA  C    sing N N 92  
GLU CA  CB   sing N N 93  
GLU CA  HA   sing N N 94  
GLU C   O    doub N N 95  
GLU C   OXT  sing N N 96  
GLU CB  CG   sing N N 97  
GLU CB  HB2  sing N N 98  
GLU CB  HB3  sing N N 99  
GLU CG  CD   sing N N 100 
GLU CG  HG2  sing N N 101 
GLU CG  HG3  sing N N 102 
GLU CD  OE1  doub N N 103 
GLU CD  OE2  sing N N 104 
GLU OE2 HE2  sing N N 105 
GLU OXT HXT  sing N N 106 
GLY N   CA   sing N N 107 
GLY N   H    sing N N 108 
GLY N   H2   sing N N 109 
GLY CA  C    sing N N 110 
GLY CA  HA2  sing N N 111 
GLY CA  HA3  sing N N 112 
GLY C   O    doub N N 113 
GLY C   OXT  sing N N 114 
GLY OXT HXT  sing N N 115 
HOH O   H1   sing N N 116 
HOH O   H2   sing N N 117 
ILE N   CA   sing N N 118 
ILE N   H    sing N N 119 
ILE N   H2   sing N N 120 
ILE CA  C    sing N N 121 
ILE CA  CB   sing N N 122 
ILE CA  HA   sing N N 123 
ILE C   O    doub N N 124 
ILE C   OXT  sing N N 125 
ILE CB  CG1  sing N N 126 
ILE CB  CG2  sing N N 127 
ILE CB  HB   sing N N 128 
ILE CG1 CD1  sing N N 129 
ILE CG1 HG12 sing N N 130 
ILE CG1 HG13 sing N N 131 
ILE CG2 HG21 sing N N 132 
ILE CG2 HG22 sing N N 133 
ILE CG2 HG23 sing N N 134 
ILE CD1 HD11 sing N N 135 
ILE CD1 HD12 sing N N 136 
ILE CD1 HD13 sing N N 137 
ILE OXT HXT  sing N N 138 
LEU N   CA   sing N N 139 
LEU N   H    sing N N 140 
LEU N   H2   sing N N 141 
LEU CA  C    sing N N 142 
LEU CA  CB   sing N N 143 
LEU CA  HA   sing N N 144 
LEU C   O    doub N N 145 
LEU C   OXT  sing N N 146 
LEU CB  CG   sing N N 147 
LEU CB  HB2  sing N N 148 
LEU CB  HB3  sing N N 149 
LEU CG  CD1  sing N N 150 
LEU CG  CD2  sing N N 151 
LEU CG  HG   sing N N 152 
LEU CD1 HD11 sing N N 153 
LEU CD1 HD12 sing N N 154 
LEU CD1 HD13 sing N N 155 
LEU CD2 HD21 sing N N 156 
LEU CD2 HD22 sing N N 157 
LEU CD2 HD23 sing N N 158 
LEU OXT HXT  sing N N 159 
LYS N   CA   sing N N 160 
LYS N   H    sing N N 161 
LYS N   H2   sing N N 162 
LYS CA  C    sing N N 163 
LYS CA  CB   sing N N 164 
LYS CA  HA   sing N N 165 
LYS C   O    doub N N 166 
LYS C   OXT  sing N N 167 
LYS CB  CG   sing N N 168 
LYS CB  HB2  sing N N 169 
LYS CB  HB3  sing N N 170 
LYS CG  CD   sing N N 171 
LYS CG  HG2  sing N N 172 
LYS CG  HG3  sing N N 173 
LYS CD  CE   sing N N 174 
LYS CD  HD2  sing N N 175 
LYS CD  HD3  sing N N 176 
LYS CE  NZ   sing N N 177 
LYS CE  HE2  sing N N 178 
LYS CE  HE3  sing N N 179 
LYS NZ  HZ1  sing N N 180 
LYS NZ  HZ2  sing N N 181 
LYS NZ  HZ3  sing N N 182 
LYS OXT HXT  sing N N 183 
MET N   CA   sing N N 184 
MET N   H    sing N N 185 
MET N   H2   sing N N 186 
MET CA  C    sing N N 187 
MET CA  CB   sing N N 188 
MET CA  HA   sing N N 189 
MET C   O    doub N N 190 
MET C   OXT  sing N N 191 
MET CB  CG   sing N N 192 
MET CB  HB2  sing N N 193 
MET CB  HB3  sing N N 194 
MET CG  SD   sing N N 195 
MET CG  HG2  sing N N 196 
MET CG  HG3  sing N N 197 
MET SD  CE   sing N N 198 
MET CE  HE1  sing N N 199 
MET CE  HE2  sing N N 200 
MET CE  HE3  sing N N 201 
MET OXT HXT  sing N N 202 
PHE N   CA   sing N N 203 
PHE N   H    sing N N 204 
PHE N   H2   sing N N 205 
PHE CA  C    sing N N 206 
PHE CA  CB   sing N N 207 
PHE CA  HA   sing N N 208 
PHE C   O    doub N N 209 
PHE C   OXT  sing N N 210 
PHE CB  CG   sing N N 211 
PHE CB  HB2  sing N N 212 
PHE CB  HB3  sing N N 213 
PHE CG  CD1  doub Y N 214 
PHE CG  CD2  sing Y N 215 
PHE CD1 CE1  sing Y N 216 
PHE CD1 HD1  sing N N 217 
PHE CD2 CE2  doub Y N 218 
PHE CD2 HD2  sing N N 219 
PHE CE1 CZ   doub Y N 220 
PHE CE1 HE1  sing N N 221 
PHE CE2 CZ   sing Y N 222 
PHE CE2 HE2  sing N N 223 
PHE CZ  HZ   sing N N 224 
PHE OXT HXT  sing N N 225 
PRO N   CA   sing N N 226 
PRO N   CD   sing N N 227 
PRO N   H    sing N N 228 
PRO CA  C    sing N N 229 
PRO CA  CB   sing N N 230 
PRO CA  HA   sing N N 231 
PRO C   O    doub N N 232 
PRO C   OXT  sing N N 233 
PRO CB  CG   sing N N 234 
PRO CB  HB2  sing N N 235 
PRO CB  HB3  sing N N 236 
PRO CG  CD   sing N N 237 
PRO CG  HG2  sing N N 238 
PRO CG  HG3  sing N N 239 
PRO CD  HD2  sing N N 240 
PRO CD  HD3  sing N N 241 
PRO OXT HXT  sing N N 242 
SER N   CA   sing N N 243 
SER N   H    sing N N 244 
SER N   H2   sing N N 245 
SER CA  C    sing N N 246 
SER CA  CB   sing N N 247 
SER CA  HA   sing N N 248 
SER C   O    doub N N 249 
SER C   OXT  sing N N 250 
SER CB  OG   sing N N 251 
SER CB  HB2  sing N N 252 
SER CB  HB3  sing N N 253 
SER OG  HG   sing N N 254 
SER OXT HXT  sing N N 255 
THR N   CA   sing N N 256 
THR N   H    sing N N 257 
THR N   H2   sing N N 258 
THR CA  C    sing N N 259 
THR CA  CB   sing N N 260 
THR CA  HA   sing N N 261 
THR C   O    doub N N 262 
THR C   OXT  sing N N 263 
THR CB  OG1  sing N N 264 
THR CB  CG2  sing N N 265 
THR CB  HB   sing N N 266 
THR OG1 HG1  sing N N 267 
THR CG2 HG21 sing N N 268 
THR CG2 HG22 sing N N 269 
THR CG2 HG23 sing N N 270 
THR OXT HXT  sing N N 271 
TRP N   CA   sing N N 272 
TRP N   H    sing N N 273 
TRP N   H2   sing N N 274 
TRP CA  C    sing N N 275 
TRP CA  CB   sing N N 276 
TRP CA  HA   sing N N 277 
TRP C   O    doub N N 278 
TRP C   OXT  sing N N 279 
TRP CB  CG   sing N N 280 
TRP CB  HB2  sing N N 281 
TRP CB  HB3  sing N N 282 
TRP CG  CD1  doub Y N 283 
TRP CG  CD2  sing Y N 284 
TRP CD1 NE1  sing Y N 285 
TRP CD1 HD1  sing N N 286 
TRP CD2 CE2  doub Y N 287 
TRP CD2 CE3  sing Y N 288 
TRP NE1 CE2  sing Y N 289 
TRP NE1 HE1  sing N N 290 
TRP CE2 CZ2  sing Y N 291 
TRP CE3 CZ3  doub Y N 292 
TRP CE3 HE3  sing N N 293 
TRP CZ2 CH2  doub Y N 294 
TRP CZ2 HZ2  sing N N 295 
TRP CZ3 CH2  sing Y N 296 
TRP CZ3 HZ3  sing N N 297 
TRP CH2 HH2  sing N N 298 
TRP OXT HXT  sing N N 299 
TYR N   CA   sing N N 300 
TYR N   H    sing N N 301 
TYR N   H2   sing N N 302 
TYR CA  C    sing N N 303 
TYR CA  CB   sing N N 304 
TYR CA  HA   sing N N 305 
TYR C   O    doub N N 306 
TYR C   OXT  sing N N 307 
TYR CB  CG   sing N N 308 
TYR CB  HB2  sing N N 309 
TYR CB  HB3  sing N N 310 
TYR CG  CD1  doub Y N 311 
TYR CG  CD2  sing Y N 312 
TYR CD1 CE1  sing Y N 313 
TYR CD1 HD1  sing N N 314 
TYR CD2 CE2  doub Y N 315 
TYR CD2 HD2  sing N N 316 
TYR CE1 CZ   doub Y N 317 
TYR CE1 HE1  sing N N 318 
TYR CE2 CZ   sing Y N 319 
TYR CE2 HE2  sing N N 320 
TYR CZ  OH   sing N N 321 
TYR OH  HH   sing N N 322 
TYR OXT HXT  sing N N 323 
VAL N   CA   sing N N 324 
VAL N   H    sing N N 325 
VAL N   H2   sing N N 326 
VAL CA  C    sing N N 327 
VAL CA  CB   sing N N 328 
VAL CA  HA   sing N N 329 
VAL C   O    doub N N 330 
VAL C   OXT  sing N N 331 
VAL CB  CG1  sing N N 332 
VAL CB  CG2  sing N N 333 
VAL CB  HB   sing N N 334 
VAL CG1 HG11 sing N N 335 
VAL CG1 HG12 sing N N 336 
VAL CG1 HG13 sing N N 337 
VAL CG2 HG21 sing N N 338 
VAL CG2 HG22 sing N N 339 
VAL CG2 HG23 sing N N 340 
VAL OXT HXT  sing N N 341 
# 
_pdbx_entity_nonpoly.entity_id   2 
_pdbx_entity_nonpoly.name        water 
_pdbx_entity_nonpoly.comp_id     HOH 
# 
_pdbx_initial_refinement_model.id               1 
_pdbx_initial_refinement_model.entity_id_list   ? 
_pdbx_initial_refinement_model.type             'experimental model' 
_pdbx_initial_refinement_model.source_name      PDB 
_pdbx_initial_refinement_model.accession_code   1GRI 
_pdbx_initial_refinement_model.details          ? 
# 
